data_7E26
#
_entry.id   7E26
#
_cell.length_a   1.00
_cell.length_b   1.00
_cell.length_c   1.00
_cell.angle_alpha   90.00
_cell.angle_beta   90.00
_cell.angle_gamma   90.00
#
_symmetry.space_group_name_H-M   'P 1'
#
loop_
_entity.id
_entity.type
_entity.pdbx_description
1 polymer 'Formate-nitrite transporter'
2 water water
#
_entity_poly.entity_id   1
_entity_poly.type   'polypeptide(L)'
_entity_poly.pdbx_seq_one_letter_code
;MPPNNSKYVLDPVSIKSVCGGEESYIRCVEYGKKKAHYSNLNLLAKAILAGMFVGLCAHASGIAGGLFYYHKLREIVGAS
MSVFVYGFTFPIAFMCIICTGSDLFTGNTLAVTMALYEKKVKLLDYLRVMTISLFGNYVGAVSFAFFVSYLSGAFTNVHA
VEKNHFFQFLNDIAEKKVHHTFVECVSLAVGCNIFVCLAVYFVLTLKDGAGYVFSVFFAVYAFAIAGYEHIIANIYTLNI
ALMVNTKITVYQAYIKNLLPTLLGNYIAGAIVLGLPLYFIYKEHYYNFERSKRDNNDAQMKSLSIELRN
;
_entity_poly.pdbx_strand_id   D,A,B,C,E
#
# COMPACT_ATOMS: atom_id res chain seq x y z
N LYS A 7 3.75 25.21 -23.26
CA LYS A 7 4.73 25.20 -22.19
C LYS A 7 4.82 23.81 -21.56
N TYR A 8 5.97 23.17 -21.70
CA TYR A 8 6.17 21.85 -21.17
C TYR A 8 7.18 21.89 -20.08
N VAL A 9 6.96 21.13 -19.04
CA VAL A 9 7.88 21.03 -17.91
C VAL A 9 8.71 19.78 -18.10
N LEU A 10 10.01 19.96 -18.31
CA LEU A 10 10.92 18.84 -18.47
C LEU A 10 11.58 18.43 -17.15
N ASP A 11 12.06 19.41 -16.39
CA ASP A 11 12.63 19.16 -15.08
C ASP A 11 11.85 19.96 -14.05
N PRO A 12 11.08 19.33 -13.18
CA PRO A 12 10.33 20.06 -12.16
C PRO A 12 11.23 20.44 -10.98
N VAL A 13 10.59 21.04 -9.97
CA VAL A 13 11.31 21.54 -8.80
C VAL A 13 11.56 20.38 -7.84
N SER A 14 12.81 20.21 -7.43
CA SER A 14 13.19 19.12 -6.56
C SER A 14 12.80 19.42 -5.12
N ILE A 15 11.97 18.57 -4.52
CA ILE A 15 11.50 18.74 -3.15
C ILE A 15 11.89 17.55 -2.30
N LYS A 16 11.54 17.60 -1.02
CA LYS A 16 11.90 16.57 -0.06
C LYS A 16 10.98 16.69 1.14
N SER A 17 10.35 15.57 1.53
CA SER A 17 9.45 15.58 2.67
C SER A 17 10.01 14.83 3.87
N VAL A 18 11.33 14.69 3.94
CA VAL A 18 12.00 13.96 5.01
C VAL A 18 13.07 14.87 5.61
N CYS A 19 13.65 14.42 6.72
CA CYS A 19 14.68 15.20 7.41
C CYS A 19 15.77 14.25 7.92
N GLY A 20 16.84 14.84 8.42
CA GLY A 20 17.94 14.08 8.98
C GLY A 20 17.70 13.70 10.43
N GLY A 21 18.70 13.04 11.00
CA GLY A 21 18.59 12.62 12.40
C GLY A 21 18.71 13.76 13.38
N GLU A 22 19.52 14.77 13.05
CA GLU A 22 19.67 15.93 13.92
C GLU A 22 18.41 16.76 13.96
N GLU A 23 17.79 16.99 12.80
CA GLU A 23 16.53 17.71 12.75
C GLU A 23 15.40 16.92 13.41
N SER A 24 15.43 15.59 13.31
CA SER A 24 14.44 14.77 14.01
C SER A 24 14.61 14.85 15.51
N TYR A 25 15.85 14.89 16.00
CA TYR A 25 16.08 15.07 17.44
C TYR A 25 15.60 16.44 17.91
N ILE A 26 15.89 17.48 17.13
CA ILE A 26 15.48 18.83 17.52
C ILE A 26 13.96 18.96 17.51
N ARG A 27 13.31 18.36 16.51
CA ARG A 27 11.86 18.31 16.45
C ARG A 27 11.26 17.53 17.62
N CYS A 28 11.90 16.45 18.06
CA CYS A 28 11.40 15.69 19.20
C CYS A 28 11.56 16.44 20.51
N VAL A 29 12.68 17.14 20.71
CA VAL A 29 12.86 17.92 21.93
C VAL A 29 11.89 19.11 21.95
N GLU A 30 11.67 19.76 20.81
CA GLU A 30 10.71 20.85 20.76
C GLU A 30 9.27 20.36 20.88
N TYR A 31 9.01 19.12 20.47
CA TYR A 31 7.69 18.54 20.64
C TYR A 31 7.41 18.19 22.09
N GLY A 32 8.40 17.61 22.78
CA GLY A 32 8.24 17.34 24.20
C GLY A 32 8.28 18.56 25.09
N LYS A 33 8.87 19.65 24.62
CA LYS A 33 8.89 20.88 25.40
C LYS A 33 7.52 21.55 25.43
N LYS A 34 6.69 21.34 24.41
CA LYS A 34 5.40 21.99 24.35
C LYS A 34 4.37 21.40 25.31
N LYS A 35 4.55 20.13 25.70
CA LYS A 35 3.61 19.48 26.61
C LYS A 35 3.64 20.06 28.01
N ALA A 36 4.76 20.66 28.42
CA ALA A 36 4.86 21.27 29.73
C ALA A 36 4.27 22.66 29.79
N HIS A 37 3.81 23.20 28.66
CA HIS A 37 3.26 24.55 28.61
C HIS A 37 1.74 24.57 28.49
N TYR A 38 1.10 23.44 28.27
CA TYR A 38 -0.35 23.36 28.31
C TYR A 38 -0.85 23.55 29.74
N SER A 39 -2.12 23.89 29.87
CA SER A 39 -2.72 23.88 31.18
C SER A 39 -3.04 22.46 31.60
N ASN A 40 -3.46 22.30 32.87
CA ASN A 40 -3.71 20.97 33.40
C ASN A 40 -4.95 20.34 32.79
N LEU A 41 -6.00 21.13 32.59
CA LEU A 41 -7.22 20.61 32.01
C LEU A 41 -7.09 20.33 30.51
N ASN A 42 -6.26 21.11 29.82
CA ASN A 42 -6.01 20.87 28.40
C ASN A 42 -5.25 19.56 28.19
N LEU A 43 -4.19 19.36 28.97
CA LEU A 43 -3.42 18.11 28.91
C LEU A 43 -4.26 16.92 29.37
N LEU A 44 -5.12 17.12 30.37
CA LEU A 44 -6.00 16.06 30.85
C LEU A 44 -7.02 15.65 29.80
N ALA A 45 -7.62 16.62 29.11
CA ALA A 45 -8.58 16.31 28.05
C ALA A 45 -7.92 15.63 26.87
N LYS A 46 -6.70 16.04 26.50
CA LYS A 46 -5.98 15.36 25.43
C LYS A 46 -5.60 13.93 25.81
N ALA A 47 -5.22 13.70 27.06
CA ALA A 47 -4.93 12.35 27.53
C ALA A 47 -6.17 11.45 27.56
N ILE A 48 -7.31 11.99 27.97
CA ILE A 48 -8.55 11.23 27.98
C ILE A 48 -8.98 10.86 26.56
N LEU A 49 -8.81 11.80 25.61
CA LEU A 49 -9.10 11.50 24.21
C LEU A 49 -8.17 10.43 23.64
N ALA A 50 -6.89 10.46 24.01
CA ALA A 50 -5.96 9.44 23.52
C ALA A 50 -6.27 8.05 24.07
N GLY A 51 -6.63 7.96 25.36
CA GLY A 51 -7.07 6.68 25.91
C GLY A 51 -8.34 6.17 25.26
N MET A 52 -9.27 7.07 24.94
CA MET A 52 -10.49 6.69 24.24
C MET A 52 -10.21 6.16 22.83
N PHE A 53 -9.25 6.77 22.11
CA PHE A 53 -8.90 6.28 20.78
C PHE A 53 -8.24 4.91 20.84
N VAL A 54 -7.39 4.69 21.85
CA VAL A 54 -6.75 3.39 22.04
C VAL A 54 -7.80 2.31 22.31
N GLY A 55 -8.76 2.60 23.20
CA GLY A 55 -9.87 1.69 23.44
C GLY A 55 -10.75 1.43 22.24
N LEU A 56 -10.99 2.45 21.42
CA LEU A 56 -11.77 2.32 20.19
C LEU A 56 -11.15 1.33 19.21
N CYS A 57 -9.89 1.56 18.87
CA CYS A 57 -9.27 0.68 17.90
C CYS A 57 -8.89 -0.67 18.47
N ALA A 58 -8.77 -0.80 19.79
CA ALA A 58 -8.58 -2.12 20.37
C ALA A 58 -9.87 -2.93 20.43
N HIS A 59 -11.02 -2.28 20.61
CA HIS A 59 -12.31 -2.96 20.43
C HIS A 59 -12.47 -3.46 19.00
N ALA A 60 -12.15 -2.60 18.03
CA ALA A 60 -12.24 -2.99 16.62
C ALA A 60 -11.29 -4.15 16.28
N SER A 61 -10.07 -4.11 16.83
CA SER A 61 -9.11 -5.18 16.60
C SER A 61 -9.51 -6.47 17.30
N GLY A 62 -10.13 -6.39 18.47
CA GLY A 62 -10.60 -7.60 19.14
C GLY A 62 -11.72 -8.27 18.40
N ILE A 63 -12.64 -7.49 17.82
CA ILE A 63 -13.69 -8.10 17.00
C ILE A 63 -13.12 -8.69 15.72
N ALA A 64 -12.20 -7.97 15.06
CA ALA A 64 -11.56 -8.47 13.84
C ALA A 64 -10.71 -9.71 14.08
N GLY A 65 -10.11 -9.84 15.27
CA GLY A 65 -9.34 -11.02 15.59
C GLY A 65 -10.18 -12.18 16.06
N GLY A 66 -11.29 -11.90 16.75
CA GLY A 66 -12.21 -12.96 17.13
C GLY A 66 -13.04 -13.50 15.99
N LEU A 67 -13.14 -12.76 14.88
CA LEU A 67 -13.75 -13.33 13.69
C LEU A 67 -12.91 -14.47 13.13
N PHE A 68 -11.60 -14.30 13.08
CA PHE A 68 -10.69 -15.31 12.56
C PHE A 68 -10.30 -16.34 13.61
N TYR A 69 -10.90 -16.28 14.79
CA TYR A 69 -10.68 -17.25 15.86
C TYR A 69 -11.81 -18.26 15.91
N TYR A 70 -12.51 -18.44 14.79
CA TYR A 70 -13.60 -19.40 14.68
C TYR A 70 -13.08 -20.81 14.91
N HIS A 71 -13.89 -21.64 15.57
CA HIS A 71 -13.40 -22.87 16.17
C HIS A 71 -13.00 -23.92 15.14
N LYS A 72 -13.48 -23.83 13.91
CA LYS A 72 -13.03 -24.73 12.86
C LYS A 72 -11.78 -24.22 12.15
N LEU A 73 -11.62 -22.91 12.07
CA LEU A 73 -10.40 -22.32 11.55
C LEU A 73 -9.27 -22.39 12.58
N ARG A 74 -9.62 -22.30 13.86
CA ARG A 74 -8.65 -22.37 14.95
C ARG A 74 -7.99 -23.75 15.03
N GLU A 75 -8.67 -24.80 14.55
CA GLU A 75 -8.10 -26.14 14.58
C GLU A 75 -7.00 -26.33 13.56
N ILE A 76 -6.97 -25.51 12.51
CA ILE A 76 -5.99 -25.65 11.44
C ILE A 76 -4.84 -24.67 11.61
N VAL A 77 -5.14 -23.39 11.80
CA VAL A 77 -4.11 -22.37 11.83
C VAL A 77 -3.74 -21.92 13.23
N GLY A 78 -4.45 -22.39 14.25
CA GLY A 78 -4.17 -21.93 15.60
C GLY A 78 -4.67 -20.51 15.80
N ALA A 79 -3.82 -19.67 16.39
CA ALA A 79 -4.13 -18.28 16.62
C ALA A 79 -3.37 -17.34 15.70
N SER A 80 -2.92 -17.82 14.55
CA SER A 80 -2.03 -17.03 13.71
C SER A 80 -2.78 -15.92 12.98
N MET A 81 -3.88 -16.27 12.30
CA MET A 81 -4.66 -15.30 11.56
C MET A 81 -5.38 -14.32 12.46
N SER A 82 -5.74 -14.74 13.68
CA SER A 82 -6.34 -13.82 14.65
C SER A 82 -5.38 -12.73 15.06
N VAL A 83 -4.13 -13.08 15.38
CA VAL A 83 -3.13 -12.10 15.78
C VAL A 83 -2.72 -11.24 14.59
N PHE A 84 -2.69 -11.81 13.38
CA PHE A 84 -2.37 -11.01 12.20
C PHE A 84 -3.46 -9.98 11.90
N VAL A 85 -4.74 -10.36 12.00
CA VAL A 85 -5.79 -9.40 11.70
C VAL A 85 -5.94 -8.38 12.83
N TYR A 86 -5.61 -8.77 14.07
CA TYR A 86 -5.51 -7.81 15.17
C TYR A 86 -4.43 -6.76 14.89
N GLY A 87 -3.23 -7.20 14.51
CA GLY A 87 -2.16 -6.28 14.21
C GLY A 87 -2.37 -5.47 12.95
N PHE A 88 -3.19 -5.97 12.03
CA PHE A 88 -3.58 -5.19 10.87
C PHE A 88 -4.60 -4.11 11.23
N THR A 89 -5.53 -4.41 12.14
CA THR A 89 -6.61 -3.48 12.45
C THR A 89 -6.16 -2.40 13.43
N PHE A 90 -5.22 -2.73 14.31
CA PHE A 90 -4.87 -1.80 15.39
C PHE A 90 -4.21 -0.46 15.04
N PRO A 91 -3.24 -0.33 14.12
CA PRO A 91 -2.41 0.90 14.09
C PRO A 91 -3.10 2.21 13.71
N ILE A 92 -4.40 2.24 13.45
CA ILE A 92 -5.07 3.51 13.14
C ILE A 92 -5.30 4.35 14.40
N ALA A 93 -5.15 3.76 15.58
CA ALA A 93 -5.31 4.48 16.84
C ALA A 93 -4.30 5.59 17.00
N PHE A 94 -3.10 5.37 16.51
CA PHE A 94 -2.03 6.30 16.59
C PHE A 94 -2.20 7.42 15.68
N MET A 95 -2.77 7.19 14.54
CA MET A 95 -3.18 8.25 13.63
C MET A 95 -4.29 9.10 14.21
N CYS A 96 -5.27 8.47 14.86
CA CYS A 96 -6.34 9.21 15.54
C CYS A 96 -5.79 10.07 16.67
N ILE A 97 -4.76 9.59 17.37
CA ILE A 97 -4.13 10.37 18.44
C ILE A 97 -3.33 11.54 17.88
N ILE A 98 -2.57 11.30 16.80
CA ILE A 98 -1.71 12.35 16.26
C ILE A 98 -2.52 13.45 15.58
N CYS A 99 -3.51 13.08 14.76
CA CYS A 99 -4.21 14.08 13.95
C CYS A 99 -5.12 14.99 14.77
N THR A 100 -5.56 14.57 15.95
CA THR A 100 -6.30 15.46 16.84
C THR A 100 -5.42 16.21 17.81
N GLY A 101 -4.14 15.84 17.93
CA GLY A 101 -3.27 16.50 18.88
C GLY A 101 -3.33 15.98 20.30
N SER A 102 -3.81 14.76 20.49
CA SER A 102 -3.88 14.14 21.79
C SER A 102 -2.50 13.61 22.21
N ASP A 103 -2.32 13.39 23.51
CA ASP A 103 -1.04 12.91 24.02
C ASP A 103 -1.19 11.56 24.70
N LEU A 104 -0.31 10.64 24.33
CA LEU A 104 -0.20 9.33 24.95
C LEU A 104 1.01 9.31 25.87
N PHE A 105 0.92 8.50 26.93
CA PHE A 105 2.00 8.43 27.91
C PHE A 105 3.25 7.81 27.32
N THR A 106 3.09 6.77 26.52
CA THR A 106 4.22 6.05 25.95
C THR A 106 4.95 6.85 24.89
N GLY A 107 4.25 7.74 24.19
CA GLY A 107 4.95 8.67 23.32
C GLY A 107 5.68 9.74 24.09
N ASN A 108 5.10 10.19 25.20
CA ASN A 108 5.70 11.22 26.04
C ASN A 108 6.96 10.76 26.76
N THR A 109 7.09 9.46 27.04
CA THR A 109 8.26 8.94 27.75
C THR A 109 9.57 9.17 27.02
N LEU A 110 9.55 9.36 25.71
CA LEU A 110 10.74 9.74 24.96
C LEU A 110 10.91 11.25 24.88
N ALA A 111 9.88 11.95 24.40
CA ALA A 111 10.00 13.36 24.05
C ALA A 111 10.12 14.27 25.27
N VAL A 112 9.27 14.05 26.28
CA VAL A 112 9.30 14.92 27.46
C VAL A 112 10.55 14.61 28.30
N THR A 113 11.03 13.38 28.27
CA THR A 113 12.27 13.05 28.96
C THR A 113 13.48 13.63 28.24
N MET A 114 13.44 13.67 26.90
CA MET A 114 14.50 14.33 26.14
C MET A 114 14.54 15.83 26.42
N ALA A 115 13.36 16.46 26.52
CA ALA A 115 13.31 17.86 26.91
C ALA A 115 13.72 18.07 28.36
N LEU A 116 13.56 17.06 29.21
CA LEU A 116 14.08 17.14 30.57
C LEU A 116 15.60 17.08 30.59
N TYR A 117 16.19 16.24 29.72
CA TYR A 117 17.65 16.10 29.66
C TYR A 117 18.30 17.38 29.13
N GLU A 118 17.63 18.08 28.23
CA GLU A 118 18.15 19.30 27.63
C GLU A 118 17.84 20.55 28.44
N LYS A 119 17.40 20.38 29.69
CA LYS A 119 17.06 21.46 30.62
C LYS A 119 15.95 22.37 30.09
N LYS A 120 15.05 21.82 29.30
CA LYS A 120 13.92 22.58 28.78
C LYS A 120 12.67 22.44 29.63
N VAL A 121 12.55 21.35 30.38
CA VAL A 121 11.45 21.09 31.29
C VAL A 121 12.05 20.95 32.68
N LYS A 122 11.41 21.55 33.68
CA LYS A 122 11.84 21.36 35.06
C LYS A 122 11.40 19.98 35.56
N LEU A 123 11.82 19.66 36.78
CA LEU A 123 11.54 18.32 37.30
C LEU A 123 10.10 18.18 37.75
N LEU A 124 9.57 19.18 38.45
CA LEU A 124 8.17 19.12 38.89
C LEU A 124 7.20 19.21 37.72
N ASP A 125 7.54 20.00 36.69
CA ASP A 125 6.75 20.01 35.47
C ASP A 125 6.79 18.66 34.76
N TYR A 126 7.92 17.97 34.80
CA TYR A 126 8.03 16.63 34.22
C TYR A 126 7.12 15.64 34.93
N LEU A 127 7.18 15.62 36.27
CA LEU A 127 6.33 14.72 37.04
C LEU A 127 4.86 15.05 36.88
N ARG A 128 4.52 16.33 36.80
CA ARG A 128 3.14 16.76 36.59
C ARG A 128 2.60 16.32 35.23
N VAL A 129 3.40 16.50 34.17
CA VAL A 129 2.98 16.12 32.83
C VAL A 129 2.81 14.60 32.72
N MET A 130 3.76 13.84 33.27
CA MET A 130 3.67 12.38 33.17
C MET A 130 2.52 11.82 34.00
N THR A 131 2.27 12.37 35.19
CA THR A 131 1.17 11.92 36.03
C THR A 131 -0.18 12.22 35.40
N ILE A 132 -0.36 13.44 34.87
CA ILE A 132 -1.63 13.83 34.27
C ILE A 132 -1.88 13.02 32.99
N SER A 133 -0.82 12.76 32.22
CA SER A 133 -0.97 11.97 31.00
C SER A 133 -1.34 10.52 31.28
N LEU A 134 -0.70 9.90 32.28
CA LEU A 134 -1.02 8.52 32.63
C LEU A 134 -2.43 8.39 33.21
N PHE A 135 -2.82 9.33 34.08
CA PHE A 135 -4.16 9.28 34.68
C PHE A 135 -5.24 9.50 33.64
N GLY A 136 -5.04 10.44 32.71
CA GLY A 136 -6.03 10.66 31.68
C GLY A 136 -6.15 9.52 30.70
N ASN A 137 -5.02 8.89 30.37
CA ASN A 137 -5.05 7.72 29.49
C ASN A 137 -5.79 6.55 30.14
N TYR A 138 -5.56 6.33 31.44
CA TYR A 138 -6.30 5.32 32.18
C TYR A 138 -7.80 5.61 32.19
N VAL A 139 -8.19 6.86 32.46
CA VAL A 139 -9.60 7.21 32.55
C VAL A 139 -10.29 7.04 31.20
N GLY A 140 -9.63 7.48 30.10
CA GLY A 140 -10.20 7.30 28.78
C GLY A 140 -10.33 5.86 28.35
N ALA A 141 -9.32 5.03 28.63
CA ALA A 141 -9.40 3.61 28.26
C ALA A 141 -10.43 2.84 29.05
N VAL A 142 -10.53 3.06 30.37
CA VAL A 142 -11.54 2.36 31.15
C VAL A 142 -12.94 2.89 30.83
N SER A 143 -13.08 4.18 30.48
CA SER A 143 -14.37 4.72 30.09
C SER A 143 -14.85 4.15 28.77
N PHE A 144 -13.94 3.95 27.82
CA PHE A 144 -14.36 3.28 26.59
C PHE A 144 -14.63 1.79 26.82
N ALA A 145 -13.88 1.15 27.71
CA ALA A 145 -14.12 -0.27 28.00
C ALA A 145 -15.47 -0.49 28.65
N PHE A 146 -15.96 0.48 29.43
CA PHE A 146 -17.30 0.29 29.99
C PHE A 146 -18.39 0.76 29.05
N PHE A 147 -18.31 2.00 28.56
CA PHE A 147 -19.46 2.61 27.92
C PHE A 147 -19.72 2.12 26.51
N VAL A 148 -18.73 1.55 25.84
CA VAL A 148 -18.91 1.02 24.50
C VAL A 148 -18.71 -0.49 24.46
N SER A 149 -17.58 -0.97 24.99
CA SER A 149 -17.24 -2.39 24.85
C SER A 149 -18.12 -3.28 25.73
N TYR A 150 -18.38 -2.86 26.96
CA TYR A 150 -19.18 -3.69 27.84
C TYR A 150 -20.67 -3.54 27.55
N LEU A 151 -21.11 -2.32 27.26
CA LEU A 151 -22.54 -2.06 27.10
C LEU A 151 -23.09 -2.55 25.77
N SER A 152 -22.23 -2.88 24.80
CA SER A 152 -22.70 -3.40 23.53
C SER A 152 -22.82 -4.92 23.51
N GLY A 153 -22.27 -5.61 24.49
CA GLY A 153 -22.37 -7.06 24.54
C GLY A 153 -21.57 -7.79 23.49
N ALA A 154 -20.50 -7.18 22.98
CA ALA A 154 -19.74 -7.79 21.90
C ALA A 154 -18.87 -8.94 22.36
N PHE A 155 -18.39 -8.92 23.60
CA PHE A 155 -17.51 -9.94 24.14
C PHE A 155 -18.18 -10.74 25.26
N THR A 156 -19.50 -10.94 25.16
CA THR A 156 -20.22 -11.70 26.16
C THR A 156 -19.98 -13.20 25.95
N ASN A 157 -19.78 -13.92 27.05
CA ASN A 157 -19.72 -15.38 27.01
C ASN A 157 -21.08 -15.93 26.64
N VAL A 158 -21.20 -16.49 25.44
CA VAL A 158 -22.46 -17.05 24.96
C VAL A 158 -22.47 -18.57 24.99
N HIS A 159 -21.39 -19.19 25.45
CA HIS A 159 -21.29 -20.59 25.89
C HIS A 159 -21.36 -21.63 24.78
N ALA A 160 -21.65 -21.23 23.55
CA ALA A 160 -21.71 -22.15 22.42
C ALA A 160 -20.46 -21.97 21.59
N VAL A 161 -19.75 -23.07 21.33
CA VAL A 161 -18.41 -23.02 20.75
C VAL A 161 -18.39 -22.48 19.32
N GLU A 162 -19.51 -22.59 18.59
CA GLU A 162 -19.58 -22.02 17.26
C GLU A 162 -19.87 -20.53 17.26
N LYS A 163 -20.24 -19.96 18.41
CA LYS A 163 -20.53 -18.54 18.52
C LYS A 163 -19.66 -17.78 19.50
N ASN A 164 -18.88 -18.47 20.33
CA ASN A 164 -18.16 -17.85 21.44
C ASN A 164 -16.75 -17.42 21.06
N HIS A 165 -16.47 -17.19 19.79
CA HIS A 165 -15.11 -16.94 19.36
C HIS A 165 -14.63 -15.51 19.57
N PHE A 166 -15.48 -14.61 20.05
CA PHE A 166 -15.02 -13.30 20.48
C PHE A 166 -14.61 -13.29 21.95
N PHE A 167 -15.46 -13.86 22.80
CA PHE A 167 -15.11 -14.05 24.20
C PHE A 167 -13.90 -14.95 24.34
N GLN A 168 -13.79 -16.00 23.52
CA GLN A 168 -12.67 -16.92 23.66
C GLN A 168 -11.37 -16.29 23.22
N PHE A 169 -11.40 -15.43 22.19
CA PHE A 169 -10.20 -14.71 21.80
C PHE A 169 -9.79 -13.72 22.87
N LEU A 170 -10.75 -12.98 23.45
CA LEU A 170 -10.43 -12.08 24.55
C LEU A 170 -9.92 -12.82 25.77
N ASN A 171 -10.50 -13.98 26.08
CA ASN A 171 -10.10 -14.79 27.22
C ASN A 171 -8.68 -15.33 27.05
N ASP A 172 -8.37 -15.86 25.87
CA ASP A 172 -7.05 -16.43 25.64
C ASP A 172 -5.97 -15.36 25.52
N ILE A 173 -6.30 -14.20 24.96
CA ILE A 173 -5.33 -13.09 24.92
C ILE A 173 -5.08 -12.56 26.32
N ALA A 174 -6.13 -12.39 27.12
CA ALA A 174 -5.97 -11.89 28.48
C ALA A 174 -5.34 -12.92 29.41
N GLU A 175 -5.44 -14.20 29.09
CA GLU A 175 -4.74 -15.22 29.87
C GLU A 175 -3.29 -15.36 29.48
N LYS A 176 -2.97 -15.11 28.21
CA LYS A 176 -1.59 -15.20 27.75
C LYS A 176 -0.74 -14.08 28.32
N LYS A 177 -1.25 -12.86 28.38
CA LYS A 177 -0.49 -11.71 28.85
C LYS A 177 -0.57 -11.52 30.35
N VAL A 178 -1.12 -12.46 31.10
CA VAL A 178 -1.18 -12.28 32.54
C VAL A 178 -0.39 -13.39 33.23
N HIS A 179 0.22 -14.25 32.42
CA HIS A 179 1.02 -15.35 32.95
C HIS A 179 2.53 -15.23 32.90
N HIS A 180 3.05 -14.07 32.51
CA HIS A 180 4.47 -13.83 32.47
C HIS A 180 5.03 -13.67 33.87
N THR A 181 6.33 -13.79 34.01
CA THR A 181 7.00 -13.54 35.28
C THR A 181 7.29 -12.05 35.24
N PHE A 182 7.83 -11.47 36.29
CA PHE A 182 8.10 -10.04 36.32
C PHE A 182 9.07 -9.64 35.22
N VAL A 183 10.18 -10.38 35.08
CA VAL A 183 11.25 -10.04 34.15
C VAL A 183 10.79 -10.20 32.71
N GLU A 184 9.97 -11.20 32.42
CA GLU A 184 9.45 -11.41 31.09
C GLU A 184 8.52 -10.28 30.65
N CYS A 185 7.64 -9.83 31.55
CA CYS A 185 6.75 -8.73 31.23
C CYS A 185 7.50 -7.41 31.08
N VAL A 186 8.55 -7.19 31.89
CA VAL A 186 9.37 -6.00 31.74
C VAL A 186 10.10 -6.00 30.40
N SER A 187 10.62 -7.16 29.97
CA SER A 187 11.33 -7.25 28.70
C SER A 187 10.40 -7.04 27.51
N LEU A 188 9.20 -7.63 27.57
CA LEU A 188 8.23 -7.42 26.49
C LEU A 188 7.71 -5.99 26.45
N ALA A 189 7.58 -5.33 27.60
CA ALA A 189 7.21 -3.92 27.61
C ALA A 189 8.30 -3.01 27.07
N VAL A 190 9.57 -3.34 27.33
CA VAL A 190 10.68 -2.60 26.73
C VAL A 190 10.64 -2.72 25.21
N GLY A 191 10.47 -3.94 24.71
CA GLY A 191 10.31 -4.14 23.28
C GLY A 191 9.12 -3.45 22.66
N CYS A 192 8.04 -3.28 23.42
CA CYS A 192 6.89 -2.52 22.92
C CYS A 192 7.20 -1.03 22.81
N ASN A 193 7.73 -0.44 23.88
CA ASN A 193 7.85 1.01 23.87
C ASN A 193 8.99 1.49 22.98
N ILE A 194 9.94 0.63 22.62
CA ILE A 194 10.88 1.02 21.58
C ILE A 194 10.16 1.26 20.24
N PHE A 195 9.25 0.35 19.86
CA PHE A 195 8.42 0.56 18.66
C PHE A 195 7.52 1.78 18.77
N VAL A 196 6.93 2.03 19.95
CA VAL A 196 6.00 3.16 20.07
C VAL A 196 6.73 4.49 19.98
N CYS A 197 7.89 4.62 20.66
CA CYS A 197 8.69 5.82 20.56
C CYS A 197 9.28 6.01 19.17
N LEU A 198 9.63 4.92 18.48
CA LEU A 198 10.07 5.05 17.09
C LEU A 198 8.93 5.46 16.16
N ALA A 199 7.69 5.09 16.48
CA ALA A 199 6.55 5.58 15.69
C ALA A 199 6.33 7.07 15.89
N VAL A 200 6.53 7.56 17.11
CA VAL A 200 6.49 9.01 17.36
C VAL A 200 7.60 9.72 16.58
N TYR A 201 8.79 9.12 16.54
CA TYR A 201 9.92 9.65 15.79
C TYR A 201 9.63 9.65 14.28
N PHE A 202 8.91 8.65 13.79
CA PHE A 202 8.49 8.59 12.39
C PHE A 202 7.51 9.70 12.06
N VAL A 203 6.58 10.00 12.97
CA VAL A 203 5.68 11.15 12.78
C VAL A 203 6.46 12.45 12.73
N LEU A 204 7.48 12.59 13.57
CA LEU A 204 8.28 13.82 13.54
C LEU A 204 9.20 13.91 12.34
N THR A 205 9.53 12.79 11.68
CA THR A 205 10.47 12.80 10.57
C THR A 205 9.81 12.86 9.20
N LEU A 206 8.91 11.94 8.89
CA LEU A 206 8.32 11.84 7.55
C LEU A 206 7.06 12.68 7.51
N LYS A 207 7.17 13.87 6.92
CA LYS A 207 6.10 14.87 6.96
C LYS A 207 5.18 14.82 5.75
N ASP A 208 4.63 13.66 5.44
CA ASP A 208 3.62 13.54 4.39
C ASP A 208 2.63 12.45 4.80
N GLY A 209 1.65 12.20 3.94
CA GLY A 209 0.54 11.34 4.33
C GLY A 209 0.90 9.88 4.37
N ALA A 210 1.65 9.39 3.38
CA ALA A 210 2.10 8.00 3.39
C ALA A 210 3.14 7.77 4.48
N GLY A 211 4.00 8.76 4.73
CA GLY A 211 4.94 8.65 5.83
C GLY A 211 4.27 8.64 7.19
N TYR A 212 3.14 9.34 7.33
CA TYR A 212 2.37 9.19 8.56
C TYR A 212 1.72 7.83 8.65
N VAL A 213 1.03 7.40 7.58
CA VAL A 213 0.17 6.23 7.69
C VAL A 213 0.99 4.95 7.80
N PHE A 214 1.91 4.71 6.86
CA PHE A 214 2.44 3.37 6.71
C PHE A 214 3.65 3.07 7.58
N SER A 215 4.47 4.06 7.93
CA SER A 215 5.53 3.83 8.90
C SER A 215 4.96 3.50 10.27
N VAL A 216 3.94 4.24 10.71
CA VAL A 216 3.24 3.96 11.95
C VAL A 216 2.49 2.63 11.86
N PHE A 217 1.95 2.29 10.67
CA PHE A 217 1.27 1.02 10.48
C PHE A 217 2.21 -0.15 10.70
N PHE A 218 3.37 -0.14 10.03
CA PHE A 218 4.32 -1.23 10.18
C PHE A 218 4.93 -1.30 11.57
N ALA A 219 5.22 -0.14 12.19
CA ALA A 219 5.75 -0.13 13.55
C ALA A 219 4.77 -0.62 14.60
N VAL A 220 3.48 -0.34 14.44
CA VAL A 220 2.52 -0.75 15.46
C VAL A 220 2.05 -2.19 15.20
N TYR A 221 1.92 -2.60 13.94
CA TYR A 221 1.68 -4.00 13.61
C TYR A 221 2.81 -4.90 14.11
N ALA A 222 4.04 -4.40 14.07
CA ALA A 222 5.19 -5.21 14.48
C ALA A 222 5.19 -5.51 15.97
N PHE A 223 4.70 -4.60 16.83
CA PHE A 223 4.62 -5.02 18.22
C PHE A 223 3.28 -5.66 18.55
N ALA A 224 2.23 -5.41 17.75
CA ALA A 224 0.97 -6.07 18.00
C ALA A 224 1.03 -7.56 17.66
N ILE A 225 1.88 -7.94 16.70
CA ILE A 225 2.04 -9.35 16.38
C ILE A 225 3.16 -10.03 17.18
N ALA A 226 4.03 -9.25 17.83
CA ALA A 226 5.14 -9.84 18.57
C ALA A 226 4.80 -10.22 19.99
N GLY A 227 3.60 -9.89 20.48
CA GLY A 227 3.30 -10.14 21.87
C GLY A 227 3.94 -9.17 22.83
N TYR A 228 4.34 -8.00 22.35
CA TYR A 228 4.90 -6.96 23.20
C TYR A 228 3.78 -6.26 23.96
N GLU A 229 4.13 -5.67 25.11
CA GLU A 229 3.15 -5.22 26.10
C GLU A 229 3.08 -3.69 26.15
N HIS A 230 1.94 -3.14 25.73
CA HIS A 230 1.66 -1.71 25.79
C HIS A 230 0.77 -1.43 26.99
N ILE A 231 1.08 -0.37 27.74
CA ILE A 231 0.41 -0.16 29.02
C ILE A 231 -1.04 0.30 28.82
N ILE A 232 -1.30 1.12 27.81
CA ILE A 232 -2.65 1.65 27.64
C ILE A 232 -3.57 0.62 26.99
N ALA A 233 -3.04 -0.13 26.02
CA ALA A 233 -3.79 -1.24 25.43
C ALA A 233 -4.07 -2.33 26.44
N ASN A 234 -3.13 -2.59 27.36
CA ASN A 234 -3.40 -3.53 28.44
C ASN A 234 -4.40 -3.00 29.46
N ILE A 235 -4.40 -1.68 29.71
CA ILE A 235 -5.39 -1.06 30.59
C ILE A 235 -6.79 -1.25 30.02
N TYR A 236 -6.93 -1.11 28.69
CA TYR A 236 -8.21 -1.42 28.06
C TYR A 236 -8.54 -2.91 28.15
N THR A 237 -7.60 -3.76 27.74
CA THR A 237 -7.88 -5.18 27.50
C THR A 237 -8.14 -5.93 28.78
N LEU A 238 -7.34 -5.71 29.82
CA LEU A 238 -7.54 -6.42 31.07
C LEU A 238 -8.78 -5.94 31.80
N ASN A 239 -9.17 -4.69 31.64
CA ASN A 239 -10.40 -4.22 32.26
C ASN A 239 -11.65 -4.70 31.55
N ILE A 240 -11.64 -4.77 30.22
CA ILE A 240 -12.79 -5.35 29.53
C ILE A 240 -12.82 -6.86 29.75
N ALA A 241 -11.67 -7.51 29.95
CA ALA A 241 -11.65 -8.92 30.30
C ALA A 241 -12.14 -9.17 31.72
N LEU A 242 -11.94 -8.23 32.63
CA LEU A 242 -12.54 -8.34 33.95
C LEU A 242 -14.03 -8.05 33.92
N MET A 243 -14.48 -7.21 32.99
CA MET A 243 -15.90 -6.86 32.93
C MET A 243 -16.76 -8.01 32.41
N VAL A 244 -16.28 -8.76 31.41
CA VAL A 244 -17.08 -9.80 30.79
C VAL A 244 -16.80 -11.15 31.42
N ASN A 245 -16.08 -11.14 32.54
CA ASN A 245 -15.83 -12.30 33.41
C ASN A 245 -15.08 -13.41 32.67
N THR A 246 -13.85 -13.09 32.31
CA THR A 246 -12.89 -14.09 31.84
C THR A 246 -12.25 -14.77 33.04
N LYS A 247 -11.20 -15.55 32.81
CA LYS A 247 -10.62 -16.32 33.90
C LYS A 247 -9.63 -15.54 34.76
N ILE A 248 -9.22 -14.35 34.34
CA ILE A 248 -8.23 -13.60 35.11
C ILE A 248 -8.91 -12.92 36.30
N THR A 249 -8.07 -12.55 37.27
CA THR A 249 -8.52 -11.82 38.46
C THR A 249 -7.96 -10.41 38.43
N VAL A 250 -8.32 -9.61 39.44
CA VAL A 250 -7.89 -8.23 39.45
C VAL A 250 -6.45 -8.11 39.98
N TYR A 251 -6.01 -9.05 40.82
CA TYR A 251 -4.62 -9.09 41.25
C TYR A 251 -3.71 -9.48 40.10
N GLN A 252 -4.14 -10.45 39.29
CA GLN A 252 -3.38 -10.84 38.12
C GLN A 252 -3.34 -9.73 37.10
N ALA A 253 -4.44 -8.98 36.95
CA ALA A 253 -4.48 -7.91 35.97
C ALA A 253 -3.59 -6.74 36.38
N TYR A 254 -3.64 -6.35 37.65
CA TYR A 254 -2.96 -5.12 38.02
C TYR A 254 -1.52 -5.33 38.51
N ILE A 255 -1.26 -6.42 39.21
CA ILE A 255 0.08 -6.65 39.75
C ILE A 255 0.93 -7.48 38.79
N LYS A 256 0.36 -8.49 38.14
CA LYS A 256 1.15 -9.38 37.30
C LYS A 256 1.32 -8.88 35.87
N ASN A 257 0.54 -7.90 35.44
CA ASN A 257 0.75 -7.34 34.10
C ASN A 257 0.99 -5.85 34.09
N LEU A 258 0.18 -5.06 34.80
CA LEU A 258 0.13 -3.62 34.52
C LEU A 258 1.32 -2.87 35.10
N LEU A 259 1.74 -3.20 36.32
CA LEU A 259 2.94 -2.61 36.91
C LEU A 259 4.25 -2.97 36.18
N PRO A 260 4.53 -4.23 35.79
CA PRO A 260 5.73 -4.45 34.97
C PRO A 260 5.66 -3.85 33.59
N THR A 261 4.47 -3.73 33.01
CA THR A 261 4.33 -3.05 31.72
C THR A 261 4.62 -1.56 31.83
N LEU A 262 4.14 -0.92 32.91
CA LEU A 262 4.47 0.48 33.14
C LEU A 262 5.96 0.68 33.35
N LEU A 263 6.60 -0.21 34.14
CA LEU A 263 8.03 -0.09 34.39
C LEU A 263 8.85 -0.28 33.11
N GLY A 264 8.54 -1.32 32.33
CA GLY A 264 9.28 -1.55 31.10
C GLY A 264 9.03 -0.51 30.03
N ASN A 265 7.80 0.01 29.94
CA ASN A 265 7.50 1.08 29.00
C ASN A 265 8.21 2.38 29.37
N TYR A 266 8.36 2.67 30.67
CA TYR A 266 9.13 3.84 31.04
C TYR A 266 10.62 3.64 30.80
N ILE A 267 11.13 2.43 31.04
CA ILE A 267 12.54 2.15 30.87
C ILE A 267 12.95 2.26 29.39
N ALA A 268 12.11 1.77 28.48
CA ALA A 268 12.45 1.81 27.07
C ALA A 268 12.43 3.20 26.47
N GLY A 269 11.70 4.13 27.07
CA GLY A 269 11.63 5.48 26.54
C GLY A 269 12.63 6.40 27.19
N ALA A 270 12.78 6.32 28.51
CA ALA A 270 13.63 7.26 29.21
C ALA A 270 15.11 6.88 29.21
N ILE A 271 15.43 5.59 29.08
CA ILE A 271 16.78 5.11 29.31
C ILE A 271 17.36 4.43 28.08
N VAL A 272 16.62 3.48 27.50
CA VAL A 272 17.15 2.70 26.38
C VAL A 272 17.25 3.56 25.13
N LEU A 273 16.25 4.41 24.89
CA LEU A 273 16.19 5.20 23.67
C LEU A 273 16.55 6.66 23.88
N GLY A 274 16.13 7.27 24.98
CA GLY A 274 16.31 8.70 25.15
C GLY A 274 17.72 9.12 25.50
N LEU A 275 18.39 8.35 26.33
CA LEU A 275 19.71 8.69 26.82
C LEU A 275 20.83 8.52 25.77
N PRO A 276 20.88 7.44 24.96
CA PRO A 276 21.86 7.44 23.86
C PRO A 276 21.60 8.51 22.81
N LEU A 277 20.34 8.77 22.46
CA LEU A 277 20.05 9.80 21.46
C LEU A 277 20.37 11.19 21.97
N TYR A 278 20.19 11.42 23.27
CA TYR A 278 20.62 12.67 23.89
C TYR A 278 22.13 12.83 23.81
N PHE A 279 22.88 11.77 24.16
CA PHE A 279 24.33 11.79 24.07
C PHE A 279 24.81 12.01 22.63
N ILE A 280 24.08 11.49 21.65
CA ILE A 280 24.49 11.65 20.26
C ILE A 280 24.22 13.08 19.78
N TYR A 281 23.02 13.62 20.00
CA TYR A 281 22.60 14.83 19.31
C TYR A 281 22.49 16.07 20.21
N LYS A 282 23.06 16.04 21.43
CA LYS A 282 22.95 17.21 22.27
C LYS A 282 23.77 18.40 21.78
N GLU A 283 24.87 18.19 21.05
CA GLU A 283 25.60 19.33 20.51
C GLU A 283 24.86 19.95 19.33
N HIS A 284 24.11 19.17 18.57
CA HIS A 284 23.28 19.73 17.51
C HIS A 284 22.13 20.53 18.07
N TYR A 285 21.54 20.08 19.18
CA TYR A 285 20.55 20.92 19.84
C TYR A 285 21.16 22.19 20.43
N TYR A 286 22.40 22.12 20.92
CA TYR A 286 23.09 23.32 21.40
C TYR A 286 23.34 24.30 20.26
N ASN A 287 23.72 23.80 19.08
CA ASN A 287 23.92 24.67 17.93
C ASN A 287 22.62 25.29 17.44
N PHE A 288 21.53 24.56 17.42
CA PHE A 288 20.28 25.08 16.98
C PHE A 288 19.83 26.18 17.85
N GLU A 289 20.17 26.17 19.11
CA GLU A 289 19.72 27.14 20.04
C GLU A 289 20.53 28.33 20.11
N ARG A 290 21.77 28.20 19.73
CA ARG A 290 22.67 29.28 19.76
C ARG A 290 22.38 30.02 18.51
N SER A 291 22.00 29.32 17.46
CA SER A 291 21.69 30.04 16.22
C SER A 291 20.31 30.68 16.24
N LYS A 292 19.78 31.00 17.43
CA LYS A 292 18.53 31.72 17.56
C LYS A 292 18.71 32.99 18.37
N ARG A 293 19.92 33.50 18.42
CA ARG A 293 20.17 34.73 19.11
C ARG A 293 20.79 35.69 18.13
N LYS B 7 22.29 24.43 9.60
CA LYS B 7 20.96 24.89 9.26
C LYS B 7 19.94 23.77 9.37
N TYR B 8 19.02 23.91 10.31
CA TYR B 8 18.01 22.91 10.58
C TYR B 8 16.64 23.44 10.21
N VAL B 9 15.84 22.61 9.53
CA VAL B 9 14.49 22.98 9.14
C VAL B 9 13.54 22.43 10.20
N LEU B 10 12.89 23.33 10.93
CA LEU B 10 11.94 22.99 11.97
C LEU B 10 10.55 22.92 11.41
N ASP B 11 10.10 23.92 10.66
CA ASP B 11 8.80 23.95 10.01
C ASP B 11 8.99 24.10 8.51
N PRO B 12 8.69 23.08 7.72
CA PRO B 12 8.85 23.18 6.28
C PRO B 12 7.67 23.91 5.63
N VAL B 13 7.71 23.98 4.30
CA VAL B 13 6.70 24.70 3.54
C VAL B 13 5.46 23.83 3.39
N SER B 14 4.30 24.38 3.74
CA SER B 14 3.05 23.63 3.70
C SER B 14 2.54 23.56 2.26
N ILE B 15 2.36 22.35 1.75
CA ILE B 15 1.89 22.13 0.39
C ILE B 15 0.61 21.31 0.41
N LYS B 16 0.06 21.06 -0.78
CA LYS B 16 -1.21 20.36 -0.93
C LYS B 16 -1.30 19.84 -2.36
N SER B 17 -1.58 18.55 -2.51
CA SER B 17 -1.70 17.96 -3.84
C SER B 17 -3.13 17.57 -4.19
N VAL B 18 -4.11 18.22 -3.56
CA VAL B 18 -5.52 17.92 -3.76
C VAL B 18 -6.23 19.23 -4.08
N CYS B 19 -7.51 19.12 -4.47
CA CYS B 19 -8.30 20.29 -4.82
C CYS B 19 -9.72 20.10 -4.31
N GLY B 20 -10.51 21.16 -4.41
CA GLY B 20 -11.90 21.12 -4.00
C GLY B 20 -12.81 20.58 -5.08
N GLY B 21 -14.10 20.57 -4.78
CA GLY B 21 -15.08 20.06 -5.74
C GLY B 21 -15.31 20.99 -6.92
N GLU B 22 -15.22 22.31 -6.68
CA GLU B 22 -15.40 23.28 -7.74
C GLU B 22 -14.25 23.24 -8.73
N GLU B 23 -13.01 23.16 -8.22
CA GLU B 23 -11.85 23.02 -9.08
C GLU B 23 -11.84 21.70 -9.82
N SER B 24 -12.35 20.63 -9.19
CA SER B 24 -12.46 19.35 -9.87
C SER B 24 -13.48 19.40 -11.00
N TYR B 25 -14.59 20.11 -10.79
CA TYR B 25 -15.57 20.28 -11.87
C TYR B 25 -15.00 21.10 -13.01
N ILE B 26 -14.28 22.17 -12.70
CA ILE B 26 -13.71 23.02 -13.74
C ILE B 26 -12.63 22.25 -14.52
N ARG B 27 -11.81 21.47 -13.82
CA ARG B 27 -10.83 20.60 -14.46
C ARG B 27 -11.48 19.54 -15.34
N CYS B 28 -12.63 18.98 -14.93
CA CYS B 28 -13.32 18.00 -15.75
C CYS B 28 -13.95 18.61 -16.99
N VAL B 29 -14.52 19.81 -16.89
CA VAL B 29 -15.10 20.47 -18.06
C VAL B 29 -14.00 20.88 -19.03
N GLU B 30 -12.86 21.37 -18.51
CA GLU B 30 -11.74 21.73 -19.39
C GLU B 30 -11.07 20.49 -19.97
N TYR B 31 -11.14 19.36 -19.28
CA TYR B 31 -10.60 18.11 -19.81
C TYR B 31 -11.47 17.57 -20.94
N GLY B 32 -12.80 17.61 -20.77
CA GLY B 32 -13.70 17.19 -21.83
C GLY B 32 -13.77 18.15 -22.99
N LYS B 33 -13.41 19.37 -22.84
CA LYS B 33 -13.42 20.34 -23.90
C LYS B 33 -12.25 20.20 -24.80
N LYS B 34 -11.18 19.57 -24.36
CA LYS B 34 -10.01 19.37 -25.21
C LYS B 34 -10.18 18.23 -26.21
N LYS B 35 -11.05 17.27 -25.92
CA LYS B 35 -11.26 16.14 -26.82
C LYS B 35 -11.93 16.54 -28.12
N ALA B 36 -12.67 17.63 -28.13
CA ALA B 36 -13.32 18.10 -29.35
C ALA B 36 -12.40 18.90 -30.25
N HIS B 37 -11.17 19.17 -29.81
CA HIS B 37 -10.22 19.95 -30.58
C HIS B 37 -9.13 19.11 -31.24
N TYR B 38 -9.03 17.83 -30.91
CA TYR B 38 -8.13 16.94 -31.62
C TYR B 38 -8.62 16.71 -33.04
N SER B 39 -7.72 16.25 -33.90
CA SER B 39 -8.14 15.82 -35.21
C SER B 39 -8.78 14.44 -35.12
N ASN B 40 -9.35 13.98 -36.23
CA ASN B 40 -10.07 12.72 -36.23
C ASN B 40 -9.13 11.54 -36.09
N LEU B 41 -7.98 11.60 -36.77
CA LEU B 41 -7.01 10.51 -36.71
C LEU B 41 -6.28 10.46 -35.38
N ASN B 42 -6.07 11.62 -34.74
CA ASN B 42 -5.44 11.66 -33.43
C ASN B 42 -6.35 11.05 -32.36
N LEU B 43 -7.63 11.43 -32.38
CA LEU B 43 -8.61 10.85 -31.46
C LEU B 43 -8.83 9.36 -31.74
N LEU B 44 -8.79 8.97 -33.02
CA LEU B 44 -8.95 7.57 -33.38
C LEU B 44 -7.78 6.72 -32.89
N ALA B 45 -6.55 7.23 -33.04
CA ALA B 45 -5.38 6.51 -32.56
C ALA B 45 -5.35 6.40 -31.05
N LYS B 46 -5.77 7.46 -30.35
CA LYS B 46 -5.85 7.39 -28.89
C LYS B 46 -6.91 6.41 -28.42
N ALA B 47 -8.05 6.34 -29.12
CA ALA B 47 -9.09 5.37 -28.78
C ALA B 47 -8.65 3.93 -29.04
N ILE B 48 -7.93 3.69 -30.14
CA ILE B 48 -7.43 2.36 -30.44
C ILE B 48 -6.39 1.92 -29.39
N LEU B 49 -5.54 2.85 -28.96
CA LEU B 49 -4.59 2.54 -27.90
C LEU B 49 -5.28 2.23 -26.56
N ALA B 50 -6.35 2.95 -26.24
CA ALA B 50 -7.08 2.69 -25.00
C ALA B 50 -7.78 1.32 -25.01
N GLY B 51 -8.39 0.96 -26.15
CA GLY B 51 -8.96 -0.37 -26.27
C GLY B 51 -7.92 -1.47 -26.19
N MET B 52 -6.73 -1.24 -26.74
CA MET B 52 -5.64 -2.19 -26.64
C MET B 52 -5.17 -2.37 -25.20
N PHE B 53 -5.09 -1.28 -24.43
CA PHE B 53 -4.70 -1.39 -23.03
C PHE B 53 -5.73 -2.14 -22.20
N VAL B 54 -7.01 -1.90 -22.48
CA VAL B 54 -8.08 -2.63 -21.79
C VAL B 54 -8.00 -4.11 -22.07
N GLY B 55 -7.80 -4.49 -23.35
CA GLY B 55 -7.59 -5.88 -23.70
C GLY B 55 -6.35 -6.51 -23.10
N LEU B 56 -5.26 -5.76 -22.98
CA LEU B 56 -4.02 -6.23 -22.36
C LEU B 56 -4.23 -6.61 -20.91
N CYS B 57 -4.76 -5.69 -20.12
CA CYS B 57 -4.91 -5.98 -18.70
C CYS B 57 -6.08 -6.91 -18.41
N ALA B 58 -7.04 -7.04 -19.33
CA ALA B 58 -8.07 -8.05 -19.15
C ALA B 58 -7.58 -9.45 -19.49
N HIS B 59 -6.66 -9.60 -20.46
CA HIS B 59 -5.98 -10.87 -20.67
C HIS B 59 -5.17 -11.26 -19.44
N ALA B 60 -4.42 -10.31 -18.87
CA ALA B 60 -3.64 -10.59 -17.66
C ALA B 60 -4.53 -10.96 -16.48
N SER B 61 -5.66 -10.28 -16.32
CA SER B 61 -6.60 -10.59 -15.25
C SER B 61 -7.30 -11.93 -15.46
N GLY B 62 -7.59 -12.30 -16.71
CA GLY B 62 -8.19 -13.59 -16.97
C GLY B 62 -7.26 -14.75 -16.67
N ILE B 63 -5.97 -14.59 -16.97
CA ILE B 63 -5.00 -15.62 -16.61
C ILE B 63 -4.82 -15.69 -15.09
N ALA B 64 -4.72 -14.53 -14.43
CA ALA B 64 -4.58 -14.49 -12.98
C ALA B 64 -5.80 -15.03 -12.25
N GLY B 65 -6.99 -14.88 -12.82
CA GLY B 65 -8.18 -15.44 -12.21
C GLY B 65 -8.40 -16.90 -12.53
N GLY B 66 -7.97 -17.36 -13.72
CA GLY B 66 -8.04 -18.77 -14.02
C GLY B 66 -6.99 -19.61 -13.32
N LEU B 67 -5.94 -18.97 -12.81
CA LEU B 67 -5.00 -19.71 -11.94
C LEU B 67 -5.68 -20.12 -10.65
N PHE B 68 -6.45 -19.23 -10.04
CA PHE B 68 -7.14 -19.50 -8.79
C PHE B 68 -8.47 -20.20 -9.00
N TYR B 69 -8.80 -20.57 -10.23
CA TYR B 69 -10.00 -21.31 -10.55
C TYR B 69 -9.69 -22.79 -10.74
N TYR B 70 -8.60 -23.26 -10.13
CA TYR B 70 -8.20 -24.66 -10.19
C TYR B 70 -9.27 -25.53 -9.55
N HIS B 71 -9.48 -26.72 -10.12
CA HIS B 71 -10.68 -27.49 -9.84
C HIS B 71 -10.74 -28.06 -8.43
N LYS B 72 -9.61 -28.17 -7.75
CA LYS B 72 -9.61 -28.58 -6.34
C LYS B 72 -9.79 -27.39 -5.41
N LEU B 73 -9.30 -26.22 -5.79
CA LEU B 73 -9.55 -25.00 -5.04
C LEU B 73 -10.97 -24.49 -5.26
N ARG B 74 -11.51 -24.70 -6.46
CA ARG B 74 -12.87 -24.30 -6.80
C ARG B 74 -13.92 -25.06 -5.99
N GLU B 75 -13.59 -26.26 -5.52
CA GLU B 75 -14.54 -27.04 -4.73
C GLU B 75 -14.69 -26.49 -3.32
N ILE B 76 -13.74 -25.73 -2.82
CA ILE B 76 -13.76 -25.21 -1.46
C ILE B 76 -14.23 -23.78 -1.42
N VAL B 77 -13.64 -22.91 -2.25
CA VAL B 77 -13.93 -21.48 -2.16
C VAL B 77 -14.87 -21.00 -3.27
N GLY B 78 -15.23 -21.86 -4.21
CA GLY B 78 -16.07 -21.42 -5.30
C GLY B 78 -15.28 -20.55 -6.27
N ALA B 79 -15.88 -19.43 -6.65
CA ALA B 79 -15.25 -18.48 -7.55
C ALA B 79 -14.79 -17.22 -6.86
N SER B 80 -14.56 -17.27 -5.54
CA SER B 80 -14.30 -16.06 -4.78
C SER B 80 -12.90 -15.52 -5.03
N MET B 81 -11.89 -16.39 -4.89
CA MET B 81 -10.50 -15.98 -5.10
C MET B 81 -10.19 -15.66 -6.54
N SER B 82 -10.89 -16.29 -7.49
CA SER B 82 -10.74 -15.96 -8.90
C SER B 82 -11.17 -14.53 -9.20
N VAL B 83 -12.36 -14.15 -8.70
CA VAL B 83 -12.87 -12.79 -8.92
C VAL B 83 -12.05 -11.78 -8.14
N PHE B 84 -11.53 -12.14 -6.96
CA PHE B 84 -10.68 -11.22 -6.22
C PHE B 84 -9.35 -10.97 -6.93
N VAL B 85 -8.72 -12.01 -7.46
CA VAL B 85 -7.44 -11.82 -8.13
C VAL B 85 -7.63 -11.15 -9.50
N TYR B 86 -8.79 -11.37 -10.14
CA TYR B 86 -9.16 -10.60 -11.33
C TYR B 86 -9.27 -9.11 -11.01
N GLY B 87 -10.01 -8.75 -9.97
CA GLY B 87 -10.16 -7.36 -9.58
C GLY B 87 -8.89 -6.74 -9.04
N PHE B 88 -7.97 -7.55 -8.52
CA PHE B 88 -6.66 -7.05 -8.12
C PHE B 88 -5.77 -6.78 -9.33
N THR B 89 -5.87 -7.61 -10.37
CA THR B 89 -4.95 -7.48 -11.50
C THR B 89 -5.42 -6.42 -12.49
N PHE B 90 -6.75 -6.20 -12.58
CA PHE B 90 -7.28 -5.32 -13.63
C PHE B 90 -6.94 -3.82 -13.58
N PRO B 91 -6.95 -3.10 -12.44
CA PRO B 91 -6.99 -1.62 -12.52
C PRO B 91 -5.76 -0.91 -13.08
N ILE B 92 -4.71 -1.61 -13.53
CA ILE B 92 -3.57 -0.93 -14.12
C ILE B 92 -3.86 -0.46 -15.54
N ALA B 93 -4.94 -0.94 -16.16
CA ALA B 93 -5.32 -0.54 -17.50
C ALA B 93 -5.65 0.94 -17.59
N PHE B 94 -6.23 1.47 -16.54
CA PHE B 94 -6.61 2.84 -16.43
C PHE B 94 -5.47 3.74 -16.25
N MET B 95 -4.46 3.29 -15.58
CA MET B 95 -3.19 3.99 -15.50
C MET B 95 -2.47 4.01 -16.83
N CYS B 96 -2.49 2.89 -17.56
CA CYS B 96 -1.91 2.85 -18.91
C CYS B 96 -2.64 3.78 -19.86
N ILE B 97 -3.95 3.93 -19.70
CA ILE B 97 -4.72 4.84 -20.55
C ILE B 97 -4.41 6.30 -20.20
N ILE B 98 -4.34 6.63 -18.90
CA ILE B 98 -4.15 8.00 -18.48
C ILE B 98 -2.73 8.49 -18.80
N CYS B 99 -1.71 7.68 -18.49
CA CYS B 99 -0.33 8.15 -18.61
C CYS B 99 0.13 8.33 -20.05
N THR B 100 -0.49 7.64 -21.01
CA THR B 100 -0.19 7.88 -22.41
C THR B 100 -1.09 8.93 -23.05
N GLY B 101 -2.17 9.36 -22.37
CA GLY B 101 -3.07 10.33 -22.95
C GLY B 101 -4.13 9.77 -23.86
N SER B 102 -4.43 8.47 -23.76
CA SER B 102 -5.46 7.83 -24.55
C SER B 102 -6.84 8.16 -24.00
N ASP B 103 -7.87 7.99 -24.82
CA ASP B 103 -9.23 8.30 -24.41
C ASP B 103 -10.11 7.05 -24.45
N LEU B 104 -10.84 6.84 -23.37
CA LEU B 104 -11.83 5.78 -23.27
C LEU B 104 -13.22 6.38 -23.38
N PHE B 105 -14.16 5.60 -23.92
CA PHE B 105 -15.51 6.09 -24.14
C PHE B 105 -16.24 6.34 -22.81
N THR B 106 -16.04 5.44 -21.85
CA THR B 106 -16.73 5.54 -20.57
C THR B 106 -16.23 6.69 -19.72
N GLY B 107 -14.95 7.07 -19.87
CA GLY B 107 -14.49 8.29 -19.24
C GLY B 107 -15.02 9.53 -19.91
N ASN B 108 -15.17 9.48 -21.24
CA ASN B 108 -15.65 10.61 -22.01
C ASN B 108 -17.13 10.90 -21.77
N THR B 109 -17.93 9.89 -21.40
CA THR B 109 -19.37 10.08 -21.18
C THR B 109 -19.68 11.08 -20.06
N LEU B 110 -18.76 11.31 -19.13
CA LEU B 110 -18.94 12.35 -18.14
C LEU B 110 -18.38 13.69 -18.60
N ALA B 111 -17.11 13.71 -19.01
CA ALA B 111 -16.39 14.95 -19.25
C ALA B 111 -16.87 15.67 -20.51
N VAL B 112 -17.03 14.94 -21.62
CA VAL B 112 -17.44 15.58 -22.86
C VAL B 112 -18.91 15.99 -22.78
N THR B 113 -19.72 15.25 -22.02
CA THR B 113 -21.11 15.64 -21.83
C THR B 113 -21.22 16.86 -20.91
N MET B 114 -20.34 16.97 -19.92
CA MET B 114 -20.29 18.16 -19.08
C MET B 114 -19.88 19.39 -19.88
N ALA B 115 -18.91 19.23 -20.78
CA ALA B 115 -18.56 20.32 -21.68
C ALA B 115 -19.64 20.62 -22.69
N LEU B 116 -20.49 19.65 -23.02
CA LEU B 116 -21.65 19.91 -23.85
C LEU B 116 -22.70 20.72 -23.11
N TYR B 117 -22.89 20.43 -21.81
CA TYR B 117 -23.86 21.17 -21.00
C TYR B 117 -23.45 22.61 -20.78
N GLU B 118 -22.14 22.87 -20.69
CA GLU B 118 -21.62 24.21 -20.47
C GLU B 118 -21.42 24.99 -21.75
N LYS B 119 -21.99 24.52 -22.87
CA LYS B 119 -21.90 25.14 -24.20
C LYS B 119 -20.47 25.29 -24.69
N LYS B 120 -19.58 24.38 -24.29
CA LYS B 120 -18.20 24.40 -24.75
C LYS B 120 -17.96 23.51 -25.95
N VAL B 121 -18.81 22.50 -26.14
CA VAL B 121 -18.75 21.60 -27.29
C VAL B 121 -20.09 21.73 -28.01
N LYS B 122 -20.04 21.78 -29.34
CA LYS B 122 -21.26 21.77 -30.12
C LYS B 122 -21.85 20.36 -30.17
N LEU B 123 -23.02 20.25 -30.78
CA LEU B 123 -23.71 18.95 -30.78
C LEU B 123 -23.10 17.98 -31.77
N LEU B 124 -22.78 18.45 -32.98
CA LEU B 124 -22.15 17.58 -33.97
C LEU B 124 -20.74 17.19 -33.56
N ASP B 125 -19.99 18.09 -32.93
CA ASP B 125 -18.70 17.73 -32.36
C ASP B 125 -18.82 16.71 -31.26
N TYR B 126 -19.89 16.79 -30.46
CA TYR B 126 -20.14 15.79 -29.41
C TYR B 126 -20.39 14.42 -30.00
N LEU B 127 -21.28 14.33 -31.00
CA LEU B 127 -21.56 13.06 -31.65
C LEU B 127 -20.35 12.49 -32.37
N ARG B 128 -19.55 13.36 -33.00
CA ARG B 128 -18.33 12.94 -33.68
C ARG B 128 -17.31 12.37 -32.71
N VAL B 129 -17.08 13.05 -31.57
CA VAL B 129 -16.12 12.59 -30.58
C VAL B 129 -16.55 11.26 -29.96
N MET B 130 -17.84 11.13 -29.62
CA MET B 130 -18.32 9.90 -28.99
C MET B 130 -18.30 8.73 -29.97
N THR B 131 -18.66 8.96 -31.23
CA THR B 131 -18.64 7.90 -32.24
C THR B 131 -17.22 7.42 -32.53
N ILE B 132 -16.28 8.35 -32.70
CA ILE B 132 -14.90 7.99 -33.00
C ILE B 132 -14.27 7.28 -31.81
N SER B 133 -14.59 7.72 -30.59
CA SER B 133 -14.05 7.07 -29.39
C SER B 133 -14.57 5.65 -29.21
N LEU B 134 -15.87 5.44 -29.41
CA LEU B 134 -16.43 4.10 -29.28
C LEU B 134 -15.93 3.16 -30.37
N PHE B 135 -15.82 3.64 -31.62
CA PHE B 135 -15.34 2.80 -32.71
C PHE B 135 -13.87 2.43 -32.53
N GLY B 136 -13.05 3.38 -32.08
CA GLY B 136 -11.64 3.08 -31.86
C GLY B 136 -11.42 2.14 -30.68
N ASN B 137 -12.21 2.29 -29.62
CA ASN B 137 -12.11 1.37 -28.49
C ASN B 137 -12.51 -0.05 -28.88
N TYR B 138 -13.57 -0.19 -29.69
CA TYR B 138 -13.96 -1.49 -30.22
C TYR B 138 -12.85 -2.12 -31.06
N VAL B 139 -12.26 -1.33 -31.97
CA VAL B 139 -11.23 -1.85 -32.86
C VAL B 139 -10.00 -2.28 -32.08
N GLY B 140 -9.58 -1.48 -31.09
CA GLY B 140 -8.44 -1.85 -30.27
C GLY B 140 -8.66 -3.08 -29.41
N ALA B 141 -9.85 -3.21 -28.81
CA ALA B 141 -10.14 -4.37 -27.98
C ALA B 141 -10.28 -5.66 -28.79
N VAL B 142 -10.94 -5.63 -29.94
CA VAL B 142 -11.04 -6.83 -30.76
C VAL B 142 -9.70 -7.18 -31.42
N SER B 143 -8.87 -6.17 -31.72
CA SER B 143 -7.54 -6.44 -32.27
C SER B 143 -6.63 -7.09 -31.25
N PHE B 144 -6.71 -6.66 -29.98
CA PHE B 144 -5.94 -7.36 -28.96
C PHE B 144 -6.51 -8.75 -28.68
N ALA B 145 -7.83 -8.90 -28.74
CA ALA B 145 -8.43 -10.22 -28.51
C ALA B 145 -8.03 -11.22 -29.58
N PHE B 146 -7.80 -10.77 -30.81
CA PHE B 146 -7.35 -11.71 -31.82
C PHE B 146 -5.83 -11.89 -31.81
N PHE B 147 -5.08 -10.79 -31.89
CA PHE B 147 -3.66 -10.91 -32.20
C PHE B 147 -2.80 -11.35 -31.04
N VAL B 148 -3.27 -11.21 -29.80
CA VAL B 148 -2.53 -11.65 -28.63
C VAL B 148 -3.26 -12.78 -27.90
N SER B 149 -4.53 -12.57 -27.57
CA SER B 149 -5.25 -13.52 -26.73
C SER B 149 -5.58 -14.81 -27.47
N TYR B 150 -6.01 -14.70 -28.73
CA TYR B 150 -6.37 -15.90 -29.45
C TYR B 150 -5.14 -16.61 -30.02
N LEU B 151 -4.16 -15.84 -30.50
CA LEU B 151 -3.02 -16.43 -31.17
C LEU B 151 -2.01 -17.05 -30.21
N SER B 152 -2.10 -16.77 -28.91
CA SER B 152 -1.21 -17.37 -27.93
C SER B 152 -1.73 -18.68 -27.37
N GLY B 153 -3.00 -19.00 -27.58
CA GLY B 153 -3.55 -20.25 -27.08
C GLY B 153 -3.73 -20.31 -25.58
N ALA B 154 -3.87 -19.17 -24.91
CA ALA B 154 -3.93 -19.15 -23.46
C ALA B 154 -5.28 -19.64 -22.93
N PHE B 155 -6.36 -19.43 -23.67
CA PHE B 155 -7.70 -19.81 -23.26
C PHE B 155 -8.28 -20.92 -24.12
N THR B 156 -7.43 -21.83 -24.60
CA THR B 156 -7.89 -22.94 -25.42
C THR B 156 -8.52 -24.00 -24.53
N ASN B 157 -9.64 -24.57 -24.99
CA ASN B 157 -10.26 -25.72 -24.35
C ASN B 157 -9.35 -26.92 -24.51
N VAL B 158 -8.74 -27.37 -23.39
CA VAL B 158 -7.83 -28.50 -23.41
C VAL B 158 -8.46 -29.76 -22.82
N HIS B 159 -9.72 -29.69 -22.40
CA HIS B 159 -10.63 -30.81 -22.13
C HIS B 159 -10.31 -31.62 -20.89
N ALA B 160 -9.18 -31.37 -20.23
CA ALA B 160 -8.81 -32.07 -19.02
C ALA B 160 -9.05 -31.15 -17.83
N VAL B 161 -9.79 -31.64 -16.84
CA VAL B 161 -10.31 -30.79 -15.77
C VAL B 161 -9.20 -30.24 -14.88
N GLU B 162 -8.05 -30.91 -14.80
CA GLU B 162 -6.92 -30.39 -14.04
C GLU B 162 -6.12 -29.34 -14.78
N LYS B 163 -6.37 -29.16 -16.07
CA LYS B 163 -5.66 -28.17 -16.87
C LYS B 163 -6.56 -27.13 -17.51
N ASN B 164 -7.87 -27.31 -17.51
CA ASN B 164 -8.79 -26.46 -18.26
C ASN B 164 -9.32 -25.28 -17.47
N HIS B 165 -8.61 -24.84 -16.44
CA HIS B 165 -9.14 -23.83 -15.55
C HIS B 165 -9.01 -22.41 -16.06
N PHE B 166 -8.37 -22.19 -17.21
CA PHE B 166 -8.41 -20.87 -17.84
C PHE B 166 -9.60 -20.74 -18.78
N PHE B 167 -9.81 -21.75 -19.63
CA PHE B 167 -11.01 -21.82 -20.46
C PHE B 167 -12.26 -21.88 -19.62
N GLN B 168 -12.24 -22.61 -18.51
CA GLN B 168 -13.45 -22.74 -17.70
C GLN B 168 -13.78 -21.44 -16.99
N PHE B 169 -12.77 -20.69 -16.56
CA PHE B 169 -13.02 -19.38 -15.96
C PHE B 169 -13.56 -18.40 -16.99
N LEU B 170 -13.00 -18.40 -18.20
CA LEU B 170 -13.52 -17.54 -19.26
C LEU B 170 -14.94 -17.96 -19.66
N ASN B 171 -15.21 -19.26 -19.71
CA ASN B 171 -16.52 -19.78 -20.07
C ASN B 171 -17.57 -19.40 -19.04
N ASP B 172 -17.26 -19.57 -17.76
CA ASP B 172 -18.22 -19.27 -16.72
C ASP B 172 -18.43 -17.77 -16.52
N ILE B 173 -17.39 -16.96 -16.72
CA ILE B 173 -17.54 -15.50 -16.67
C ILE B 173 -18.38 -15.02 -17.84
N ALA B 174 -18.11 -15.54 -19.04
CA ALA B 174 -18.86 -15.14 -20.22
C ALA B 174 -20.27 -15.68 -20.23
N GLU B 175 -20.55 -16.76 -19.50
CA GLU B 175 -21.91 -17.26 -19.36
C GLU B 175 -22.69 -16.52 -18.29
N LYS B 176 -22.00 -16.05 -17.25
CA LYS B 176 -22.66 -15.30 -16.19
C LYS B 176 -23.14 -13.94 -16.67
N LYS B 177 -22.33 -13.23 -17.47
CA LYS B 177 -22.66 -11.89 -17.92
C LYS B 177 -23.48 -11.90 -19.20
N VAL B 178 -23.97 -13.03 -19.64
CA VAL B 178 -24.79 -13.05 -20.86
C VAL B 178 -26.19 -13.53 -20.52
N HIS B 179 -26.42 -13.82 -19.24
CA HIS B 179 -27.72 -14.28 -18.79
C HIS B 179 -28.65 -13.32 -18.07
N HIS B 180 -28.29 -12.05 -18.00
CA HIS B 180 -29.11 -11.03 -17.37
C HIS B 180 -30.28 -10.68 -18.26
N THR B 181 -31.29 -10.04 -17.70
CA THR B 181 -32.43 -9.55 -18.47
C THR B 181 -32.01 -8.15 -18.90
N PHE B 182 -32.76 -7.47 -19.75
CA PHE B 182 -32.37 -6.15 -20.21
C PHE B 182 -32.16 -5.19 -19.05
N VAL B 183 -33.11 -5.15 -18.11
CA VAL B 183 -33.09 -4.21 -17.01
C VAL B 183 -31.95 -4.49 -16.04
N GLU B 184 -31.64 -5.77 -15.82
CA GLU B 184 -30.53 -6.13 -14.94
C GLU B 184 -29.19 -5.71 -15.52
N CYS B 185 -28.99 -5.91 -16.83
CA CYS B 185 -27.74 -5.49 -17.47
C CYS B 185 -27.62 -3.98 -17.52
N VAL B 186 -28.73 -3.26 -17.72
CA VAL B 186 -28.70 -1.80 -17.69
C VAL B 186 -28.34 -1.29 -16.30
N SER B 187 -28.88 -1.91 -15.24
CA SER B 187 -28.59 -1.49 -13.87
C SER B 187 -27.14 -1.77 -13.49
N LEU B 188 -26.62 -2.94 -13.87
CA LEU B 188 -25.22 -3.25 -13.60
C LEU B 188 -24.26 -2.36 -14.39
N ALA B 189 -24.63 -1.98 -15.62
CA ALA B 189 -23.82 -1.04 -16.38
C ALA B 189 -23.82 0.37 -15.80
N VAL B 190 -24.97 0.80 -15.25
CA VAL B 190 -25.03 2.08 -14.54
C VAL B 190 -24.10 2.07 -13.33
N GLY B 191 -24.16 1.01 -12.54
CA GLY B 191 -23.26 0.85 -11.41
C GLY B 191 -21.79 0.79 -11.80
N CYS B 192 -21.47 0.25 -12.99
CA CYS B 192 -20.10 0.26 -13.46
C CYS B 192 -19.62 1.66 -13.82
N ASN B 193 -20.40 2.36 -14.63
CA ASN B 193 -19.89 3.62 -15.15
C ASN B 193 -19.89 4.73 -14.12
N ILE B 194 -20.64 4.59 -13.02
CA ILE B 194 -20.45 5.53 -11.91
C ILE B 194 -19.04 5.40 -11.33
N PHE B 195 -18.57 4.16 -11.10
CA PHE B 195 -17.18 3.95 -10.66
C PHE B 195 -16.15 4.43 -11.69
N VAL B 196 -16.40 4.21 -12.98
CA VAL B 196 -15.40 4.60 -13.98
C VAL B 196 -15.29 6.12 -14.10
N CYS B 197 -16.42 6.82 -14.11
CA CYS B 197 -16.40 8.28 -14.13
C CYS B 197 -15.85 8.87 -12.84
N LEU B 198 -16.09 8.23 -11.70
CA LEU B 198 -15.45 8.68 -10.47
C LEU B 198 -13.96 8.43 -10.46
N ALA B 199 -13.47 7.39 -11.15
CA ALA B 199 -12.03 7.20 -11.29
C ALA B 199 -11.40 8.29 -12.16
N VAL B 200 -12.10 8.72 -13.21
CA VAL B 200 -11.65 9.86 -14.01
C VAL B 200 -11.60 11.13 -13.15
N TYR B 201 -12.61 11.32 -12.30
CA TYR B 201 -12.66 12.45 -11.39
C TYR B 201 -11.53 12.40 -10.36
N PHE B 202 -11.15 11.19 -9.92
CA PHE B 202 -10.01 11.01 -9.02
C PHE B 202 -8.71 11.38 -9.68
N VAL B 203 -8.53 11.03 -10.96
CA VAL B 203 -7.35 11.47 -11.72
C VAL B 203 -7.31 12.99 -11.82
N LEU B 204 -8.46 13.62 -12.04
CA LEU B 204 -8.46 15.08 -12.13
C LEU B 204 -8.28 15.77 -10.77
N THR B 205 -8.54 15.08 -9.66
CA THR B 205 -8.47 15.71 -8.34
C THR B 205 -7.15 15.49 -7.63
N LEU B 206 -6.73 14.24 -7.45
CA LEU B 206 -5.54 13.90 -6.66
C LEU B 206 -4.33 13.89 -7.59
N LYS B 207 -3.55 14.95 -7.55
CA LYS B 207 -2.46 15.17 -8.51
C LYS B 207 -1.11 14.69 -7.99
N ASP B 208 -1.02 13.45 -7.54
CA ASP B 208 0.25 12.84 -7.18
C ASP B 208 0.21 11.37 -7.54
N GLY B 209 1.30 10.66 -7.24
CA GLY B 209 1.44 9.30 -7.73
C GLY B 209 0.58 8.30 -7.00
N ALA B 210 0.51 8.40 -5.67
CA ALA B 210 -0.37 7.52 -4.91
C ALA B 210 -1.83 7.84 -5.15
N GLY B 211 -2.16 9.13 -5.33
CA GLY B 211 -3.52 9.49 -5.67
C GLY B 211 -3.93 9.02 -7.05
N TYR B 212 -2.99 8.93 -7.99
CA TYR B 212 -3.31 8.29 -9.26
C TYR B 212 -3.48 6.79 -9.09
N VAL B 213 -2.54 6.12 -8.43
CA VAL B 213 -2.51 4.66 -8.46
C VAL B 213 -3.65 4.08 -7.63
N PHE B 214 -3.76 4.47 -6.35
CA PHE B 214 -4.57 3.69 -5.44
C PHE B 214 -6.04 4.07 -5.40
N SER B 215 -6.39 5.33 -5.68
CA SER B 215 -7.80 5.67 -5.82
C SER B 215 -8.42 4.98 -7.03
N VAL B 216 -7.70 4.97 -8.16
CA VAL B 216 -8.14 4.25 -9.34
C VAL B 216 -8.13 2.74 -9.11
N PHE B 217 -7.16 2.25 -8.31
CA PHE B 217 -7.11 0.83 -7.98
C PHE B 217 -8.36 0.39 -7.22
N PHE B 218 -8.69 1.10 -6.15
CA PHE B 218 -9.86 0.75 -5.35
C PHE B 218 -11.16 0.94 -6.11
N ALA B 219 -11.29 2.00 -6.91
CA ALA B 219 -12.48 2.23 -7.71
C ALA B 219 -12.69 1.18 -8.81
N VAL B 220 -11.61 0.70 -9.43
CA VAL B 220 -11.79 -0.26 -10.51
C VAL B 220 -11.90 -1.69 -9.96
N TYR B 221 -11.19 -2.01 -8.87
CA TYR B 221 -11.39 -3.27 -8.18
C TYR B 221 -12.82 -3.39 -7.65
N ALA B 222 -13.42 -2.28 -7.22
CA ALA B 222 -14.76 -2.32 -6.66
C ALA B 222 -15.81 -2.67 -7.69
N PHE B 223 -15.67 -2.27 -8.96
CA PHE B 223 -16.66 -2.75 -9.91
C PHE B 223 -16.23 -4.07 -10.55
N ALA B 224 -14.94 -4.39 -10.55
CA ALA B 224 -14.53 -5.68 -11.09
C ALA B 224 -14.96 -6.83 -10.19
N ILE B 225 -15.07 -6.60 -8.88
CA ILE B 225 -15.55 -7.64 -7.99
C ILE B 225 -17.07 -7.61 -7.79
N ALA B 226 -17.74 -6.54 -8.18
CA ALA B 226 -19.18 -6.42 -7.98
C ALA B 226 -20.01 -7.03 -9.10
N GLY B 227 -19.38 -7.48 -10.19
CA GLY B 227 -20.15 -7.96 -11.32
C GLY B 227 -20.79 -6.86 -12.13
N TYR B 228 -20.28 -5.64 -12.05
CA TYR B 228 -20.75 -4.53 -12.85
C TYR B 228 -20.20 -4.64 -14.27
N GLU B 229 -20.91 -4.04 -15.23
CA GLU B 229 -20.70 -4.30 -16.66
C GLU B 229 -20.07 -3.10 -17.35
N HIS B 230 -18.82 -3.22 -17.80
CA HIS B 230 -18.09 -2.19 -18.54
C HIS B 230 -18.20 -2.54 -19.98
N ILE B 231 -18.38 -1.63 -20.89
CA ILE B 231 -18.66 -1.94 -22.29
C ILE B 231 -17.39 -2.37 -23.02
N ILE B 232 -16.24 -1.77 -22.70
CA ILE B 232 -15.02 -2.10 -23.43
C ILE B 232 -14.44 -3.42 -22.95
N ALA B 233 -14.47 -3.67 -21.65
CA ALA B 233 -14.06 -4.95 -21.11
C ALA B 233 -14.96 -6.09 -21.58
N ASN B 234 -16.25 -5.83 -21.74
CA ASN B 234 -17.14 -6.83 -22.33
C ASN B 234 -16.90 -7.02 -23.81
N ILE B 235 -16.53 -5.96 -24.55
CA ILE B 235 -16.17 -6.09 -25.96
C ILE B 235 -14.96 -6.99 -26.12
N TYR B 236 -13.98 -6.87 -25.22
CA TYR B 236 -12.86 -7.81 -25.22
C TYR B 236 -13.31 -9.22 -24.85
N THR B 237 -14.02 -9.36 -23.72
CA THR B 237 -14.24 -10.66 -23.10
C THR B 237 -15.20 -11.52 -23.92
N LEU B 238 -16.28 -10.95 -24.42
CA LEU B 238 -17.22 -11.73 -25.21
C LEU B 238 -16.67 -12.10 -26.57
N ASN B 239 -15.80 -11.29 -27.14
CA ASN B 239 -15.18 -11.65 -28.41
C ASN B 239 -14.10 -12.70 -28.27
N ILE B 240 -13.30 -12.66 -27.20
CA ILE B 240 -12.35 -13.75 -27.00
C ILE B 240 -13.08 -15.01 -26.57
N ALA B 241 -14.22 -14.90 -25.90
CA ALA B 241 -15.03 -16.07 -25.59
C ALA B 241 -15.70 -16.66 -26.82
N LEU B 242 -16.03 -15.83 -27.81
CA LEU B 242 -16.51 -16.35 -29.08
C LEU B 242 -15.38 -16.97 -29.90
N MET B 243 -14.15 -16.47 -29.74
CA MET B 243 -13.03 -16.99 -30.52
C MET B 243 -12.60 -18.38 -30.08
N VAL B 244 -12.60 -18.64 -28.77
CA VAL B 244 -12.10 -19.91 -28.26
C VAL B 244 -13.23 -20.90 -28.05
N ASN B 245 -14.41 -20.57 -28.58
CA ASN B 245 -15.59 -21.44 -28.67
C ASN B 245 -16.08 -21.86 -27.28
N THR B 246 -16.54 -20.86 -26.53
CA THR B 246 -17.29 -21.11 -25.30
C THR B 246 -18.74 -21.39 -25.64
N LYS B 247 -19.61 -21.41 -24.64
CA LYS B 247 -21.01 -21.80 -24.89
C LYS B 247 -21.87 -20.66 -25.39
N ILE B 248 -21.40 -19.42 -25.34
CA ILE B 248 -22.22 -18.29 -25.77
C ILE B 248 -22.26 -18.20 -27.29
N THR B 249 -23.26 -17.49 -27.80
CA THR B 249 -23.42 -17.23 -29.22
C THR B 249 -23.20 -15.75 -29.50
N VAL B 250 -23.26 -15.38 -30.78
CA VAL B 250 -23.00 -14.00 -31.14
C VAL B 250 -24.22 -13.12 -30.90
N TYR B 251 -25.43 -13.70 -30.95
CA TYR B 251 -26.64 -12.97 -30.60
C TYR B 251 -26.68 -12.69 -29.11
N GLN B 252 -26.29 -13.68 -28.30
CA GLN B 252 -26.21 -13.48 -26.86
C GLN B 252 -25.13 -12.47 -26.50
N ALA B 253 -24.02 -12.48 -27.22
CA ALA B 253 -22.94 -11.55 -26.92
C ALA B 253 -23.31 -10.12 -27.27
N TYR B 254 -23.91 -9.91 -28.44
CA TYR B 254 -24.10 -8.54 -28.89
C TYR B 254 -25.44 -7.94 -28.49
N ILE B 255 -26.51 -8.74 -28.46
CA ILE B 255 -27.83 -8.20 -28.14
C ILE B 255 -28.12 -8.31 -26.65
N LYS B 256 -27.74 -9.42 -26.02
CA LYS B 256 -28.11 -9.65 -24.63
C LYS B 256 -27.12 -9.04 -23.64
N ASN B 257 -25.92 -8.65 -24.07
CA ASN B 257 -25.00 -7.98 -23.15
C ASN B 257 -24.54 -6.62 -23.64
N LEU B 258 -24.12 -6.47 -24.90
CA LEU B 258 -23.33 -5.31 -25.30
C LEU B 258 -24.19 -4.06 -25.46
N LEU B 259 -25.36 -4.24 -26.00
CA LEU B 259 -26.35 -3.22 -26.16
C LEU B 259 -26.80 -2.63 -24.85
N PRO B 260 -27.30 -3.40 -23.89
CA PRO B 260 -27.68 -2.84 -22.59
C PRO B 260 -26.52 -2.29 -21.80
N THR B 261 -25.30 -2.82 -21.97
CA THR B 261 -24.14 -2.26 -21.31
C THR B 261 -23.79 -0.89 -21.86
N LEU B 262 -23.89 -0.70 -23.17
CA LEU B 262 -23.68 0.61 -23.77
C LEU B 262 -24.72 1.62 -23.30
N LEU B 263 -25.99 1.19 -23.24
CA LEU B 263 -27.06 2.09 -22.78
C LEU B 263 -26.88 2.48 -21.31
N GLY B 264 -26.60 1.51 -20.44
CA GLY B 264 -26.42 1.84 -19.03
C GLY B 264 -25.16 2.63 -18.75
N ASN B 265 -24.07 2.36 -19.49
CA ASN B 265 -22.86 3.13 -19.33
C ASN B 265 -23.02 4.56 -19.80
N TYR B 266 -23.81 4.79 -20.85
CA TYR B 266 -24.07 6.17 -21.24
C TYR B 266 -25.01 6.87 -20.26
N ILE B 267 -25.98 6.15 -19.70
CA ILE B 267 -26.93 6.74 -18.76
C ILE B 267 -26.22 7.17 -17.48
N ALA B 268 -25.29 6.35 -16.98
CA ALA B 268 -24.62 6.68 -15.73
C ALA B 268 -23.65 7.85 -15.84
N GLY B 269 -23.17 8.15 -17.04
CA GLY B 269 -22.25 9.25 -17.20
C GLY B 269 -22.94 10.54 -17.59
N ALA B 270 -23.91 10.45 -18.51
CA ALA B 270 -24.53 11.66 -19.02
C ALA B 270 -25.65 12.20 -18.15
N ILE B 271 -26.32 11.33 -17.38
CA ILE B 271 -27.56 11.68 -16.70
C ILE B 271 -27.44 11.55 -15.18
N VAL B 272 -26.98 10.39 -14.71
CA VAL B 272 -26.94 10.13 -13.27
C VAL B 272 -25.87 10.98 -12.61
N LEU B 273 -24.71 11.12 -13.25
CA LEU B 273 -23.58 11.82 -12.65
C LEU B 273 -23.36 13.20 -13.23
N GLY B 274 -23.52 13.39 -14.53
CA GLY B 274 -23.16 14.65 -15.15
C GLY B 274 -24.15 15.78 -14.91
N LEU B 275 -25.43 15.46 -14.93
CA LEU B 275 -26.48 16.47 -14.80
C LEU B 275 -26.62 17.04 -13.37
N PRO B 276 -26.59 16.24 -12.28
CA PRO B 276 -26.55 16.88 -10.96
C PRO B 276 -25.28 17.67 -10.69
N LEU B 277 -24.12 17.19 -11.14
CA LEU B 277 -22.88 17.94 -10.93
C LEU B 277 -22.85 19.22 -11.73
N TYR B 278 -23.45 19.22 -12.92
CA TYR B 278 -23.62 20.44 -13.70
C TYR B 278 -24.50 21.44 -12.96
N PHE B 279 -25.64 20.97 -12.44
CA PHE B 279 -26.55 21.83 -11.67
C PHE B 279 -25.87 22.38 -10.41
N ILE B 280 -24.98 21.61 -9.80
CA ILE B 280 -24.31 22.07 -8.59
C ILE B 280 -23.26 23.13 -8.92
N TYR B 281 -22.38 22.86 -9.90
CA TYR B 281 -21.17 23.68 -10.05
C TYR B 281 -21.17 24.56 -11.30
N LYS B 282 -22.31 24.76 -11.96
CA LYS B 282 -22.30 25.61 -13.14
C LYS B 282 -22.04 27.09 -12.84
N GLU B 283 -22.41 27.59 -11.66
CA GLU B 283 -22.08 28.97 -11.34
C GLU B 283 -20.61 29.15 -11.04
N HIS B 284 -19.94 28.14 -10.50
CA HIS B 284 -18.51 28.20 -10.31
C HIS B 284 -17.76 28.15 -11.63
N TYR B 285 -18.25 27.36 -12.59
CA TYR B 285 -17.66 27.46 -13.92
C TYR B 285 -17.92 28.80 -14.60
N TYR B 286 -19.09 29.40 -14.35
CA TYR B 286 -19.35 30.75 -14.87
C TYR B 286 -18.40 31.77 -14.26
N ASN B 287 -18.11 31.66 -12.96
CA ASN B 287 -17.17 32.58 -12.32
C ASN B 287 -15.75 32.37 -12.83
N PHE B 288 -15.35 31.11 -13.04
CA PHE B 288 -14.04 30.82 -13.61
C PHE B 288 -13.90 31.40 -15.02
N GLU B 289 -14.92 31.45 -15.80
CA GLU B 289 -14.79 32.01 -17.08
C GLU B 289 -14.87 33.46 -17.04
N ARG B 290 -15.67 33.99 -16.17
CA ARG B 290 -15.76 35.45 -16.09
C ARG B 290 -14.47 36.06 -15.56
N SER B 291 -13.71 35.32 -14.77
CA SER B 291 -12.43 35.81 -14.25
C SER B 291 -11.28 35.55 -15.20
N LYS B 292 -11.54 35.43 -16.50
CA LYS B 292 -10.49 35.30 -17.50
C LYS B 292 -10.60 36.39 -18.56
N ARG B 293 -11.27 37.49 -18.25
CA ARG B 293 -11.38 38.63 -19.15
C ARG B 293 -10.79 39.87 -18.51
N LYS C 7 0.63 31.60 13.96
CA LYS C 7 0.48 31.55 12.51
C LYS C 7 -0.06 30.21 12.06
N TYR C 8 -1.27 30.22 11.51
CA TYR C 8 -1.95 29.01 11.07
C TYR C 8 -2.07 29.00 9.57
N VAL C 9 -1.78 27.87 8.95
CA VAL C 9 -1.90 27.70 7.51
C VAL C 9 -3.27 27.09 7.22
N LEU C 10 -4.13 27.85 6.55
CA LEU C 10 -5.46 27.37 6.18
C LEU C 10 -5.47 26.77 4.79
N ASP C 11 -4.88 27.47 3.83
CA ASP C 11 -4.76 26.96 2.46
C ASP C 11 -3.28 26.89 2.09
N PRO C 12 -2.71 25.70 1.95
CA PRO C 12 -1.30 25.58 1.58
C PRO C 12 -1.10 25.77 0.07
N VAL C 13 0.14 25.61 -0.36
CA VAL C 13 0.53 25.82 -1.74
C VAL C 13 0.16 24.59 -2.57
N SER C 14 -0.56 24.80 -3.66
CA SER C 14 -1.02 23.70 -4.49
C SER C 14 0.11 23.22 -5.38
N ILE C 15 0.47 21.94 -5.27
CA ILE C 15 1.54 21.33 -6.05
C ILE C 15 1.00 20.17 -6.86
N LYS C 16 1.89 19.55 -7.64
CA LYS C 16 1.52 18.47 -8.55
C LYS C 16 2.78 17.69 -8.91
N SER C 17 2.75 16.38 -8.73
CA SER C 17 3.91 15.55 -9.04
C SER C 17 3.69 14.68 -10.28
N VAL C 18 2.77 15.08 -11.16
CA VAL C 18 2.43 14.32 -12.35
C VAL C 18 2.53 15.25 -13.56
N CYS C 19 2.42 14.68 -14.76
CA CYS C 19 2.51 15.45 -15.98
C CYS C 19 1.51 14.92 -16.99
N GLY C 20 1.36 15.64 -18.10
CA GLY C 20 0.47 15.23 -19.17
C GLY C 20 1.12 14.25 -20.11
N GLY C 21 0.36 13.88 -21.15
CA GLY C 21 0.87 12.93 -22.12
C GLY C 21 1.92 13.51 -23.04
N GLU C 22 1.79 14.80 -23.36
CA GLU C 22 2.77 15.47 -24.22
C GLU C 22 4.11 15.61 -23.52
N GLU C 23 4.09 16.01 -22.25
CA GLU C 23 5.32 16.10 -21.46
C GLU C 23 5.93 14.74 -21.21
N SER C 24 5.10 13.69 -21.06
CA SER C 24 5.62 12.34 -20.92
C SER C 24 6.29 11.86 -22.20
N TYR C 25 5.73 12.21 -23.37
CA TYR C 25 6.37 11.86 -24.63
C TYR C 25 7.70 12.59 -24.80
N ILE C 26 7.74 13.88 -24.45
CA ILE C 26 8.96 14.66 -24.59
C ILE C 26 10.03 14.15 -23.64
N ARG C 27 9.64 13.81 -22.41
CA ARG C 27 10.55 13.19 -21.45
C ARG C 27 11.06 11.84 -21.92
N CYS C 28 10.24 11.04 -22.58
CA CYS C 28 10.69 9.75 -23.10
C CYS C 28 11.64 9.89 -24.28
N VAL C 29 11.40 10.85 -25.18
CA VAL C 29 12.31 11.06 -26.30
C VAL C 29 13.64 11.63 -25.79
N GLU C 30 13.61 12.54 -24.82
CA GLU C 30 14.85 13.06 -24.25
C GLU C 30 15.58 12.01 -23.41
N TYR C 31 14.85 11.06 -22.84
CA TYR C 31 15.47 9.98 -22.10
C TYR C 31 16.16 8.99 -23.02
N GLY C 32 15.51 8.65 -24.14
CA GLY C 32 16.15 7.78 -25.12
C GLY C 32 17.25 8.43 -25.92
N LYS C 33 17.25 9.76 -26.00
CA LYS C 33 18.32 10.46 -26.71
C LYS C 33 19.62 10.44 -25.93
N LYS C 34 19.56 10.34 -24.60
CA LYS C 34 20.76 10.37 -23.78
C LYS C 34 21.56 9.07 -23.85
N LYS C 35 20.92 7.94 -24.17
CA LYS C 35 21.61 6.66 -24.23
C LYS C 35 22.59 6.59 -25.38
N ALA C 36 22.39 7.37 -26.44
CA ALA C 36 23.31 7.37 -27.56
C ALA C 36 24.53 8.25 -27.34
N HIS C 37 24.60 8.97 -26.21
CA HIS C 37 25.70 9.86 -25.92
C HIS C 37 26.67 9.31 -24.89
N TYR C 38 26.33 8.21 -24.23
CA TYR C 38 27.27 7.54 -23.34
C TYR C 38 28.40 6.91 -24.16
N SER C 39 29.50 6.62 -23.48
CA SER C 39 30.53 5.83 -24.12
C SER C 39 30.13 4.37 -24.15
N ASN C 40 30.93 3.56 -24.85
CA ASN C 40 30.59 2.15 -25.02
C ASN C 40 30.76 1.37 -23.72
N LEU C 41 31.81 1.68 -22.96
CA LEU C 41 32.05 0.99 -21.71
C LEU C 41 31.08 1.42 -20.62
N ASN C 42 30.63 2.67 -20.64
CA ASN C 42 29.64 3.15 -19.69
C ASN C 42 28.30 2.48 -19.91
N LEU C 43 27.84 2.43 -21.17
CA LEU C 43 26.60 1.74 -21.52
C LEU C 43 26.71 0.24 -21.27
N LEU C 44 27.88 -0.35 -21.51
CA LEU C 44 28.08 -1.77 -21.25
C LEU C 44 28.01 -2.09 -19.77
N ALA C 45 28.64 -1.26 -18.93
CA ALA C 45 28.58 -1.48 -17.48
C ALA C 45 27.17 -1.29 -16.94
N LYS C 46 26.43 -0.31 -17.45
CA LYS C 46 25.04 -0.13 -17.01
C LYS C 46 24.17 -1.32 -17.44
N ALA C 47 24.39 -1.85 -18.64
CA ALA C 47 23.64 -3.02 -19.09
C ALA C 47 23.96 -4.27 -18.28
N ILE C 48 25.24 -4.47 -17.91
CA ILE C 48 25.62 -5.61 -17.08
C ILE C 48 25.01 -5.50 -15.69
N LEU C 49 24.98 -4.28 -15.13
CA LEU C 49 24.32 -4.07 -13.84
C LEU C 49 22.82 -4.35 -13.91
N ALA C 50 22.16 -3.95 -14.99
CA ALA C 50 20.72 -4.20 -15.13
C ALA C 50 20.41 -5.70 -15.26
N GLY C 51 21.21 -6.43 -16.02
CA GLY C 51 21.04 -7.87 -16.08
C GLY C 51 21.29 -8.56 -14.75
N MET C 52 22.26 -8.06 -13.98
CA MET C 52 22.51 -8.59 -12.64
C MET C 52 21.34 -8.34 -11.70
N PHE C 53 20.71 -7.16 -11.78
CA PHE C 53 19.55 -6.88 -10.94
C PHE C 53 18.35 -7.76 -11.30
N VAL C 54 18.16 -8.00 -12.60
CA VAL C 54 17.08 -8.89 -13.05
C VAL C 54 17.30 -10.30 -12.53
N GLY C 55 18.53 -10.81 -12.64
CA GLY C 55 18.85 -12.11 -12.07
C GLY C 55 18.72 -12.20 -10.56
N LEU C 56 19.06 -11.12 -9.84
CA LEU C 56 18.91 -11.05 -8.39
C LEU C 56 17.46 -11.22 -7.96
N CYS C 57 16.59 -10.38 -8.50
CA CYS C 57 15.21 -10.45 -8.06
C CYS C 57 14.45 -11.63 -8.66
N ALA C 58 14.94 -12.22 -9.75
CA ALA C 58 14.34 -13.46 -10.23
C ALA C 58 14.76 -14.67 -9.40
N HIS C 59 15.99 -14.68 -8.86
CA HIS C 59 16.36 -15.69 -7.86
C HIS C 59 15.50 -15.58 -6.62
N ALA C 60 15.30 -14.35 -6.13
CA ALA C 60 14.45 -14.14 -4.96
C ALA C 60 13.00 -14.56 -5.21
N SER C 61 12.48 -14.26 -6.40
CA SER C 61 11.13 -14.65 -6.76
C SER C 61 10.99 -16.15 -6.95
N GLY C 62 12.01 -16.82 -7.47
CA GLY C 62 11.96 -18.26 -7.61
C GLY C 62 11.97 -18.98 -6.29
N ILE C 63 12.74 -18.48 -5.32
CA ILE C 63 12.70 -19.06 -3.98
C ILE C 63 11.35 -18.80 -3.30
N ALA C 64 10.84 -17.57 -3.43
CA ALA C 64 9.55 -17.23 -2.84
C ALA C 64 8.39 -17.99 -3.47
N GLY C 65 8.49 -18.33 -4.76
CA GLY C 65 7.45 -19.12 -5.40
C GLY C 65 7.58 -20.60 -5.16
N GLY C 66 8.81 -21.11 -5.01
CA GLY C 66 9.00 -22.50 -4.66
C GLY C 66 8.69 -22.82 -3.22
N LEU C 67 8.64 -21.80 -2.35
CA LEU C 67 8.14 -22.03 -1.00
C LEU C 67 6.66 -22.39 -1.01
N PHE C 68 5.86 -21.70 -1.81
CA PHE C 68 4.44 -21.95 -1.91
C PHE C 68 4.10 -23.06 -2.89
N TYR C 69 5.11 -23.73 -3.44
CA TYR C 69 4.93 -24.86 -4.33
C TYR C 69 5.13 -26.18 -3.59
N TYR C 70 4.93 -26.15 -2.27
CA TYR C 70 5.06 -27.33 -1.44
C TYR C 70 4.03 -28.38 -1.84
N HIS C 71 4.41 -29.66 -1.78
CA HIS C 71 3.67 -30.70 -2.47
C HIS C 71 2.30 -30.98 -1.86
N LYS C 72 2.08 -30.61 -0.60
CA LYS C 72 0.76 -30.73 0.00
C LYS C 72 -0.11 -29.52 -0.28
N LEU C 73 0.48 -28.33 -0.40
CA LEU C 73 -0.24 -27.15 -0.81
C LEU C 73 -0.53 -27.16 -2.31
N ARG C 74 0.37 -27.76 -3.10
CA ARG C 74 0.21 -27.87 -4.53
C ARG C 74 -0.96 -28.76 -4.92
N GLU C 75 -1.35 -29.69 -4.05
CA GLU C 75 -2.48 -30.57 -4.33
C GLU C 75 -3.81 -29.86 -4.21
N ILE C 76 -3.88 -28.76 -3.48
CA ILE C 76 -5.12 -28.04 -3.24
C ILE C 76 -5.25 -26.84 -4.17
N VAL C 77 -4.22 -25.99 -4.22
CA VAL C 77 -4.32 -24.74 -4.97
C VAL C 77 -3.62 -24.80 -6.32
N GLY C 78 -2.92 -25.88 -6.63
CA GLY C 78 -2.19 -25.93 -7.89
C GLY C 78 -0.96 -25.04 -7.83
N ALA C 79 -0.76 -24.27 -8.88
CA ALA C 79 0.36 -23.34 -8.97
C ALA C 79 -0.05 -21.89 -8.79
N SER C 80 -1.18 -21.64 -8.14
CA SER C 80 -1.74 -20.29 -8.11
C SER C 80 -0.95 -19.39 -7.15
N MET C 81 -0.76 -19.85 -5.92
CA MET C 81 -0.04 -19.07 -4.92
C MET C 81 1.44 -18.93 -5.23
N SER C 82 2.02 -19.92 -5.92
CA SER C 82 3.41 -19.81 -6.37
C SER C 82 3.60 -18.67 -7.36
N VAL C 83 2.72 -18.60 -8.37
CA VAL C 83 2.82 -17.54 -9.37
C VAL C 83 2.46 -16.18 -8.77
N PHE C 84 1.53 -16.15 -7.81
CA PHE C 84 1.20 -14.89 -7.15
C PHE C 84 2.36 -14.37 -6.31
N VAL C 85 3.04 -15.23 -5.55
CA VAL C 85 4.14 -14.77 -4.73
C VAL C 85 5.37 -14.45 -5.59
N TYR C 86 5.53 -15.14 -6.72
CA TYR C 86 6.54 -14.75 -7.71
C TYR C 86 6.29 -13.35 -8.25
N GLY C 87 5.06 -13.06 -8.68
CA GLY C 87 4.73 -11.74 -9.18
C GLY C 87 4.72 -10.66 -8.13
N PHE C 88 4.54 -11.03 -6.86
CA PHE C 88 4.67 -10.08 -5.77
C PHE C 88 6.13 -9.76 -5.48
N THR C 89 7.03 -10.76 -5.60
CA THR C 89 8.42 -10.56 -5.22
C THR C 89 9.23 -9.90 -6.33
N PHE C 90 8.83 -10.12 -7.59
CA PHE C 90 9.66 -9.67 -8.71
C PHE C 90 9.82 -8.15 -8.94
N PRO C 91 8.80 -7.27 -8.85
CA PRO C 91 8.94 -5.92 -9.44
C PRO C 91 9.94 -4.98 -8.80
N ILE C 92 10.70 -5.37 -7.82
CA ILE C 92 11.64 -4.46 -7.25
C ILE C 92 12.88 -4.45 -8.08
N ALA C 93 12.91 -5.17 -9.17
CA ALA C 93 14.06 -5.26 -10.01
C ALA C 93 14.20 -4.08 -10.84
N PHE C 94 13.09 -3.45 -11.14
CA PHE C 94 13.05 -2.31 -11.99
C PHE C 94 13.30 -1.05 -11.24
N MET C 95 13.21 -1.09 -9.94
CA MET C 95 13.49 0.02 -9.12
C MET C 95 14.96 0.05 -8.94
N CYS C 96 15.61 -1.08 -8.91
CA CYS C 96 17.03 -1.19 -8.77
C CYS C 96 17.67 -0.71 -9.99
N ILE C 97 17.08 -0.96 -11.13
CA ILE C 97 17.60 -0.55 -12.40
C ILE C 97 17.41 0.90 -12.57
N ILE C 98 16.29 1.43 -12.18
CA ILE C 98 16.05 2.86 -12.36
C ILE C 98 16.89 3.70 -11.40
N CYS C 99 16.94 3.32 -10.13
CA CYS C 99 17.58 4.18 -9.13
C CYS C 99 19.10 4.22 -9.26
N THR C 100 19.72 3.22 -9.87
CA THR C 100 21.14 3.29 -10.15
C THR C 100 21.46 3.86 -11.52
N GLY C 101 20.46 4.04 -12.38
CA GLY C 101 20.72 4.56 -13.71
C GLY C 101 21.15 3.53 -14.74
N SER C 102 20.86 2.25 -14.50
CA SER C 102 21.19 1.18 -15.42
C SER C 102 20.18 1.15 -16.57
N ASP C 103 20.56 0.51 -17.67
CA ASP C 103 19.69 0.45 -18.85
C ASP C 103 19.34 -1.00 -19.18
N LEU C 104 18.06 -1.24 -19.39
CA LEU C 104 17.54 -2.52 -19.84
C LEU C 104 17.16 -2.41 -21.31
N PHE C 105 17.28 -3.54 -22.01
CA PHE C 105 17.00 -3.56 -23.45
C PHE C 105 15.52 -3.31 -23.74
N THR C 106 14.65 -3.91 -22.95
CA THR C 106 13.21 -3.80 -23.16
C THR C 106 12.68 -2.42 -22.86
N GLY C 107 13.31 -1.69 -21.93
CA GLY C 107 12.95 -0.29 -21.76
C GLY C 107 13.46 0.57 -22.89
N ASN C 108 14.63 0.24 -23.42
CA ASN C 108 15.23 1.00 -24.51
C ASN C 108 14.48 0.84 -25.82
N THR C 109 13.79 -0.29 -26.04
CA THR C 109 13.06 -0.52 -27.29
C THR C 109 11.97 0.50 -27.57
N LEU C 110 11.45 1.17 -26.55
CA LEU C 110 10.52 2.28 -26.75
C LEU C 110 11.23 3.61 -26.89
N ALA C 111 12.08 3.96 -25.93
CA ALA C 111 12.64 5.31 -25.82
C ALA C 111 13.67 5.60 -26.91
N VAL C 112 14.60 4.66 -27.15
CA VAL C 112 15.63 4.91 -28.15
C VAL C 112 15.04 4.83 -29.55
N THR C 113 14.00 4.03 -29.75
CA THR C 113 13.33 3.99 -31.04
C THR C 113 12.51 5.26 -31.28
N MET C 114 11.90 5.81 -30.22
CA MET C 114 11.22 7.10 -30.34
C MET C 114 12.18 8.22 -30.68
N ALA C 115 13.36 8.21 -30.07
CA ALA C 115 14.38 9.18 -30.44
C ALA C 115 14.95 8.93 -31.84
N LEU C 116 14.89 7.69 -32.32
CA LEU C 116 15.24 7.42 -33.71
C LEU C 116 14.21 7.98 -34.67
N TYR C 117 12.92 7.88 -34.32
CA TYR C 117 11.85 8.41 -35.16
C TYR C 117 11.89 9.92 -35.25
N GLU C 118 12.30 10.59 -34.18
CA GLU C 118 12.35 12.04 -34.13
C GLU C 118 13.66 12.61 -34.66
N LYS C 119 14.46 11.78 -35.35
CA LYS C 119 15.76 12.15 -35.93
C LYS C 119 16.75 12.66 -34.89
N LYS C 120 16.65 12.16 -33.65
CA LYS C 120 17.59 12.53 -32.61
C LYS C 120 18.74 11.56 -32.47
N VAL C 121 18.57 10.32 -32.90
CA VAL C 121 19.60 9.30 -32.90
C VAL C 121 19.78 8.85 -34.35
N LYS C 122 21.03 8.68 -34.76
CA LYS C 122 21.30 8.14 -36.08
C LYS C 122 21.07 6.64 -36.11
N LEU C 123 21.19 6.04 -37.29
CA LEU C 123 20.85 4.63 -37.42
C LEU C 123 21.95 3.73 -36.85
N LEU C 124 23.22 4.05 -37.13
CA LEU C 124 24.33 3.27 -36.60
C LEU C 124 24.45 3.42 -35.09
N ASP C 125 24.18 4.61 -34.56
CA ASP C 125 24.11 4.79 -33.11
C ASP C 125 22.98 4.00 -32.49
N TYR C 126 21.85 3.88 -33.19
CA TYR C 126 20.73 3.07 -32.72
C TYR C 126 21.11 1.59 -32.63
N LEU C 127 21.71 1.05 -33.69
CA LEU C 127 22.14 -0.34 -33.70
C LEU C 127 23.23 -0.61 -32.67
N ARG C 128 24.15 0.34 -32.49
CA ARG C 128 25.21 0.21 -31.49
C ARG C 128 24.64 0.18 -30.07
N VAL C 129 23.71 1.08 -29.76
CA VAL C 129 23.12 1.14 -28.42
C VAL C 129 22.32 -0.12 -28.12
N MET C 130 21.51 -0.58 -29.09
CA MET C 130 20.69 -1.77 -28.86
C MET C 130 21.53 -3.04 -28.73
N THR C 131 22.60 -3.16 -29.55
CA THR C 131 23.48 -4.32 -29.48
C THR C 131 24.25 -4.37 -28.16
N ILE C 132 24.80 -3.24 -27.73
CA ILE C 132 25.56 -3.19 -26.48
C ILE C 132 24.66 -3.44 -25.28
N SER C 133 23.43 -2.91 -25.33
CA SER C 133 22.48 -3.12 -24.24
C SER C 133 22.04 -4.57 -24.12
N LEU C 134 21.74 -5.23 -25.25
CA LEU C 134 21.33 -6.63 -25.22
C LEU C 134 22.48 -7.54 -24.78
N PHE C 135 23.70 -7.28 -25.27
CA PHE C 135 24.84 -8.11 -24.90
C PHE C 135 25.19 -7.96 -23.42
N GLY C 136 25.14 -6.73 -22.90
CA GLY C 136 25.43 -6.54 -21.49
C GLY C 136 24.38 -7.12 -20.58
N ASN C 137 23.10 -7.04 -20.99
CA ASN C 137 22.04 -7.66 -20.20
C ASN C 137 22.17 -9.18 -20.16
N TYR C 138 22.53 -9.79 -21.30
CA TYR C 138 22.81 -11.22 -21.34
C TYR C 138 23.96 -11.60 -20.42
N VAL C 139 25.06 -10.84 -20.48
CA VAL C 139 26.24 -11.16 -19.69
C VAL C 139 25.95 -11.04 -18.19
N GLY C 140 25.24 -9.98 -17.80
CA GLY C 140 24.87 -9.81 -16.40
C GLY C 140 23.92 -10.87 -15.88
N ALA C 141 22.92 -11.25 -16.66
CA ALA C 141 21.98 -12.29 -16.23
C ALA C 141 22.60 -13.68 -16.15
N VAL C 142 23.44 -14.06 -17.12
CA VAL C 142 24.09 -15.36 -17.04
C VAL C 142 25.17 -15.38 -15.95
N SER C 143 25.82 -14.23 -15.69
CA SER C 143 26.80 -14.17 -14.62
C SER C 143 26.14 -14.29 -13.25
N PHE C 144 24.97 -13.69 -13.06
CA PHE C 144 24.27 -13.92 -11.80
C PHE C 144 23.71 -15.33 -11.71
N ALA C 145 23.28 -15.91 -12.83
CA ALA C 145 22.77 -17.29 -12.80
C ALA C 145 23.85 -18.29 -12.44
N PHE C 146 25.11 -18.01 -12.80
CA PHE C 146 26.16 -18.93 -12.39
C PHE C 146 26.70 -18.61 -11.00
N PHE C 147 27.11 -17.37 -10.75
CA PHE C 147 27.92 -17.08 -9.59
C PHE C 147 27.13 -17.02 -8.30
N VAL C 148 25.82 -16.80 -8.35
CA VAL C 148 24.98 -16.78 -7.16
C VAL C 148 23.98 -17.92 -7.15
N SER C 149 23.21 -18.07 -8.24
CA SER C 149 22.10 -19.02 -8.25
C SER C 149 22.60 -20.46 -8.32
N TYR C 150 23.62 -20.73 -9.14
CA TYR C 150 24.09 -22.10 -9.25
C TYR C 150 25.03 -22.46 -8.11
N LEU C 151 25.88 -21.53 -7.69
CA LEU C 151 26.89 -21.84 -6.70
C LEU C 151 26.34 -21.91 -5.28
N SER C 152 25.12 -21.44 -5.04
CA SER C 152 24.50 -21.55 -3.72
C SER C 152 23.71 -22.83 -3.52
N GLY C 153 23.42 -23.57 -4.58
CA GLY C 153 22.69 -24.81 -4.46
C GLY C 153 21.24 -24.66 -4.09
N ALA C 154 20.63 -23.52 -4.41
CA ALA C 154 19.25 -23.26 -4.01
C ALA C 154 18.24 -24.05 -4.83
N PHE C 155 18.55 -24.33 -6.10
CA PHE C 155 17.64 -25.03 -7.00
C PHE C 155 18.17 -26.40 -7.38
N THR C 156 18.87 -27.07 -6.47
CA THR C 156 19.40 -28.40 -6.73
C THR C 156 18.29 -29.43 -6.61
N ASN C 157 18.28 -30.38 -7.54
CA ASN C 157 17.39 -31.54 -7.46
C ASN C 157 17.80 -32.40 -6.27
N VAL C 158 16.97 -32.42 -5.22
CA VAL C 158 17.25 -33.19 -4.02
C VAL C 158 16.42 -34.45 -3.93
N HIS C 159 15.56 -34.72 -4.92
CA HIS C 159 14.90 -35.99 -5.23
C HIS C 159 13.83 -36.43 -4.24
N ALA C 160 13.65 -35.72 -3.14
CA ALA C 160 12.62 -36.03 -2.16
C ALA C 160 11.49 -35.03 -2.30
N VAL C 161 10.25 -35.55 -2.47
CA VAL C 161 9.12 -34.73 -2.88
C VAL C 161 8.74 -33.70 -1.81
N GLU C 162 9.06 -33.95 -0.54
CA GLU C 162 8.78 -32.97 0.50
C GLU C 162 9.83 -31.88 0.57
N LYS C 163 10.95 -32.01 -0.13
CA LYS C 163 12.01 -31.02 -0.12
C LYS C 163 12.33 -30.44 -1.49
N ASN C 164 11.83 -31.03 -2.58
CA ASN C 164 12.24 -30.67 -3.93
C ASN C 164 11.37 -29.59 -4.55
N HIS C 165 10.70 -28.76 -3.75
CA HIS C 165 9.73 -27.83 -4.29
C HIS C 165 10.33 -26.56 -4.86
N PHE C 166 11.64 -26.37 -4.77
CA PHE C 166 12.29 -25.26 -5.48
C PHE C 166 12.74 -25.69 -6.87
N PHE C 167 13.39 -26.85 -6.95
CA PHE C 167 13.72 -27.44 -8.25
C PHE C 167 12.47 -27.74 -9.05
N GLN C 168 11.40 -28.21 -8.41
CA GLN C 168 10.21 -28.56 -9.16
C GLN C 168 9.49 -27.34 -9.68
N PHE C 169 9.51 -26.24 -8.93
CA PHE C 169 8.93 -25.00 -9.42
C PHE C 169 9.74 -24.45 -10.59
N LEU C 170 11.07 -24.48 -10.48
CA LEU C 170 11.91 -24.04 -11.60
C LEU C 170 11.74 -24.94 -12.82
N ASN C 171 11.61 -26.25 -12.60
CA ASN C 171 11.44 -27.21 -13.69
C ASN C 171 10.12 -27.02 -14.40
N ASP C 172 9.03 -26.83 -13.65
CA ASP C 172 7.72 -26.68 -14.26
C ASP C 172 7.56 -25.31 -14.92
N ILE C 173 8.16 -24.26 -14.36
CA ILE C 173 8.13 -22.95 -15.01
C ILE C 173 8.95 -22.98 -16.30
N ALA C 174 10.13 -23.59 -16.27
CA ALA C 174 10.97 -23.67 -17.45
C ALA C 174 10.42 -24.62 -18.49
N GLU C 175 9.59 -25.59 -18.11
CA GLU C 175 8.93 -26.45 -19.07
C GLU C 175 7.69 -25.82 -19.66
N LYS C 176 7.00 -24.97 -18.89
CA LYS C 176 5.82 -24.29 -19.40
C LYS C 176 6.18 -23.26 -20.47
N LYS C 177 7.24 -22.49 -20.27
CA LYS C 177 7.62 -21.44 -21.19
C LYS C 177 8.50 -21.92 -22.33
N VAL C 178 8.68 -23.22 -22.51
CA VAL C 178 9.50 -23.72 -23.61
C VAL C 178 8.67 -24.57 -24.57
N HIS C 179 7.39 -24.72 -24.27
CA HIS C 179 6.51 -25.50 -25.11
C HIS C 179 5.55 -24.77 -26.05
N HIS C 180 5.68 -23.46 -26.15
CA HIS C 180 4.86 -22.65 -27.01
C HIS C 180 5.27 -22.86 -28.45
N THR C 181 4.41 -22.47 -29.38
CA THR C 181 4.73 -22.51 -30.80
C THR C 181 5.36 -21.14 -31.02
N PHE C 182 5.83 -20.85 -32.21
CA PHE C 182 6.48 -19.58 -32.49
C PHE C 182 5.53 -18.40 -32.28
N VAL C 183 4.32 -18.51 -32.82
CA VAL C 183 3.36 -17.41 -32.79
C VAL C 183 2.86 -17.14 -31.37
N GLU C 184 2.70 -18.20 -30.57
CA GLU C 184 2.28 -18.03 -29.18
C GLU C 184 3.33 -17.31 -28.35
N CYS C 185 4.60 -17.67 -28.52
CA CYS C 185 5.67 -17.01 -27.79
C CYS C 185 5.86 -15.56 -28.25
N VAL C 186 5.66 -15.28 -29.54
CA VAL C 186 5.74 -13.91 -30.03
C VAL C 186 4.60 -13.07 -29.44
N SER C 187 3.39 -13.63 -29.36
CA SER C 187 2.25 -12.90 -28.81
C SER C 187 2.40 -12.63 -27.31
N LEU C 188 2.89 -13.62 -26.56
CA LEU C 188 3.14 -13.41 -25.14
C LEU C 188 4.28 -12.43 -24.88
N ALA C 189 5.30 -12.41 -25.74
CA ALA C 189 6.36 -11.42 -25.62
C ALA C 189 5.89 -10.00 -25.95
N VAL C 190 4.98 -9.86 -26.91
CA VAL C 190 4.38 -8.56 -27.21
C VAL C 190 3.60 -8.06 -26.00
N GLY C 191 2.78 -8.93 -25.41
CA GLY C 191 2.06 -8.59 -24.19
C GLY C 191 2.95 -8.24 -23.01
N CYS C 192 4.14 -8.86 -22.93
CA CYS C 192 5.09 -8.49 -21.88
C CYS C 192 5.67 -7.11 -22.09
N ASN C 193 6.19 -6.85 -23.29
CA ASN C 193 6.92 -5.61 -23.46
C ASN C 193 6.02 -4.39 -23.52
N ILE C 194 4.72 -4.56 -23.78
CA ILE C 194 3.81 -3.43 -23.59
C ILE C 194 3.79 -2.99 -22.12
N PHE C 195 3.68 -3.95 -21.18
CA PHE C 195 3.77 -3.63 -19.76
C PHE C 195 5.12 -3.05 -19.36
N VAL C 196 6.22 -3.56 -19.92
CA VAL C 196 7.54 -3.07 -19.51
C VAL C 196 7.77 -1.63 -20.00
N CYS C 197 7.41 -1.35 -21.25
CA CYS C 197 7.51 0.01 -21.76
C CYS C 197 6.56 0.97 -21.07
N LEU C 198 5.37 0.51 -20.68
CA LEU C 198 4.48 1.35 -19.88
C LEU C 198 5.01 1.60 -18.48
N ALA C 199 5.78 0.66 -17.91
CA ALA C 199 6.43 0.92 -16.63
C ALA C 199 7.52 1.97 -16.75
N VAL C 200 8.27 1.96 -17.86
CA VAL C 200 9.24 3.02 -18.13
C VAL C 200 8.53 4.37 -18.27
N TYR C 201 7.38 4.37 -18.95
CA TYR C 201 6.57 5.58 -19.11
C TYR C 201 6.03 6.08 -17.76
N PHE C 202 5.70 5.15 -16.85
CA PHE C 202 5.27 5.50 -15.50
C PHE C 202 6.39 6.16 -14.71
N VAL C 203 7.62 5.64 -14.84
CA VAL C 203 8.78 6.29 -14.22
C VAL C 203 8.98 7.70 -14.76
N LEU C 204 8.79 7.89 -16.07
CA LEU C 204 8.96 9.23 -16.63
C LEU C 204 7.80 10.17 -16.27
N THR C 205 6.64 9.65 -15.90
CA THR C 205 5.47 10.49 -15.63
C THR C 205 5.28 10.84 -14.15
N LEU C 206 5.20 9.83 -13.28
CA LEU C 206 4.89 10.05 -11.86
C LEU C 206 6.19 10.24 -11.10
N LYS C 207 6.51 11.50 -10.79
CA LYS C 207 7.81 11.87 -10.23
C LYS C 207 7.80 11.94 -8.71
N ASP C 208 7.34 10.89 -8.04
CA ASP C 208 7.45 10.80 -6.59
C ASP C 208 7.68 9.35 -6.21
N GLY C 209 7.78 9.09 -4.91
CA GLY C 209 8.20 7.78 -4.45
C GLY C 209 7.14 6.70 -4.61
N ALA C 210 5.89 7.02 -4.27
CA ALA C 210 4.81 6.06 -4.48
C ALA C 210 4.52 5.85 -5.95
N GLY C 211 4.63 6.91 -6.75
CA GLY C 211 4.47 6.76 -8.18
C GLY C 211 5.58 5.94 -8.83
N TYR C 212 6.79 5.98 -8.28
CA TYR C 212 7.81 5.05 -8.73
C TYR C 212 7.52 3.63 -8.29
N VAL C 213 7.20 3.43 -7.01
CA VAL C 213 7.16 2.08 -6.47
C VAL C 213 5.94 1.33 -6.98
N PHE C 214 4.75 1.88 -6.81
CA PHE C 214 3.55 1.06 -6.94
C PHE C 214 2.99 0.96 -8.35
N SER C 215 3.19 1.97 -9.19
CA SER C 215 2.82 1.82 -10.60
C SER C 215 3.68 0.75 -11.29
N VAL C 216 4.99 0.77 -11.02
CA VAL C 216 5.89 -0.25 -11.54
C VAL C 216 5.59 -1.61 -10.90
N PHE C 217 5.19 -1.62 -9.62
CA PHE C 217 4.82 -2.86 -8.95
C PHE C 217 3.62 -3.53 -9.63
N PHE C 218 2.55 -2.77 -9.84
CA PHE C 218 1.36 -3.33 -10.47
C PHE C 218 1.60 -3.71 -11.93
N ALA C 219 2.35 -2.90 -12.67
CA ALA C 219 2.67 -3.21 -14.06
C ALA C 219 3.55 -4.44 -14.22
N VAL C 220 4.49 -4.68 -13.31
CA VAL C 220 5.38 -5.82 -13.47
C VAL C 220 4.76 -7.09 -12.88
N TYR C 221 3.99 -6.95 -11.79
CA TYR C 221 3.19 -8.07 -11.28
C TYR C 221 2.18 -8.54 -12.32
N ALA C 222 1.61 -7.62 -13.09
CA ALA C 222 0.60 -7.97 -14.07
C ALA C 222 1.15 -8.82 -15.21
N PHE C 223 2.39 -8.63 -15.59
CA PHE C 223 2.99 -9.45 -16.61
C PHE C 223 3.63 -10.69 -16.02
N ALA C 224 4.03 -10.67 -14.74
CA ALA C 224 4.61 -11.84 -14.10
C ALA C 224 3.55 -12.89 -13.77
N ILE C 225 2.32 -12.47 -13.52
CA ILE C 225 1.24 -13.43 -13.28
C ILE C 225 0.50 -13.85 -14.55
N ALA C 226 0.68 -13.12 -15.65
CA ALA C 226 -0.02 -13.44 -16.89
C ALA C 226 0.68 -14.47 -17.75
N GLY C 227 1.89 -14.89 -17.40
CA GLY C 227 2.62 -15.77 -18.27
C GLY C 227 3.21 -15.12 -19.48
N TYR C 228 3.38 -13.80 -19.45
CA TYR C 228 4.01 -13.06 -20.52
C TYR C 228 5.53 -13.25 -20.47
N GLU C 229 6.19 -13.09 -21.61
CA GLU C 229 7.58 -13.52 -21.80
C GLU C 229 8.51 -12.32 -21.91
N HIS C 230 9.39 -12.16 -20.91
CA HIS C 230 10.42 -11.13 -20.88
C HIS C 230 11.74 -11.75 -21.27
N ILE C 231 12.51 -11.06 -22.12
CA ILE C 231 13.70 -11.69 -22.70
C ILE C 231 14.82 -11.82 -21.68
N ILE C 232 14.97 -10.85 -20.78
CA ILE C 232 16.09 -10.89 -19.85
C ILE C 232 15.78 -11.84 -18.70
N ALA C 233 14.54 -11.85 -18.22
CA ALA C 233 14.12 -12.82 -17.21
C ALA C 233 14.17 -14.24 -17.74
N ASN C 234 13.86 -14.45 -19.02
CA ASN C 234 14.01 -15.76 -19.63
C ASN C 234 15.47 -16.14 -19.83
N ILE C 235 16.34 -15.17 -20.13
CA ILE C 235 17.78 -15.43 -20.23
C ILE C 235 18.32 -15.91 -18.89
N TYR C 236 17.85 -15.33 -17.78
CA TYR C 236 18.23 -15.85 -16.47
C TYR C 236 17.64 -17.24 -16.24
N THR C 237 16.32 -17.38 -16.44
CA THR C 237 15.58 -18.55 -15.97
C THR C 237 15.95 -19.81 -16.75
N LEU C 238 16.04 -19.71 -18.08
CA LEU C 238 16.38 -20.88 -18.87
C LEU C 238 17.83 -21.30 -18.69
N ASN C 239 18.73 -20.36 -18.40
CA ASN C 239 20.12 -20.73 -18.16
C ASN C 239 20.33 -21.34 -16.79
N ILE C 240 19.63 -20.86 -15.75
CA ILE C 240 19.73 -21.53 -14.46
C ILE C 240 19.00 -22.87 -14.49
N ALA C 241 17.96 -23.00 -15.33
CA ALA C 241 17.31 -24.30 -15.51
C ALA C 241 18.18 -25.27 -16.29
N LEU C 242 19.02 -24.78 -17.19
CA LEU C 242 20.00 -25.66 -17.83
C LEU C 242 21.14 -26.02 -16.90
N MET C 243 21.46 -25.14 -15.95
CA MET C 243 22.58 -25.41 -15.04
C MET C 243 22.25 -26.49 -14.02
N VAL C 244 21.02 -26.50 -13.50
CA VAL C 244 20.65 -27.42 -12.43
C VAL C 244 19.99 -28.67 -13.00
N ASN C 245 20.07 -28.83 -14.32
CA ASN C 245 19.66 -30.02 -15.06
C ASN C 245 18.17 -30.33 -14.88
N THR C 246 17.36 -29.41 -15.41
CA THR C 246 15.93 -29.65 -15.56
C THR C 246 15.71 -30.43 -16.85
N LYS C 247 14.45 -30.55 -17.28
CA LYS C 247 14.15 -31.39 -18.43
C LYS C 247 14.36 -30.70 -19.77
N ILE C 248 14.55 -29.38 -19.79
CA ILE C 248 14.71 -28.67 -21.05
C ILE C 248 16.11 -28.88 -21.62
N THR C 249 16.25 -28.63 -22.91
CA THR C 249 17.53 -28.69 -23.60
C THR C 249 17.95 -27.30 -24.04
N VAL C 250 19.13 -27.20 -24.64
CA VAL C 250 19.64 -25.89 -25.03
C VAL C 250 19.01 -25.42 -26.34
N TYR C 251 18.58 -26.36 -27.20
CA TYR C 251 17.86 -25.99 -28.40
C TYR C 251 16.47 -25.48 -28.06
N GLN C 252 15.81 -26.12 -27.10
CA GLN C 252 14.52 -25.66 -26.64
C GLN C 252 14.63 -24.30 -25.94
N ALA C 253 15.72 -24.10 -25.19
CA ALA C 253 15.88 -22.83 -24.48
C ALA C 253 16.16 -21.68 -25.44
N TYR C 254 17.03 -21.89 -26.43
CA TYR C 254 17.46 -20.75 -27.23
C TYR C 254 16.62 -20.55 -28.49
N ILE C 255 16.16 -21.62 -29.13
CA ILE C 255 15.40 -21.48 -30.36
C ILE C 255 13.90 -21.41 -30.10
N LYS C 256 13.39 -22.21 -29.17
CA LYS C 256 11.96 -22.28 -28.94
C LYS C 256 11.44 -21.23 -27.98
N ASN C 257 12.30 -20.56 -27.22
CA ASN C 257 11.83 -19.48 -26.35
C ASN C 257 12.52 -18.15 -26.60
N LEU C 258 13.85 -18.12 -26.69
CA LEU C 258 14.58 -16.86 -26.56
C LEU C 258 14.48 -15.99 -27.81
N LEU C 259 14.61 -16.58 -28.98
CA LEU C 259 14.44 -15.85 -30.24
C LEU C 259 13.01 -15.32 -30.47
N PRO C 260 11.92 -16.07 -30.25
CA PRO C 260 10.59 -15.44 -30.36
C PRO C 260 10.32 -14.41 -29.28
N THR C 261 10.90 -14.56 -28.09
CA THR C 261 10.75 -13.55 -27.06
C THR C 261 11.46 -12.25 -27.42
N LEU C 262 12.66 -12.35 -28.01
CA LEU C 262 13.36 -11.18 -28.50
C LEU C 262 12.58 -10.48 -29.61
N LEU C 263 12.05 -11.26 -30.55
CA LEU C 263 11.27 -10.69 -31.66
C LEU C 263 10.00 -10.00 -31.17
N GLY C 264 9.23 -10.65 -30.29
CA GLY C 264 8.02 -10.05 -29.78
C GLY C 264 8.26 -8.86 -28.88
N ASN C 265 9.33 -8.90 -28.08
CA ASN C 265 9.68 -7.77 -27.23
C ASN C 265 10.13 -6.57 -28.06
N TYR C 266 10.83 -6.79 -29.17
CA TYR C 266 11.17 -5.66 -30.02
C TYR C 266 9.96 -5.13 -30.77
N ILE C 267 9.04 -6.01 -31.18
CA ILE C 267 7.84 -5.59 -31.91
C ILE C 267 6.94 -4.74 -31.03
N ALA C 268 6.77 -5.11 -29.76
CA ALA C 268 5.88 -4.37 -28.89
C ALA C 268 6.41 -3.00 -28.51
N GLY C 269 7.72 -2.78 -28.57
CA GLY C 269 8.27 -1.49 -28.22
C GLY C 269 8.45 -0.58 -29.42
N ALA C 270 8.93 -1.13 -30.53
CA ALA C 270 9.24 -0.29 -31.67
C ALA C 270 8.04 0.01 -32.57
N ILE C 271 7.04 -0.86 -32.59
CA ILE C 271 5.97 -0.81 -33.58
C ILE C 271 4.60 -0.63 -32.94
N VAL C 272 4.27 -1.47 -31.95
CA VAL C 272 2.94 -1.44 -31.36
C VAL C 272 2.77 -0.19 -30.51
N LEU C 273 3.79 0.19 -29.76
CA LEU C 273 3.69 1.30 -28.83
C LEU C 273 4.38 2.57 -29.32
N GLY C 274 5.55 2.45 -29.96
CA GLY C 274 6.32 3.62 -30.30
C GLY C 274 5.80 4.40 -31.49
N LEU C 275 5.33 3.70 -32.50
CA LEU C 275 4.87 4.33 -33.74
C LEU C 275 3.53 5.07 -33.60
N PRO C 276 2.48 4.54 -32.93
CA PRO C 276 1.31 5.39 -32.70
C PRO C 276 1.57 6.57 -31.80
N LEU C 277 2.39 6.41 -30.76
CA LEU C 277 2.69 7.54 -29.87
C LEU C 277 3.52 8.60 -30.57
N TYR C 278 4.41 8.19 -31.48
CA TYR C 278 5.12 9.14 -32.32
C TYR C 278 4.17 9.92 -33.21
N PHE C 279 3.24 9.21 -33.88
CA PHE C 279 2.24 9.86 -34.71
C PHE C 279 1.35 10.82 -33.92
N ILE C 280 1.07 10.50 -32.66
CA ILE C 280 0.22 11.35 -31.85
C ILE C 280 0.97 12.61 -31.41
N TYR C 281 2.19 12.47 -30.87
CA TYR C 281 2.82 13.57 -30.16
C TYR C 281 4.03 14.18 -30.87
N LYS C 282 4.23 13.89 -32.16
CA LYS C 282 5.38 14.47 -32.84
C LYS C 282 5.27 15.97 -33.06
N GLU C 283 4.08 16.54 -33.18
CA GLU C 283 3.97 17.99 -33.28
C GLU C 283 4.25 18.68 -31.96
N HIS C 284 4.05 18.03 -30.85
CA HIS C 284 4.38 18.58 -29.58
C HIS C 284 5.79 18.54 -29.42
N TYR C 285 6.46 17.48 -29.76
CA TYR C 285 7.91 17.51 -29.71
C TYR C 285 8.51 18.55 -30.65
N TYR C 286 7.89 18.80 -31.80
CA TYR C 286 8.35 19.87 -32.68
C TYR C 286 8.19 21.24 -32.03
N ASN C 287 7.16 21.50 -31.28
CA ASN C 287 7.01 22.75 -30.60
C ASN C 287 7.98 22.83 -29.52
N PHE C 288 8.14 21.81 -28.72
CA PHE C 288 9.14 21.84 -27.66
C PHE C 288 10.53 22.17 -28.20
N GLU C 289 10.86 21.75 -29.39
CA GLU C 289 12.13 22.05 -29.93
C GLU C 289 12.19 23.36 -30.54
N ARG C 290 11.09 23.82 -31.06
CA ARG C 290 11.07 25.15 -31.65
C ARG C 290 11.08 26.23 -30.58
N SER C 291 10.59 25.94 -29.37
CA SER C 291 10.61 26.89 -28.27
C SER C 291 11.90 26.84 -27.46
N LYS C 292 12.99 26.40 -28.07
CA LYS C 292 14.31 26.44 -27.44
C LYS C 292 15.31 27.23 -28.27
N ARG C 293 14.83 28.10 -29.15
CA ARG C 293 15.70 28.95 -29.95
C ARG C 293 15.39 30.41 -29.67
N LYS D 7 -10.85 32.18 -6.35
CA LYS D 7 -9.57 31.83 -6.92
C LYS D 7 -9.42 30.32 -7.06
N TYR D 8 -9.35 29.84 -8.30
CA TYR D 8 -9.27 28.41 -8.60
C TYR D 8 -7.90 28.11 -9.19
N VAL D 9 -7.30 27.02 -8.72
CA VAL D 9 -6.01 26.57 -9.23
C VAL D 9 -6.27 25.51 -10.30
N LEU D 10 -5.94 25.83 -11.54
CA LEU D 10 -6.09 24.90 -12.65
C LEU D 10 -4.84 24.09 -12.90
N ASP D 11 -3.69 24.74 -12.94
CA ASP D 11 -2.41 24.06 -13.09
C ASP D 11 -1.54 24.40 -11.89
N PRO D 12 -1.25 23.45 -11.02
CA PRO D 12 -0.40 23.71 -9.86
C PRO D 12 1.09 23.68 -10.24
N VAL D 13 1.93 23.84 -9.23
CA VAL D 13 3.38 23.91 -9.42
C VAL D 13 3.92 22.50 -9.56
N SER D 14 4.69 22.27 -10.62
CA SER D 14 5.24 20.95 -10.89
C SER D 14 6.46 20.70 -10.01
N ILE D 15 6.40 19.63 -9.21
CA ILE D 15 7.48 19.27 -8.30
C ILE D 15 7.98 17.87 -8.61
N LYS D 16 8.99 17.43 -7.86
CA LYS D 16 9.64 16.14 -8.08
C LYS D 16 10.38 15.77 -6.82
N SER D 17 10.14 14.55 -6.32
CA SER D 17 10.81 14.10 -5.10
C SER D 17 11.82 12.99 -5.38
N VAL D 18 12.32 12.92 -6.61
CA VAL D 18 13.27 11.89 -7.02
C VAL D 18 14.48 12.57 -7.66
N CYS D 19 15.51 11.77 -7.93
CA CYS D 19 16.74 12.30 -8.52
C CYS D 19 17.27 11.31 -9.54
N GLY D 20 18.30 11.73 -10.28
CA GLY D 20 18.94 10.87 -11.26
C GLY D 20 19.99 9.98 -10.64
N GLY D 21 20.66 9.22 -11.50
CA GLY D 21 21.70 8.31 -11.04
C GLY D 21 22.97 9.03 -10.62
N GLU D 22 23.29 10.13 -11.30
CA GLU D 22 24.48 10.91 -10.96
C GLU D 22 24.33 11.59 -9.62
N GLU D 23 23.16 12.19 -9.37
CA GLU D 23 22.88 12.80 -8.08
C GLU D 23 22.79 11.77 -6.97
N SER D 24 22.30 10.57 -7.26
CA SER D 24 22.28 9.50 -6.28
C SER D 24 23.69 9.03 -5.93
N TYR D 25 24.58 8.96 -6.92
CA TYR D 25 25.98 8.62 -6.64
C TYR D 25 26.66 9.69 -5.80
N ILE D 26 26.42 10.96 -6.12
CA ILE D 26 27.05 12.05 -5.38
C ILE D 26 26.52 12.09 -3.94
N ARG D 27 25.21 11.86 -3.77
CA ARG D 27 24.62 11.75 -2.45
C ARG D 27 25.17 10.57 -1.65
N CYS D 28 25.44 9.44 -2.31
CA CYS D 28 26.02 8.29 -1.61
C CYS D 28 27.47 8.51 -1.21
N VAL D 29 28.26 9.16 -2.06
CA VAL D 29 29.66 9.45 -1.69
C VAL D 29 29.70 10.49 -0.57
N GLU D 30 28.83 11.50 -0.62
CA GLU D 30 28.79 12.48 0.46
C GLU D 30 28.22 11.89 1.74
N TYR D 31 27.36 10.88 1.64
CA TYR D 31 26.83 10.20 2.82
C TYR D 31 27.90 9.34 3.48
N GLY D 32 28.68 8.61 2.67
CA GLY D 32 29.77 7.83 3.23
C GLY D 32 30.95 8.64 3.70
N LYS D 33 31.11 9.85 3.18
CA LYS D 33 32.19 10.71 3.65
C LYS D 33 31.94 11.26 5.05
N LYS D 34 30.67 11.37 5.46
CA LYS D 34 30.36 11.94 6.76
C LYS D 34 30.64 10.97 7.91
N LYS D 35 30.64 9.67 7.65
CA LYS D 35 30.88 8.68 8.70
C LYS D 35 32.31 8.71 9.22
N ALA D 36 33.26 9.18 8.42
CA ALA D 36 34.65 9.27 8.85
C ALA D 36 34.93 10.52 9.68
N HIS D 37 33.95 11.41 9.84
CA HIS D 37 34.12 12.64 10.58
C HIS D 37 33.49 12.62 11.95
N TYR D 38 32.69 11.60 12.27
CA TYR D 38 32.18 11.44 13.62
C TYR D 38 33.31 11.07 14.58
N SER D 39 33.07 11.27 15.86
CA SER D 39 34.00 10.75 16.84
C SER D 39 33.79 9.25 17.01
N ASN D 40 34.69 8.62 17.77
CA ASN D 40 34.65 7.17 17.93
C ASN D 40 33.45 6.75 18.78
N LEU D 41 33.15 7.49 19.83
CA LEU D 41 32.03 7.15 20.70
C LEU D 41 30.68 7.44 20.04
N ASN D 42 30.62 8.47 19.18
CA ASN D 42 29.40 8.78 18.46
C ASN D 42 29.07 7.68 17.45
N LEU D 43 30.08 7.27 16.67
CA LEU D 43 29.91 6.16 15.72
C LEU D 43 29.63 4.85 16.42
N LEU D 44 30.24 4.63 17.59
CA LEU D 44 30.00 3.41 18.36
C LEU D 44 28.58 3.36 18.90
N ALA D 45 28.07 4.48 19.41
CA ALA D 45 26.70 4.53 19.91
C ALA D 45 25.69 4.35 18.79
N LYS D 46 25.95 4.94 17.62
CA LYS D 46 25.04 4.74 16.48
C LYS D 46 25.05 3.30 15.99
N ALA D 47 26.22 2.63 16.01
CA ALA D 47 26.29 1.24 15.62
C ALA D 47 25.58 0.32 16.62
N ILE D 48 25.70 0.60 17.92
CA ILE D 48 25.02 -0.18 18.94
C ILE D 48 23.50 -0.02 18.82
N LEU D 49 23.03 1.21 18.52
CA LEU D 49 21.61 1.42 18.30
C LEU D 49 21.10 0.69 17.06
N ALA D 50 21.90 0.65 15.99
CA ALA D 50 21.48 -0.08 14.78
C ALA D 50 21.40 -1.58 14.99
N GLY D 51 22.37 -2.16 15.71
CA GLY D 51 22.28 -3.57 16.07
C GLY D 51 21.10 -3.88 16.96
N MET D 52 20.76 -2.96 17.88
CA MET D 52 19.59 -3.14 18.73
C MET D 52 18.29 -3.11 17.91
N PHE D 53 18.21 -2.22 16.91
CA PHE D 53 17.01 -2.17 16.07
C PHE D 53 16.86 -3.43 15.21
N VAL D 54 17.98 -3.96 14.72
CA VAL D 54 17.96 -5.20 13.94
C VAL D 54 17.47 -6.36 14.81
N GLY D 55 17.99 -6.47 16.04
CA GLY D 55 17.51 -7.47 16.99
C GLY D 55 16.05 -7.32 17.37
N LEU D 56 15.57 -6.08 17.52
CA LEU D 56 14.17 -5.81 17.83
C LEU D 56 13.23 -6.33 16.75
N CYS D 57 13.46 -5.93 15.51
CA CYS D 57 12.55 -6.36 14.47
C CYS D 57 12.76 -7.80 14.06
N ALA D 58 13.92 -8.39 14.33
CA ALA D 58 14.07 -9.82 14.11
C ALA D 58 13.39 -10.66 15.18
N HIS D 59 13.34 -10.19 16.43
CA HIS D 59 12.50 -10.83 17.44
C HIS D 59 11.02 -10.77 17.05
N ALA D 60 10.56 -9.60 16.59
CA ALA D 60 9.18 -9.47 16.14
C ALA D 60 8.86 -10.36 14.96
N SER D 61 9.79 -10.46 14.00
CA SER D 61 9.61 -11.32 12.84
C SER D 61 9.65 -12.80 13.20
N GLY D 62 10.48 -13.19 14.17
CA GLY D 62 10.50 -14.57 14.60
C GLY D 62 9.23 -15.00 15.29
N ILE D 63 8.64 -14.11 16.10
CA ILE D 63 7.35 -14.43 16.70
C ILE D 63 6.24 -14.49 15.64
N ALA D 64 6.24 -13.52 14.72
CA ALA D 64 5.24 -13.51 13.65
C ALA D 64 5.36 -14.70 12.71
N GLY D 65 6.57 -15.21 12.51
CA GLY D 65 6.75 -16.39 11.67
C GLY D 65 6.49 -17.69 12.41
N GLY D 66 6.77 -17.74 13.71
CA GLY D 66 6.43 -18.92 14.48
C GLY D 66 4.97 -19.06 14.79
N LEU D 67 4.20 -17.97 14.67
CA LEU D 67 2.75 -18.09 14.74
C LEU D 67 2.19 -18.91 13.58
N PHE D 68 2.69 -18.65 12.37
CA PHE D 68 2.25 -19.35 11.18
C PHE D 68 2.97 -20.67 10.97
N TYR D 69 3.81 -21.08 11.92
CA TYR D 69 4.50 -22.35 11.88
C TYR D 69 3.82 -23.37 12.77
N TYR D 70 2.52 -23.18 13.02
CA TYR D 70 1.73 -24.09 13.82
C TYR D 70 1.67 -25.45 13.16
N HIS D 71 1.68 -26.51 13.98
CA HIS D 71 1.98 -27.85 13.48
C HIS D 71 0.90 -28.43 12.59
N LYS D 72 -0.32 -27.92 12.66
CA LYS D 72 -1.37 -28.35 11.75
C LYS D 72 -1.37 -27.55 10.46
N LEU D 73 -0.97 -26.28 10.51
CA LEU D 73 -0.78 -25.48 9.31
C LEU D 73 0.50 -25.86 8.59
N ARG D 74 1.53 -26.26 9.33
CA ARG D 74 2.81 -26.68 8.78
C ARG D 74 2.68 -27.94 7.94
N GLU D 75 1.68 -28.78 8.23
CA GLU D 75 1.48 -30.01 7.45
C GLU D 75 0.92 -29.76 6.07
N ILE D 76 0.28 -28.61 5.85
CA ILE D 76 -0.35 -28.29 4.58
C ILE D 76 0.52 -27.38 3.74
N VAL D 77 1.00 -26.28 4.31
CA VAL D 77 1.74 -25.28 3.54
C VAL D 77 3.23 -25.35 3.73
N GLY D 78 3.72 -26.20 4.64
CA GLY D 78 5.15 -26.24 4.89
C GLY D 78 5.59 -25.02 5.67
N ALA D 79 6.68 -24.42 5.22
CA ALA D 79 7.23 -23.23 5.85
C ALA D 79 7.00 -21.97 5.01
N SER D 80 6.00 -21.98 4.13
CA SER D 80 5.83 -20.88 3.18
C SER D 80 5.28 -19.62 3.85
N MET D 81 4.18 -19.77 4.58
CA MET D 81 3.56 -18.64 5.26
C MET D 81 4.41 -18.09 6.39
N SER D 82 5.21 -18.95 7.05
CA SER D 82 6.13 -18.49 8.07
C SER D 82 7.19 -17.56 7.51
N VAL D 83 7.81 -17.94 6.39
CA VAL D 83 8.83 -17.12 5.78
C VAL D 83 8.22 -15.86 5.16
N PHE D 84 6.99 -15.95 4.64
CA PHE D 84 6.33 -14.75 4.11
C PHE D 84 6.00 -13.75 5.21
N VAL D 85 5.50 -14.21 6.36
CA VAL D 85 5.16 -13.28 7.42
C VAL D 85 6.42 -12.74 8.11
N TYR D 86 7.50 -13.54 8.13
CA TYR D 86 8.81 -13.05 8.56
C TYR D 86 9.30 -11.90 7.66
N GLY D 87 9.26 -12.11 6.34
CA GLY D 87 9.68 -11.08 5.41
C GLY D 87 8.76 -9.88 5.36
N PHE D 88 7.50 -10.05 5.73
CA PHE D 88 6.59 -8.93 5.86
C PHE D 88 6.87 -8.12 7.12
N THR D 89 7.25 -8.78 8.22
CA THR D 89 7.42 -8.08 9.50
C THR D 89 8.79 -7.42 9.60
N PHE D 90 9.80 -7.99 8.94
CA PHE D 90 11.17 -7.49 9.12
C PHE D 90 11.53 -6.08 8.65
N PRO D 91 11.12 -5.57 7.47
CA PRO D 91 11.80 -4.38 6.92
C PRO D 91 11.62 -3.06 7.67
N ILE D 92 10.93 -3.00 8.80
CA ILE D 92 10.83 -1.75 9.55
C ILE D 92 12.11 -1.44 10.32
N ALA D 93 13.02 -2.42 10.46
CA ALA D 93 14.29 -2.21 11.14
C ALA D 93 15.15 -1.18 10.46
N PHE D 94 15.07 -1.15 9.15
CA PHE D 94 15.82 -0.26 8.32
C PHE D 94 15.34 1.12 8.38
N MET D 95 14.07 1.28 8.53
CA MET D 95 13.47 2.58 8.82
C MET D 95 13.84 3.10 10.20
N CYS D 96 13.84 2.22 11.20
CA CYS D 96 14.30 2.60 12.54
C CYS D 96 15.77 3.01 12.54
N ILE D 97 16.59 2.38 11.72
CA ILE D 97 18.00 2.74 11.63
C ILE D 97 18.17 4.09 10.92
N ILE D 98 17.44 4.30 9.82
CA ILE D 98 17.61 5.52 9.03
C ILE D 98 17.07 6.75 9.77
N CYS D 99 15.87 6.65 10.36
CA CYS D 99 15.23 7.83 10.93
C CYS D 99 15.91 8.33 12.20
N THR D 100 16.65 7.48 12.92
CA THR D 100 17.44 7.94 14.05
C THR D 100 18.86 8.33 13.67
N GLY D 101 19.31 8.02 12.46
CA GLY D 101 20.67 8.34 12.07
C GLY D 101 21.71 7.33 12.48
N SER D 102 21.31 6.10 12.77
CA SER D 102 22.23 5.04 13.14
C SER D 102 22.93 4.49 11.90
N ASP D 103 24.06 3.81 12.11
CA ASP D 103 24.82 3.26 11.00
C ASP D 103 24.93 1.74 11.11
N LEU D 104 24.64 1.07 10.00
CA LEU D 104 24.79 -0.37 9.87
C LEU D 104 26.02 -0.66 9.02
N PHE D 105 26.66 -1.79 9.30
CA PHE D 105 27.89 -2.16 8.60
C PHE D 105 27.63 -2.44 7.13
N THR D 106 26.54 -3.14 6.84
CA THR D 106 26.22 -3.54 5.47
C THR D 106 25.82 -2.36 4.60
N GLY D 107 25.24 -1.32 5.18
CA GLY D 107 25.03 -0.09 4.42
C GLY D 107 26.31 0.67 4.19
N ASN D 108 27.22 0.63 5.17
CA ASN D 108 28.50 1.33 5.06
C ASN D 108 29.43 0.71 4.04
N THR D 109 29.32 -0.60 3.77
CA THR D 109 30.19 -1.28 2.82
C THR D 109 30.11 -0.72 1.41
N LEU D 110 29.01 -0.07 1.04
CA LEU D 110 28.92 0.63 -0.24
C LEU D 110 29.39 2.07 -0.15
N ALA D 111 28.83 2.84 0.78
CA ALA D 111 29.01 4.28 0.82
C ALA D 111 30.41 4.68 1.27
N VAL D 112 30.92 4.06 2.33
CA VAL D 112 32.23 4.44 2.84
C VAL D 112 33.32 3.93 1.89
N THR D 113 33.07 2.82 1.21
CA THR D 113 34.02 2.33 0.22
C THR D 113 34.02 3.20 -1.04
N MET D 114 32.85 3.72 -1.42
CA MET D 114 32.78 4.68 -2.53
C MET D 114 33.52 5.96 -2.19
N ALA D 115 33.38 6.45 -0.97
CA ALA D 115 34.15 7.61 -0.53
C ALA D 115 35.64 7.29 -0.41
N LEU D 116 36.00 6.04 -0.17
CA LEU D 116 37.41 5.64 -0.21
C LEU D 116 37.96 5.66 -1.63
N TYR D 117 37.14 5.22 -2.60
CA TYR D 117 37.57 5.22 -4.00
C TYR D 117 37.75 6.62 -4.54
N GLU D 118 36.95 7.57 -4.08
CA GLU D 118 37.00 8.96 -4.54
C GLU D 118 37.99 9.80 -3.76
N LYS D 119 38.88 9.17 -2.99
CA LYS D 119 39.92 9.81 -2.17
C LYS D 119 39.35 10.78 -1.15
N LYS D 120 38.14 10.51 -0.66
CA LYS D 120 37.52 11.35 0.36
C LYS D 120 37.76 10.83 1.77
N VAL D 121 38.03 9.54 1.92
CA VAL D 121 38.35 8.91 3.19
C VAL D 121 39.73 8.30 3.04
N LYS D 122 40.57 8.46 4.07
CA LYS D 122 41.86 7.81 4.07
C LYS D 122 41.71 6.32 4.40
N LEU D 123 42.82 5.60 4.33
CA LEU D 123 42.75 4.15 4.52
C LEU D 123 42.56 3.76 5.98
N LEU D 124 43.31 4.41 6.89
CA LEU D 124 43.17 4.13 8.31
C LEU D 124 41.83 4.58 8.85
N ASP D 125 41.30 5.70 8.35
CA ASP D 125 39.94 6.11 8.70
C ASP D 125 38.90 5.12 8.19
N TYR D 126 39.14 4.52 7.02
CA TYR D 126 38.24 3.51 6.49
C TYR D 126 38.21 2.27 7.38
N LEU D 127 39.40 1.77 7.76
CA LEU D 127 39.47 0.60 8.63
C LEU D 127 38.90 0.88 10.01
N ARG D 128 39.12 2.09 10.54
CA ARG D 128 38.57 2.49 11.83
C ARG D 128 37.05 2.54 11.81
N VAL D 129 36.47 3.14 10.77
CA VAL D 129 35.01 3.25 10.66
C VAL D 129 34.38 1.88 10.51
N MET D 130 34.95 1.01 9.65
CA MET D 130 34.37 -0.31 9.44
C MET D 130 34.49 -1.20 10.68
N THR D 131 35.63 -1.13 11.38
CA THR D 131 35.81 -1.92 12.60
C THR D 131 34.87 -1.48 13.71
N ILE D 132 34.74 -0.17 13.93
CA ILE D 132 33.86 0.34 14.99
C ILE D 132 32.41 0.04 14.66
N SER D 133 32.02 0.14 13.39
CA SER D 133 30.65 -0.16 12.98
C SER D 133 30.30 -1.63 13.17
N LEU D 134 31.20 -2.54 12.77
CA LEU D 134 30.94 -3.97 12.94
C LEU D 134 30.90 -4.37 14.41
N PHE D 135 31.82 -3.85 15.22
CA PHE D 135 31.85 -4.17 16.63
C PHE D 135 30.61 -3.65 17.37
N GLY D 136 30.18 -2.44 17.05
CA GLY D 136 28.99 -1.91 17.68
C GLY D 136 27.72 -2.62 17.26
N ASN D 137 27.63 -3.02 15.98
CA ASN D 137 26.48 -3.79 15.53
C ASN D 137 26.41 -5.15 16.22
N TYR D 138 27.56 -5.81 16.38
CA TYR D 138 27.62 -7.07 17.12
C TYR D 138 27.17 -6.89 18.57
N VAL D 139 27.66 -5.85 19.24
CA VAL D 139 27.34 -5.63 20.65
C VAL D 139 25.86 -5.34 20.82
N GLY D 140 25.28 -4.50 19.94
CA GLY D 140 23.86 -4.21 20.01
C GLY D 140 22.97 -5.41 19.75
N ALA D 141 23.32 -6.23 18.75
CA ALA D 141 22.51 -7.40 18.44
C ALA D 141 22.58 -8.48 19.51
N VAL D 142 23.77 -8.75 20.06
CA VAL D 142 23.87 -9.74 21.13
C VAL D 142 23.24 -9.21 22.43
N SER D 143 23.30 -7.89 22.66
CA SER D 143 22.67 -7.33 23.86
C SER D 143 21.15 -7.40 23.77
N PHE D 144 20.58 -7.18 22.57
CA PHE D 144 19.14 -7.39 22.45
C PHE D 144 18.78 -8.87 22.51
N ALA D 145 19.62 -9.75 21.98
CA ALA D 145 19.33 -11.18 22.04
C ALA D 145 19.33 -11.70 23.46
N PHE D 146 20.14 -11.12 24.35
CA PHE D 146 20.09 -11.56 25.73
C PHE D 146 19.02 -10.85 26.54
N PHE D 147 19.01 -9.51 26.52
CA PHE D 147 18.25 -8.78 27.51
C PHE D 147 16.75 -8.73 27.21
N VAL D 148 16.35 -8.96 25.96
CA VAL D 148 14.93 -8.98 25.60
C VAL D 148 14.49 -10.36 25.14
N SER D 149 15.21 -10.94 24.17
CA SER D 149 14.76 -12.19 23.55
C SER D 149 14.92 -13.38 24.49
N TYR D 150 16.04 -13.45 25.19
CA TYR D 150 16.25 -14.60 26.07
C TYR D 150 15.51 -14.44 27.39
N LEU D 151 15.48 -13.22 27.93
CA LEU D 151 14.90 -13.00 29.25
C LEU D 151 13.38 -13.00 29.25
N SER D 152 12.74 -12.90 28.09
CA SER D 152 11.29 -12.95 28.01
C SER D 152 10.74 -14.36 27.86
N GLY D 153 11.58 -15.33 27.52
CA GLY D 153 11.12 -16.69 27.37
C GLY D 153 10.26 -16.95 26.16
N ALA D 154 10.40 -16.14 25.11
CA ALA D 154 9.53 -16.26 23.95
C ALA D 154 9.88 -17.47 23.08
N PHE D 155 11.16 -17.86 23.04
CA PHE D 155 11.61 -18.96 22.21
C PHE D 155 12.10 -20.14 23.04
N THR D 156 11.47 -20.37 24.19
CA THR D 156 11.83 -21.50 25.05
C THR D 156 11.26 -22.79 24.49
N ASN D 157 12.06 -23.84 24.52
CA ASN D 157 11.58 -25.19 24.19
C ASN D 157 10.59 -25.64 25.24
N VAL D 158 9.32 -25.73 24.86
CA VAL D 158 8.25 -26.14 25.77
C VAL D 158 7.79 -27.57 25.52
N HIS D 159 8.38 -28.26 24.54
CA HIS D 159 8.36 -29.71 24.34
C HIS D 159 7.02 -30.28 23.87
N ALA D 160 5.97 -29.47 23.81
CA ALA D 160 4.67 -29.92 23.34
C ALA D 160 4.45 -29.37 21.94
N VAL D 161 4.12 -30.27 21.00
CA VAL D 161 4.13 -29.94 19.58
C VAL D 161 3.06 -28.92 19.21
N GLU D 162 1.99 -28.81 19.99
CA GLU D 162 0.97 -27.80 19.73
C GLU D 162 1.34 -26.43 20.28
N LYS D 163 2.40 -26.34 21.09
CA LYS D 163 2.83 -25.08 21.66
C LYS D 163 4.26 -24.68 21.29
N ASN D 164 5.05 -25.59 20.71
CA ASN D 164 6.47 -25.37 20.51
C ASN D 164 6.80 -24.75 19.15
N HIS D 165 5.86 -24.05 18.53
CA HIS D 165 6.06 -23.59 17.17
C HIS D 165 6.87 -22.32 17.05
N PHE D 166 7.28 -21.70 18.16
CA PHE D 166 8.24 -20.60 18.10
C PHE D 166 9.67 -21.10 18.20
N PHE D 167 9.93 -22.00 19.16
CA PHE D 167 11.22 -22.67 19.24
C PHE D 167 11.49 -23.49 18.00
N GLN D 168 10.47 -24.16 17.44
CA GLN D 168 10.72 -25.00 16.28
C GLN D 168 11.00 -24.18 15.03
N PHE D 169 10.37 -23.01 14.91
CA PHE D 169 10.70 -22.14 13.79
C PHE D 169 12.11 -21.57 13.92
N LEU D 170 12.49 -21.16 15.14
CA LEU D 170 13.86 -20.70 15.37
C LEU D 170 14.88 -21.81 15.14
N ASN D 171 14.56 -23.03 15.56
CA ASN D 171 15.44 -24.17 15.41
C ASN D 171 15.64 -24.54 13.95
N ASP D 172 14.56 -24.58 13.18
CA ASP D 172 14.66 -24.95 11.78
C ASP D 172 15.27 -23.86 10.93
N ILE D 173 15.04 -22.58 11.26
CA ILE D 173 15.71 -21.49 10.55
C ILE D 173 17.20 -21.49 10.86
N ALA D 174 17.56 -21.68 12.13
CA ALA D 174 18.97 -21.70 12.51
C ALA D 174 19.69 -22.96 12.04
N GLU D 175 18.97 -24.04 11.79
CA GLU D 175 19.57 -25.23 11.21
C GLU D 175 19.71 -25.15 9.70
N LYS D 176 18.79 -24.43 9.04
CA LYS D 176 18.87 -24.27 7.60
C LYS D 176 20.04 -23.39 7.18
N LYS D 177 20.29 -22.31 7.92
CA LYS D 177 21.35 -21.37 7.57
C LYS D 177 22.70 -21.75 8.15
N VAL D 178 22.84 -22.92 8.73
CA VAL D 178 24.12 -23.33 9.29
C VAL D 178 24.65 -24.55 8.57
N HIS D 179 23.89 -25.02 7.58
CA HIS D 179 24.28 -26.19 6.82
C HIS D 179 24.84 -25.98 5.42
N HIS D 180 25.08 -24.73 5.04
CA HIS D 180 25.62 -24.39 3.75
C HIS D 180 27.10 -24.72 3.72
N THR D 181 27.69 -24.79 2.54
CA THR D 181 29.12 -25.00 2.39
C THR D 181 29.67 -23.57 2.37
N PHE D 182 30.97 -23.38 2.24
CA PHE D 182 31.55 -22.04 2.26
C PHE D 182 31.06 -21.22 1.07
N VAL D 183 31.10 -21.80 -0.12
CA VAL D 183 30.79 -21.08 -1.36
C VAL D 183 29.31 -20.72 -1.44
N GLU D 184 28.44 -21.61 -0.93
CA GLU D 184 27.01 -21.34 -0.91
C GLU D 184 26.66 -20.19 0.02
N CYS D 185 27.27 -20.14 1.20
CA CYS D 185 27.02 -19.06 2.13
C CYS D 185 27.59 -17.73 1.63
N VAL D 186 28.75 -17.78 0.94
CA VAL D 186 29.30 -16.56 0.35
C VAL D 186 28.39 -16.02 -0.76
N SER D 187 27.84 -16.93 -1.59
CA SER D 187 26.95 -16.50 -2.67
C SER D 187 25.64 -15.93 -2.15
N LEU D 188 25.05 -16.56 -1.13
CA LEU D 188 23.83 -16.03 -0.52
C LEU D 188 24.07 -14.71 0.21
N ALA D 189 25.24 -14.52 0.81
CA ALA D 189 25.57 -13.24 1.41
C ALA D 189 25.78 -12.14 0.39
N VAL D 190 26.36 -12.46 -0.77
CA VAL D 190 26.48 -11.50 -1.86
C VAL D 190 25.10 -11.06 -2.33
N GLY D 191 24.20 -12.02 -2.55
CA GLY D 191 22.83 -11.70 -2.90
C GLY D 191 22.09 -10.89 -1.86
N CYS D 192 22.40 -11.07 -0.58
CA CYS D 192 21.80 -10.25 0.47
C CYS D 192 22.28 -8.81 0.41
N ASN D 193 23.60 -8.62 0.37
CA ASN D 193 24.10 -7.26 0.51
C ASN D 193 23.89 -6.42 -0.73
N ILE D 194 23.65 -7.04 -1.89
CA ILE D 194 23.21 -6.24 -3.03
C ILE D 194 21.86 -5.59 -2.74
N PHE D 195 20.90 -6.34 -2.18
CA PHE D 195 19.62 -5.75 -1.76
C PHE D 195 19.78 -4.70 -0.66
N VAL D 196 20.67 -4.93 0.30
CA VAL D 196 20.80 -3.99 1.41
C VAL D 196 21.41 -2.67 0.94
N CYS D 197 22.46 -2.74 0.12
CA CYS D 197 23.06 -1.53 -0.45
C CYS D 197 22.12 -0.82 -1.40
N LEU D 198 21.29 -1.56 -2.16
CA LEU D 198 20.28 -0.91 -2.98
C LEU D 198 19.19 -0.25 -2.14
N ALA D 199 18.88 -0.79 -0.96
CA ALA D 199 17.95 -0.11 -0.07
C ALA D 199 18.52 1.20 0.47
N VAL D 200 19.82 1.22 0.77
CA VAL D 200 20.48 2.47 1.14
C VAL D 200 20.44 3.47 0.00
N TYR D 201 20.64 2.99 -1.23
CA TYR D 201 20.56 3.83 -2.42
C TYR D 201 19.14 4.37 -2.63
N PHE D 202 18.12 3.57 -2.31
CA PHE D 202 16.73 4.00 -2.36
C PHE D 202 16.44 5.11 -1.37
N VAL D 203 16.99 4.99 -0.15
CA VAL D 203 16.86 6.08 0.83
C VAL D 203 17.53 7.36 0.32
N LEU D 204 18.68 7.23 -0.33
CA LEU D 204 19.34 8.44 -0.86
C LEU D 204 18.64 9.01 -2.09
N THR D 205 17.83 8.22 -2.80
CA THR D 205 17.21 8.68 -4.03
C THR D 205 15.79 9.21 -3.84
N LEU D 206 14.89 8.42 -3.27
CA LEU D 206 13.48 8.77 -3.18
C LEU D 206 13.25 9.50 -1.86
N LYS D 207 13.15 10.83 -1.93
CA LYS D 207 13.13 11.69 -0.75
C LYS D 207 11.71 12.03 -0.29
N ASP D 208 10.87 11.03 -0.10
CA ASP D 208 9.55 11.24 0.50
C ASP D 208 9.20 10.03 1.34
N GLY D 209 8.01 10.05 1.94
CA GLY D 209 7.66 9.05 2.94
C GLY D 209 7.36 7.69 2.35
N ALA D 210 6.61 7.65 1.24
CA ALA D 210 6.35 6.38 0.58
C ALA D 210 7.60 5.82 -0.07
N GLY D 211 8.45 6.69 -0.61
CA GLY D 211 9.71 6.25 -1.16
C GLY D 211 10.67 5.72 -0.12
N TYR D 212 10.60 6.24 1.11
CA TYR D 212 11.35 5.62 2.20
C TYR D 212 10.75 4.28 2.59
N VAL D 213 9.43 4.23 2.81
CA VAL D 213 8.83 3.06 3.43
C VAL D 213 8.83 1.87 2.47
N PHE D 214 8.26 2.04 1.28
CA PHE D 214 7.89 0.88 0.48
C PHE D 214 8.99 0.35 -0.42
N SER D 215 9.91 1.19 -0.88
CA SER D 215 11.07 0.69 -1.60
C SER D 215 11.96 -0.15 -0.69
N VAL D 216 12.20 0.32 0.53
CA VAL D 216 12.94 -0.44 1.52
C VAL D 216 12.17 -1.67 1.96
N PHE D 217 10.83 -1.59 2.02
CA PHE D 217 10.01 -2.75 2.36
C PHE D 217 10.17 -3.86 1.34
N PHE D 218 10.01 -3.55 0.06
CA PHE D 218 10.12 -4.56 -0.99
C PHE D 218 11.55 -5.09 -1.11
N ALA D 219 12.56 -4.23 -0.98
CA ALA D 219 13.95 -4.67 -1.05
C ALA D 219 14.35 -5.57 0.12
N VAL D 220 13.83 -5.32 1.33
CA VAL D 220 14.24 -6.14 2.47
C VAL D 220 13.39 -7.40 2.56
N TYR D 221 12.10 -7.32 2.20
CA TYR D 221 11.28 -8.53 2.07
C TYR D 221 11.84 -9.47 1.01
N ALA D 222 12.42 -8.93 -0.06
CA ALA D 222 12.93 -9.77 -1.13
C ALA D 222 14.15 -10.59 -0.71
N PHE D 223 15.01 -10.08 0.18
CA PHE D 223 16.06 -10.99 0.62
C PHE D 223 15.65 -11.78 1.86
N ALA D 224 14.65 -11.32 2.62
CA ALA D 224 14.20 -12.09 3.75
C ALA D 224 13.45 -13.34 3.32
N ILE D 225 12.80 -13.30 2.16
CA ILE D 225 12.12 -14.49 1.65
C ILE D 225 13.00 -15.34 0.74
N ALA D 226 14.15 -14.82 0.28
CA ALA D 226 15.01 -15.57 -0.63
C ALA D 226 16.01 -16.46 0.08
N GLY D 227 16.10 -16.40 1.41
CA GLY D 227 17.12 -17.15 2.09
C GLY D 227 18.51 -16.57 1.98
N TYR D 228 18.62 -15.28 1.67
CA TYR D 228 19.89 -14.59 1.61
C TYR D 228 20.38 -14.28 3.02
N GLU D 229 21.69 -14.12 3.17
CA GLU D 229 22.35 -14.12 4.47
C GLU D 229 22.86 -12.73 4.83
N HIS D 230 22.25 -12.13 5.85
CA HIS D 230 22.67 -10.83 6.40
C HIS D 230 23.48 -11.06 7.66
N ILE D 231 24.59 -10.33 7.81
CA ILE D 231 25.53 -10.64 8.88
C ILE D 231 24.98 -10.23 10.24
N ILE D 232 24.26 -9.10 10.31
CA ILE D 232 23.79 -8.63 11.60
C ILE D 232 22.56 -9.40 12.06
N ALA D 233 21.67 -9.71 11.12
CA ALA D 233 20.52 -10.57 11.43
C ALA D 233 20.95 -11.97 11.82
N ASN D 234 22.01 -12.49 11.21
CA ASN D 234 22.56 -13.78 11.62
C ASN D 234 23.26 -13.70 12.97
N ILE D 235 23.91 -12.58 13.28
CA ILE D 235 24.51 -12.38 14.60
C ILE D 235 23.44 -12.41 15.69
N TYR D 236 22.28 -11.82 15.41
CA TYR D 236 21.16 -11.95 16.35
C TYR D 236 20.64 -13.39 16.42
N THR D 237 20.34 -13.97 15.25
CA THR D 237 19.57 -15.22 15.19
C THR D 237 20.37 -16.40 15.70
N LEU D 238 21.63 -16.52 15.33
CA LEU D 238 22.43 -17.65 15.79
C LEU D 238 22.77 -17.55 17.27
N ASN D 239 22.88 -16.34 17.80
CA ASN D 239 23.14 -16.19 19.23
C ASN D 239 21.90 -16.46 20.07
N ILE D 240 20.72 -16.03 19.62
CA ILE D 240 19.52 -16.39 20.37
C ILE D 240 19.21 -17.89 20.20
N ALA D 241 19.60 -18.48 19.07
CA ALA D 241 19.45 -19.93 18.91
C ALA D 241 20.44 -20.71 19.77
N LEU D 242 21.61 -20.15 20.04
CA LEU D 242 22.52 -20.76 21.00
C LEU D 242 22.04 -20.57 22.44
N MET D 243 21.34 -19.47 22.71
CA MET D 243 20.88 -19.21 24.08
C MET D 243 19.74 -20.14 24.50
N VAL D 244 18.82 -20.43 23.60
CA VAL D 244 17.63 -21.22 23.96
C VAL D 244 17.85 -22.70 23.64
N ASN D 245 19.10 -23.05 23.35
CA ASN D 245 19.58 -24.43 23.18
C ASN D 245 18.85 -25.15 22.04
N THR D 246 19.08 -24.65 20.83
CA THR D 246 18.69 -25.35 19.61
C THR D 246 19.77 -26.40 19.28
N LYS D 247 19.70 -26.99 18.10
CA LYS D 247 20.61 -28.07 17.76
C LYS D 247 21.97 -27.59 17.26
N ILE D 248 22.14 -26.31 16.95
CA ILE D 248 23.40 -25.83 16.42
C ILE D 248 24.42 -25.68 17.54
N THR D 249 25.70 -25.63 17.16
CA THR D 249 26.80 -25.42 18.08
C THR D 249 27.44 -24.06 17.80
N VAL D 250 28.43 -23.72 18.61
CA VAL D 250 29.06 -22.40 18.46
C VAL D 250 30.07 -22.40 17.31
N TYR D 251 30.67 -23.57 17.00
CA TYR D 251 31.54 -23.67 15.84
C TYR D 251 30.73 -23.57 14.56
N GLN D 252 29.57 -24.20 14.52
CA GLN D 252 28.69 -24.10 13.37
C GLN D 252 28.17 -22.68 13.21
N ALA D 253 27.88 -22.00 14.32
CA ALA D 253 27.35 -20.64 14.24
C ALA D 253 28.40 -19.66 13.76
N TYR D 254 29.63 -19.76 14.27
CA TYR D 254 30.60 -18.72 13.98
C TYR D 254 31.47 -19.02 12.77
N ILE D 255 31.83 -20.27 12.55
CA ILE D 255 32.71 -20.61 11.43
C ILE D 255 31.92 -20.98 10.19
N LYS D 256 30.83 -21.70 10.33
CA LYS D 256 30.09 -22.18 9.16
C LYS D 256 29.07 -21.19 8.64
N ASN D 257 28.71 -20.17 9.40
CA ASN D 257 27.80 -19.15 8.88
C ASN D 257 28.35 -17.74 8.92
N LEU D 258 28.93 -17.30 10.05
CA LEU D 258 29.13 -15.88 10.27
C LEU D 258 30.31 -15.33 9.47
N LEU D 259 31.42 -16.05 9.42
CA LEU D 259 32.57 -15.64 8.60
C LEU D 259 32.29 -15.65 7.09
N PRO D 260 31.65 -16.66 6.47
CA PRO D 260 31.30 -16.50 5.05
C PRO D 260 30.26 -15.45 4.79
N THR D 261 29.35 -15.17 5.73
CA THR D 261 28.39 -14.10 5.57
C THR D 261 29.07 -12.73 5.61
N LEU D 262 30.04 -12.56 6.51
CA LEU D 262 30.82 -11.32 6.54
C LEU D 262 31.61 -11.12 5.25
N LEU D 263 32.24 -12.20 4.75
CA LEU D 263 33.02 -12.11 3.52
C LEU D 263 32.14 -11.78 2.31
N GLY D 264 31.01 -12.46 2.15
CA GLY D 264 30.12 -12.19 1.04
C GLY D 264 29.44 -10.85 1.11
N ASN D 265 29.08 -10.40 2.33
CA ASN D 265 28.49 -9.08 2.49
C ASN D 265 29.49 -7.97 2.18
N TYR D 266 30.76 -8.17 2.52
CA TYR D 266 31.75 -7.16 2.14
C TYR D 266 32.03 -7.18 0.64
N ILE D 267 32.02 -8.36 0.03
CA ILE D 267 32.29 -8.49 -1.40
C ILE D 267 31.18 -7.82 -2.22
N ALA D 268 29.92 -7.99 -1.83
CA ALA D 268 28.83 -7.42 -2.60
C ALA D 268 28.75 -5.91 -2.50
N GLY D 269 29.31 -5.30 -1.46
CA GLY D 269 29.26 -3.86 -1.33
C GLY D 269 30.48 -3.18 -1.89
N ALA D 270 31.66 -3.74 -1.62
CA ALA D 270 32.88 -3.07 -2.01
C ALA D 270 33.29 -3.33 -3.46
N ILE D 271 32.89 -4.46 -4.03
CA ILE D 271 33.43 -4.94 -5.30
C ILE D 271 32.34 -5.08 -6.36
N VAL D 272 31.25 -5.79 -6.04
CA VAL D 272 30.22 -6.08 -7.02
C VAL D 272 29.43 -4.82 -7.35
N LEU D 273 29.14 -4.00 -6.36
CA LEU D 273 28.30 -2.83 -6.54
C LEU D 273 29.08 -1.53 -6.55
N GLY D 274 30.10 -1.38 -5.69
CA GLY D 274 30.76 -0.10 -5.55
C GLY D 274 31.72 0.24 -6.67
N LEU D 275 32.45 -0.74 -7.16
CA LEU D 275 33.46 -0.53 -8.18
C LEU D 275 32.90 -0.24 -9.58
N PRO D 276 31.85 -0.95 -10.09
CA PRO D 276 31.25 -0.49 -11.34
C PRO D 276 30.58 0.87 -11.26
N LEU D 277 29.90 1.17 -10.14
CA LEU D 277 29.25 2.46 -10.00
C LEU D 277 30.26 3.60 -9.88
N TYR D 278 31.41 3.33 -9.25
CA TYR D 278 32.50 4.29 -9.23
C TYR D 278 33.03 4.55 -10.64
N PHE D 279 33.26 3.48 -11.41
CA PHE D 279 33.73 3.62 -12.79
C PHE D 279 32.71 4.37 -13.66
N ILE D 280 31.42 4.20 -13.38
CA ILE D 280 30.41 4.89 -14.18
C ILE D 280 30.35 6.37 -13.82
N TYR D 281 30.28 6.72 -12.54
CA TYR D 281 29.91 8.09 -12.16
C TYR D 281 31.05 8.90 -11.54
N LYS D 282 32.31 8.46 -11.68
CA LYS D 282 33.39 9.23 -11.10
C LYS D 282 33.64 10.57 -11.80
N GLU D 283 33.34 10.69 -13.10
CA GLU D 283 33.48 11.99 -13.75
C GLU D 283 32.39 12.96 -13.32
N HIS D 284 31.21 12.46 -13.01
CA HIS D 284 30.16 13.33 -12.47
C HIS D 284 30.49 13.80 -11.07
N TYR D 285 31.09 12.94 -10.24
CA TYR D 285 31.58 13.44 -8.97
C TYR D 285 32.73 14.43 -9.12
N TYR D 286 33.59 14.25 -10.13
CA TYR D 286 34.63 15.23 -10.39
C TYR D 286 34.05 16.58 -10.81
N ASN D 287 32.99 16.56 -11.63
CA ASN D 287 32.34 17.80 -12.03
C ASN D 287 31.63 18.48 -10.86
N PHE D 288 30.99 17.69 -10.00
CA PHE D 288 30.37 18.24 -8.80
C PHE D 288 31.40 18.88 -7.88
N GLU D 289 32.59 18.39 -7.80
CA GLU D 289 33.54 18.99 -6.97
C GLU D 289 34.16 20.15 -7.62
N ARG D 290 34.36 20.08 -8.90
CA ARG D 290 34.96 21.21 -9.59
C ARG D 290 34.04 22.41 -9.61
N SER D 291 32.72 22.19 -9.56
CA SER D 291 31.75 23.29 -9.53
C SER D 291 31.48 23.79 -8.13
N LYS D 292 32.42 23.63 -7.21
CA LYS D 292 32.32 24.18 -5.86
C LYS D 292 33.50 25.09 -5.53
N ARG D 293 34.19 25.59 -6.55
CA ARG D 293 35.30 26.52 -6.35
C ARG D 293 35.01 27.84 -7.07
N LYS E 7 24.54 20.59 -13.16
CA LYS E 7 23.91 21.08 -11.95
C LYS E 7 23.28 19.95 -11.16
N TYR E 8 23.80 19.69 -9.97
CA TYR E 8 23.35 18.59 -9.13
C TYR E 8 22.69 19.16 -7.89
N VAL E 9 21.55 18.58 -7.51
CA VAL E 9 20.83 19.00 -6.31
C VAL E 9 21.24 18.05 -5.19
N LEU E 10 21.89 18.58 -4.17
CA LEU E 10 22.29 17.78 -3.06
C LEU E 10 21.22 17.88 -2.01
N ASP E 11 20.85 19.09 -1.58
CA ASP E 11 19.81 19.28 -0.57
C ASP E 11 18.62 19.96 -1.21
N PRO E 12 17.49 19.29 -1.37
CA PRO E 12 16.31 19.91 -1.97
C PRO E 12 15.56 20.76 -0.96
N VAL E 13 14.43 21.30 -1.40
CA VAL E 13 13.62 22.20 -0.59
C VAL E 13 12.76 21.37 0.35
N SER E 14 12.81 21.69 1.65
CA SER E 14 12.09 20.95 2.66
C SER E 14 10.62 21.37 2.66
N ILE E 15 9.72 20.42 2.44
CA ILE E 15 8.29 20.68 2.40
C ILE E 15 7.57 19.84 3.45
N LYS E 16 6.26 20.01 3.52
CA LYS E 16 5.44 19.35 4.54
C LYS E 16 3.99 19.36 4.06
N SER E 17 3.34 18.21 4.05
CA SER E 17 1.95 18.13 3.61
C SER E 17 1.00 17.82 4.76
N VAL E 18 1.40 18.14 5.99
CA VAL E 18 0.61 17.86 7.19
C VAL E 18 0.49 19.16 7.99
N CYS E 19 -0.36 19.13 9.01
CA CYS E 19 -0.59 20.30 9.85
C CYS E 19 -0.72 19.87 11.30
N GLY E 20 -0.76 20.84 12.20
CA GLY E 20 -0.93 20.58 13.61
C GLY E 20 -2.38 20.42 14.00
N GLY E 21 -2.59 20.23 15.30
CA GLY E 21 -3.94 20.06 15.81
C GLY E 21 -4.76 21.34 15.80
N GLU E 22 -4.10 22.47 16.04
CA GLU E 22 -4.78 23.76 16.04
C GLU E 22 -5.24 24.14 14.63
N GLU E 23 -4.37 23.94 13.64
CA GLU E 23 -4.75 24.19 12.25
C GLU E 23 -5.80 23.22 11.76
N SER E 24 -5.78 21.97 12.25
CA SER E 24 -6.83 21.02 11.91
C SER E 24 -8.17 21.42 12.50
N TYR E 25 -8.17 21.94 13.72
CA TYR E 25 -9.42 22.44 14.32
C TYR E 25 -9.95 23.63 13.56
N ILE E 26 -9.07 24.57 13.18
CA ILE E 26 -9.51 25.76 12.46
C ILE E 26 -10.03 25.39 11.08
N ARG E 27 -9.37 24.44 10.40
CA ARG E 27 -9.85 23.93 9.14
C ARG E 27 -11.19 23.22 9.26
N CYS E 28 -11.43 22.49 10.36
CA CYS E 28 -12.72 21.83 10.56
C CYS E 28 -13.84 22.81 10.85
N VAL E 29 -13.58 23.86 11.63
CA VAL E 29 -14.60 24.87 11.90
C VAL E 29 -14.91 25.67 10.63
N GLU E 30 -13.89 25.99 9.83
CA GLU E 30 -14.13 26.69 8.58
C GLU E 30 -14.79 25.80 7.55
N TYR E 31 -14.57 24.48 7.63
CA TYR E 31 -15.24 23.55 6.73
C TYR E 31 -16.72 23.40 7.08
N GLY E 32 -17.03 23.32 8.38
CA GLY E 32 -18.42 23.26 8.79
C GLY E 32 -19.17 24.56 8.66
N LYS E 33 -18.46 25.68 8.65
CA LYS E 33 -19.11 26.98 8.46
C LYS E 33 -19.59 27.17 7.02
N LYS E 34 -18.95 26.52 6.05
CA LYS E 34 -19.34 26.70 4.66
C LYS E 34 -20.63 25.99 4.29
N LYS E 35 -21.00 24.94 5.03
CA LYS E 35 -22.23 24.20 4.73
C LYS E 35 -23.48 25.00 5.00
N ALA E 36 -23.42 25.99 5.89
CA ALA E 36 -24.58 26.82 6.18
C ALA E 36 -24.76 27.94 5.17
N HIS E 37 -23.85 28.10 4.21
CA HIS E 37 -23.93 29.16 3.22
C HIS E 37 -24.37 28.68 1.85
N TYR E 38 -24.45 27.38 1.63
CA TYR E 38 -25.03 26.85 0.40
C TYR E 38 -26.52 27.12 0.36
N SER E 39 -27.09 27.04 -0.84
CA SER E 39 -28.53 27.09 -0.95
C SER E 39 -29.12 25.73 -0.57
N ASN E 40 -30.44 25.68 -0.48
CA ASN E 40 -31.11 24.46 -0.03
C ASN E 40 -31.02 23.37 -1.09
N LEU E 41 -31.18 23.73 -2.37
CA LEU E 41 -31.11 22.75 -3.44
C LEU E 41 -29.69 22.27 -3.69
N ASN E 42 -28.69 23.13 -3.48
CA ASN E 42 -27.30 22.73 -3.62
C ASN E 42 -26.90 21.72 -2.55
N LEU E 43 -27.25 22.01 -1.29
CA LEU E 43 -26.99 21.09 -0.19
C LEU E 43 -27.79 19.80 -0.34
N LEU E 44 -29.02 19.89 -0.85
CA LEU E 44 -29.83 18.71 -1.08
C LEU E 44 -29.25 17.80 -2.16
N ALA E 45 -28.77 18.39 -3.27
CA ALA E 45 -28.15 17.61 -4.32
C ALA E 45 -26.86 16.97 -3.87
N LYS E 46 -26.06 17.68 -3.07
CA LYS E 46 -24.83 17.08 -2.54
C LYS E 46 -25.12 15.94 -1.57
N ALA E 47 -26.17 16.07 -0.76
CA ALA E 47 -26.57 14.99 0.15
C ALA E 47 -27.09 13.77 -0.60
N ILE E 48 -27.87 13.98 -1.67
CA ILE E 48 -28.36 12.87 -2.48
C ILE E 48 -27.21 12.14 -3.17
N LEU E 49 -26.23 12.90 -3.66
CA LEU E 49 -25.04 12.28 -4.25
C LEU E 49 -24.23 11.48 -3.25
N ALA E 50 -24.11 11.98 -2.01
CA ALA E 50 -23.38 11.23 -0.98
C ALA E 50 -24.07 9.94 -0.58
N GLY E 51 -25.40 9.97 -0.43
CA GLY E 51 -26.15 8.74 -0.20
C GLY E 51 -26.04 7.75 -1.32
N MET E 52 -26.02 8.24 -2.57
CA MET E 52 -25.83 7.36 -3.72
C MET E 52 -24.45 6.71 -3.72
N PHE E 53 -23.41 7.45 -3.34
CA PHE E 53 -22.07 6.87 -3.28
C PHE E 53 -21.95 5.81 -2.19
N VAL E 54 -22.60 6.06 -1.04
CA VAL E 54 -22.62 5.08 0.05
C VAL E 54 -23.30 3.80 -0.39
N GLY E 55 -24.46 3.93 -1.05
CA GLY E 55 -25.15 2.76 -1.62
C GLY E 55 -24.36 2.03 -2.67
N LEU E 56 -23.62 2.75 -3.53
CA LEU E 56 -22.77 2.16 -4.55
C LEU E 56 -21.70 1.26 -3.95
N CYS E 57 -20.91 1.81 -3.05
CA CYS E 57 -19.82 1.01 -2.50
C CYS E 57 -20.29 -0.02 -1.49
N ALA E 58 -21.48 0.14 -0.90
CA ALA E 58 -22.03 -0.92 -0.08
C ALA E 58 -22.59 -2.08 -0.90
N HIS E 59 -23.15 -1.81 -2.09
CA HIS E 59 -23.48 -2.89 -3.02
C HIS E 59 -22.24 -3.66 -3.44
N ALA E 60 -21.16 -2.92 -3.78
CA ALA E 60 -19.91 -3.58 -4.16
C ALA E 60 -19.32 -4.40 -3.02
N SER E 61 -19.39 -3.89 -1.80
CA SER E 61 -18.89 -4.61 -0.63
C SER E 61 -19.74 -5.82 -0.29
N GLY E 62 -21.07 -5.73 -0.49
CA GLY E 62 -21.92 -6.87 -0.25
C GLY E 62 -21.69 -8.00 -1.23
N ILE E 63 -21.42 -7.68 -2.50
CA ILE E 63 -21.08 -8.71 -3.46
C ILE E 63 -19.72 -9.32 -3.15
N ALA E 64 -18.73 -8.47 -2.82
CA ALA E 64 -17.40 -8.95 -2.48
C ALA E 64 -17.38 -9.79 -1.21
N GLY E 65 -18.27 -9.50 -0.25
CA GLY E 65 -18.35 -10.30 0.96
C GLY E 65 -19.17 -11.57 0.79
N GLY E 66 -20.19 -11.54 -0.06
CA GLY E 66 -20.93 -12.74 -0.36
C GLY E 66 -20.20 -13.73 -1.26
N LEU E 67 -19.16 -13.27 -1.96
CA LEU E 67 -18.30 -14.21 -2.67
C LEU E 67 -17.54 -15.10 -1.70
N PHE E 68 -17.01 -14.52 -0.63
CA PHE E 68 -16.26 -15.26 0.37
C PHE E 68 -17.16 -15.92 1.41
N TYR E 69 -18.47 -15.83 1.25
CA TYR E 69 -19.43 -16.47 2.13
C TYR E 69 -19.95 -17.76 1.52
N TYR E 70 -19.17 -18.36 0.62
CA TYR E 70 -19.51 -19.62 -0.02
C TYR E 70 -19.62 -20.72 1.02
N HIS E 71 -20.57 -21.64 0.82
CA HIS E 71 -21.01 -22.52 1.89
C HIS E 71 -19.97 -23.56 2.30
N LYS E 72 -18.99 -23.85 1.45
CA LYS E 72 -17.90 -24.73 1.84
C LYS E 72 -16.77 -23.98 2.52
N LEU E 73 -16.56 -22.71 2.15
CA LEU E 73 -15.61 -21.87 2.84
C LEU E 73 -16.16 -21.39 4.18
N ARG E 74 -17.47 -21.18 4.26
CA ARG E 74 -18.14 -20.76 5.48
C ARG E 74 -18.05 -21.81 6.58
N GLU E 75 -17.91 -23.08 6.22
CA GLU E 75 -17.81 -24.14 7.21
C GLU E 75 -16.46 -24.16 7.92
N ILE E 76 -15.44 -23.57 7.32
CA ILE E 76 -14.09 -23.58 7.87
C ILE E 76 -13.76 -22.28 8.58
N VAL E 77 -13.99 -21.14 7.92
CA VAL E 77 -13.58 -19.86 8.47
C VAL E 77 -14.74 -19.07 9.07
N GLY E 78 -15.97 -19.55 8.94
CA GLY E 78 -17.09 -18.79 9.45
C GLY E 78 -17.37 -17.59 8.56
N ALA E 79 -17.57 -16.44 9.20
CA ALA E 79 -17.83 -15.20 8.48
C ALA E 79 -16.64 -14.24 8.51
N SER E 80 -15.43 -14.76 8.72
CA SER E 80 -14.28 -13.89 8.93
C SER E 80 -13.82 -13.22 7.64
N MET E 81 -13.60 -14.02 6.60
CA MET E 81 -13.14 -13.50 5.32
C MET E 81 -14.20 -12.66 4.62
N SER E 82 -15.48 -12.95 4.84
CA SER E 82 -16.55 -12.12 4.31
C SER E 82 -16.52 -10.71 4.87
N VAL E 83 -16.39 -10.59 6.21
CA VAL E 83 -16.34 -9.28 6.84
C VAL E 83 -15.03 -8.57 6.51
N PHE E 84 -13.93 -9.31 6.36
CA PHE E 84 -12.67 -8.67 5.97
C PHE E 84 -12.72 -8.11 4.55
N VAL E 85 -13.30 -8.86 3.61
CA VAL E 85 -13.35 -8.36 2.23
C VAL E 85 -14.40 -7.26 2.10
N TYR E 86 -15.46 -7.30 2.92
CA TYR E 86 -16.39 -6.17 3.02
C TYR E 86 -15.68 -4.89 3.48
N GLY E 87 -14.93 -4.99 4.58
CA GLY E 87 -14.21 -3.84 5.08
C GLY E 87 -13.06 -3.38 4.20
N PHE E 88 -12.53 -4.27 3.37
CA PHE E 88 -11.55 -3.89 2.37
C PHE E 88 -12.19 -3.15 1.20
N THR E 89 -13.39 -3.56 0.80
CA THR E 89 -14.01 -2.98 -0.39
C THR E 89 -14.73 -1.66 -0.08
N PHE E 90 -15.22 -1.49 1.15
CA PHE E 90 -16.04 -0.32 1.47
C PHE E 90 -15.40 1.07 1.44
N PRO E 91 -14.18 1.34 1.94
CA PRO E 91 -13.79 2.74 2.22
C PRO E 91 -13.61 3.67 1.02
N ILE E 92 -13.84 3.23 -0.22
CA ILE E 92 -13.72 4.14 -1.36
C ILE E 92 -14.92 5.08 -1.47
N ALA E 93 -16.01 4.79 -0.75
CA ALA E 93 -17.20 5.64 -0.75
C ALA E 93 -16.92 7.02 -0.21
N PHE E 94 -16.08 7.11 0.78
CA PHE E 94 -15.75 8.34 1.37
C PHE E 94 -14.90 9.14 0.47
N MET E 95 -13.99 8.54 -0.24
CA MET E 95 -13.23 9.24 -1.27
C MET E 95 -14.13 9.78 -2.38
N CYS E 96 -15.12 8.99 -2.80
CA CYS E 96 -16.09 9.47 -3.77
C CYS E 96 -16.91 10.65 -3.24
N ILE E 97 -17.21 10.66 -1.94
CA ILE E 97 -17.94 11.77 -1.34
C ILE E 97 -17.05 13.02 -1.25
N ILE E 98 -15.80 12.86 -0.84
CA ILE E 98 -14.91 14.00 -0.64
C ILE E 98 -14.51 14.64 -1.97
N CYS E 99 -14.13 13.83 -2.96
CA CYS E 99 -13.58 14.39 -4.19
C CYS E 99 -14.62 15.09 -5.05
N THR E 100 -15.90 14.77 -4.91
CA THR E 100 -16.94 15.52 -5.59
C THR E 100 -17.49 16.68 -4.78
N GLY E 101 -17.16 16.77 -3.50
CA GLY E 101 -17.68 17.84 -2.67
C GLY E 101 -19.05 17.58 -2.08
N SER E 102 -19.48 16.32 -2.00
CA SER E 102 -20.76 15.96 -1.41
C SER E 102 -20.67 15.99 0.11
N ASP E 103 -21.83 16.07 0.76
CA ASP E 103 -21.86 16.14 2.22
C ASP E 103 -22.62 14.94 2.80
N LEU E 104 -22.02 14.32 3.79
CA LEU E 104 -22.62 13.24 4.55
C LEU E 104 -23.03 13.76 5.92
N PHE E 105 -24.10 13.18 6.47
CA PHE E 105 -24.64 13.64 7.75
C PHE E 105 -23.65 13.36 8.89
N THR E 106 -23.03 12.19 8.87
CA THR E 106 -22.13 11.78 9.94
C THR E 106 -20.84 12.58 9.95
N GLY E 107 -20.38 13.05 8.79
CA GLY E 107 -19.27 13.98 8.78
C GLY E 107 -19.67 15.35 9.27
N ASN E 108 -20.89 15.78 8.97
CA ASN E 108 -21.38 17.08 9.38
C ASN E 108 -21.62 17.18 10.87
N THR E 109 -21.92 16.07 11.55
CA THR E 109 -22.19 16.09 13.00
C THR E 109 -21.02 16.59 13.83
N LEU E 110 -19.79 16.53 13.33
CA LEU E 110 -18.65 17.14 13.99
C LEU E 110 -18.42 18.58 13.56
N ALA E 111 -18.32 18.81 12.26
CA ALA E 111 -17.86 20.09 11.74
C ALA E 111 -18.91 21.19 11.90
N VAL E 112 -20.18 20.91 11.56
CA VAL E 112 -21.20 21.93 11.64
C VAL E 112 -21.54 22.20 13.11
N THR E 113 -21.41 21.19 13.98
CA THR E 113 -21.62 21.41 15.41
C THR E 113 -20.48 22.21 16.02
N MET E 114 -19.24 22.00 15.54
CA MET E 114 -18.12 22.82 15.98
C MET E 114 -18.29 24.26 15.57
N ALA E 115 -18.77 24.49 14.34
CA ALA E 115 -19.08 25.85 13.91
C ALA E 115 -20.27 26.44 14.65
N LEU E 116 -21.18 25.61 15.15
CA LEU E 116 -22.25 26.09 16.01
C LEU E 116 -21.71 26.51 17.38
N TYR E 117 -20.74 25.76 17.92
CA TYR E 117 -20.16 26.11 19.21
C TYR E 117 -19.36 27.40 19.16
N GLU E 118 -18.72 27.68 18.02
CA GLU E 118 -17.91 28.87 17.85
C GLU E 118 -18.71 30.07 17.38
N LYS E 119 -20.04 30.01 17.46
CA LYS E 119 -20.97 31.07 17.07
C LYS E 119 -20.83 31.46 15.60
N LYS E 120 -20.45 30.52 14.76
CA LYS E 120 -20.33 30.78 13.32
C LYS E 120 -21.58 30.39 12.55
N VAL E 121 -22.38 29.47 13.09
CA VAL E 121 -23.65 29.06 12.50
C VAL E 121 -24.73 29.36 13.53
N LYS E 122 -25.86 29.89 13.07
CA LYS E 122 -26.99 30.10 13.96
C LYS E 122 -27.70 28.78 14.22
N LEU E 123 -28.70 28.82 15.11
CA LEU E 123 -29.35 27.59 15.51
C LEU E 123 -30.31 27.07 14.44
N LEU E 124 -31.11 27.95 13.83
CA LEU E 124 -32.01 27.54 12.77
C LEU E 124 -31.27 27.10 11.52
N ASP E 125 -30.15 27.76 11.21
CA ASP E 125 -29.30 27.29 10.13
C ASP E 125 -28.70 25.92 10.41
N TYR E 126 -28.37 25.66 11.67
CA TYR E 126 -27.86 24.34 12.08
C TYR E 126 -28.90 23.25 11.87
N LEU E 127 -30.13 23.49 12.34
CA LEU E 127 -31.21 22.52 12.18
C LEU E 127 -31.58 22.32 10.71
N ARG E 128 -31.55 23.40 9.92
CA ARG E 128 -31.83 23.32 8.49
C ARG E 128 -30.79 22.49 7.75
N VAL E 129 -29.50 22.72 8.04
CA VAL E 129 -28.42 21.99 7.39
C VAL E 129 -28.47 20.50 7.75
N MET E 130 -28.67 20.19 9.04
CA MET E 130 -28.70 18.79 9.46
C MET E 130 -29.91 18.05 8.92
N THR E 131 -31.08 18.70 8.88
CA THR E 131 -32.29 18.08 8.36
C THR E 131 -32.17 17.82 6.86
N ILE E 132 -31.69 18.80 6.10
CA ILE E 132 -31.56 18.64 4.65
C ILE E 132 -30.51 17.58 4.31
N SER E 133 -29.41 17.54 5.08
CA SER E 133 -28.38 16.53 4.86
C SER E 133 -28.87 15.12 5.14
N LEU E 134 -29.59 14.93 6.26
CA LEU E 134 -30.11 13.60 6.58
C LEU E 134 -31.17 13.14 5.58
N PHE E 135 -32.07 14.04 5.18
CA PHE E 135 -33.10 13.68 4.22
C PHE E 135 -32.53 13.35 2.85
N GLY E 136 -31.53 14.12 2.39
CA GLY E 136 -30.92 13.83 1.12
C GLY E 136 -30.12 12.54 1.12
N ASN E 137 -29.42 12.27 2.23
CA ASN E 137 -28.69 11.00 2.34
C ASN E 137 -29.63 9.80 2.33
N TYR E 138 -30.77 9.91 3.02
CA TYR E 138 -31.78 8.86 2.98
C TYR E 138 -32.32 8.64 1.56
N VAL E 139 -32.64 9.73 0.86
CA VAL E 139 -33.21 9.63 -0.48
C VAL E 139 -32.21 9.01 -1.45
N GLY E 140 -30.94 9.42 -1.37
CA GLY E 140 -29.92 8.84 -2.24
C GLY E 140 -29.64 7.37 -1.97
N ALA E 141 -29.59 6.97 -0.69
CA ALA E 141 -29.35 5.58 -0.36
C ALA E 141 -30.51 4.66 -0.73
N VAL E 142 -31.76 5.07 -0.48
CA VAL E 142 -32.89 4.24 -0.87
C VAL E 142 -33.07 4.23 -2.39
N SER E 143 -32.72 5.32 -3.07
CA SER E 143 -32.80 5.33 -4.52
C SER E 143 -31.77 4.42 -5.16
N PHE E 144 -30.57 4.36 -4.60
CA PHE E 144 -29.61 3.37 -5.11
C PHE E 144 -30.01 1.94 -4.74
N ALA E 145 -30.61 1.75 -3.55
CA ALA E 145 -31.03 0.41 -3.17
C ALA E 145 -32.14 -0.12 -4.06
N PHE E 146 -32.99 0.76 -4.59
CA PHE E 146 -34.01 0.27 -5.51
C PHE E 146 -33.51 0.18 -6.94
N PHE E 147 -32.95 1.27 -7.47
CA PHE E 147 -32.75 1.36 -8.91
C PHE E 147 -31.55 0.56 -9.41
N VAL E 148 -30.59 0.23 -8.55
CA VAL E 148 -29.43 -0.56 -8.95
C VAL E 148 -29.42 -1.91 -8.23
N SER E 149 -29.53 -1.90 -6.91
CA SER E 149 -29.36 -3.14 -6.14
C SER E 149 -30.53 -4.09 -6.30
N TYR E 150 -31.76 -3.56 -6.29
CA TYR E 150 -32.91 -4.43 -6.40
C TYR E 150 -33.17 -4.81 -7.84
N LEU E 151 -33.00 -3.88 -8.78
CA LEU E 151 -33.35 -4.13 -10.16
C LEU E 151 -32.34 -4.99 -10.90
N SER E 152 -31.15 -5.20 -10.34
CA SER E 152 -30.16 -6.06 -10.96
C SER E 152 -30.26 -7.52 -10.53
N GLY E 153 -31.02 -7.81 -9.48
CA GLY E 153 -31.18 -9.18 -9.02
C GLY E 153 -29.95 -9.79 -8.39
N ALA E 154 -29.06 -8.98 -7.84
CA ALA E 154 -27.81 -9.49 -7.30
C ALA E 154 -27.99 -10.20 -5.97
N PHE E 155 -28.98 -9.80 -5.17
CA PHE E 155 -29.21 -10.38 -3.85
C PHE E 155 -30.54 -11.13 -3.80
N THR E 156 -30.93 -11.75 -4.89
CA THR E 156 -32.16 -12.53 -4.94
C THR E 156 -31.96 -13.87 -4.25
N ASN E 157 -32.95 -14.28 -3.47
CA ASN E 157 -32.98 -15.62 -2.89
C ASN E 157 -33.16 -16.64 -4.00
N VAL E 158 -32.11 -17.41 -4.29
CA VAL E 158 -32.16 -18.42 -5.34
C VAL E 158 -32.27 -19.83 -4.79
N HIS E 159 -32.34 -19.99 -3.46
CA HIS E 159 -32.80 -21.18 -2.73
C HIS E 159 -31.85 -22.37 -2.78
N ALA E 160 -30.78 -22.30 -3.56
CA ALA E 160 -29.80 -23.38 -3.64
C ALA E 160 -28.57 -22.96 -2.88
N VAL E 161 -28.12 -23.81 -1.95
CA VAL E 161 -27.10 -23.44 -0.97
C VAL E 161 -25.74 -23.18 -1.61
N GLU E 162 -25.47 -23.77 -2.78
CA GLU E 162 -24.22 -23.51 -3.48
C GLU E 162 -24.25 -22.22 -4.27
N LYS E 163 -25.42 -21.60 -4.43
CA LYS E 163 -25.55 -20.35 -5.18
C LYS E 163 -26.10 -19.19 -4.37
N ASN E 164 -26.64 -19.44 -3.17
CA ASN E 164 -27.36 -18.43 -2.41
C ASN E 164 -26.48 -17.65 -1.46
N HIS E 165 -25.18 -17.57 -1.71
CA HIS E 165 -24.27 -16.98 -0.73
C HIS E 165 -24.22 -15.45 -0.76
N PHE E 166 -24.93 -14.80 -1.69
CA PHE E 166 -25.08 -13.36 -1.62
C PHE E 166 -26.30 -12.95 -0.81
N PHE E 167 -27.43 -13.60 -1.07
CA PHE E 167 -28.62 -13.42 -0.24
C PHE E 167 -28.36 -13.85 1.19
N GLN E 168 -27.61 -14.93 1.40
CA GLN E 168 -27.40 -15.40 2.76
C GLN E 168 -26.47 -14.47 3.54
N PHE E 169 -25.49 -13.87 2.87
CA PHE E 169 -24.65 -12.89 3.53
C PHE E 169 -25.43 -11.64 3.87
N LEU E 170 -26.29 -11.16 2.95
CA LEU E 170 -27.14 -10.01 3.25
C LEU E 170 -28.13 -10.32 4.36
N ASN E 171 -28.69 -11.53 4.37
CA ASN E 171 -29.65 -11.95 5.38
C ASN E 171 -29.02 -12.04 6.75
N ASP E 172 -27.83 -12.64 6.84
CA ASP E 172 -27.18 -12.79 8.13
C ASP E 172 -26.61 -11.47 8.65
N ILE E 173 -26.14 -10.59 7.77
CA ILE E 173 -25.69 -9.27 8.20
C ILE E 173 -26.87 -8.44 8.68
N ALA E 174 -27.99 -8.47 7.94
CA ALA E 174 -29.17 -7.71 8.34
C ALA E 174 -29.86 -8.29 9.55
N GLU E 175 -29.67 -9.57 9.84
CA GLU E 175 -30.21 -10.16 11.06
C GLU E 175 -29.31 -9.90 12.26
N LYS E 176 -28.00 -9.79 12.05
CA LYS E 176 -27.09 -9.52 13.15
C LYS E 176 -27.25 -8.10 13.67
N LYS E 177 -27.43 -7.12 12.79
CA LYS E 177 -27.52 -5.72 13.19
C LYS E 177 -28.93 -5.30 13.53
N VAL E 178 -29.88 -6.23 13.60
CA VAL E 178 -31.27 -5.91 13.96
C VAL E 178 -31.71 -6.58 15.26
N HIS E 179 -30.81 -7.34 15.87
CA HIS E 179 -31.12 -8.01 17.12
C HIS E 179 -30.54 -7.43 18.40
N HIS E 180 -29.94 -6.25 18.30
CA HIS E 180 -29.36 -5.56 19.44
C HIS E 180 -30.45 -4.98 20.30
N THR E 181 -30.09 -4.58 21.52
CA THR E 181 -31.00 -3.89 22.42
C THR E 181 -30.74 -2.41 22.11
N PHE E 182 -31.41 -1.49 22.77
CA PHE E 182 -31.26 -0.07 22.48
C PHE E 182 -29.86 0.42 22.84
N VAL E 183 -29.38 0.06 24.04
CA VAL E 183 -28.11 0.55 24.55
C VAL E 183 -26.93 0.00 23.76
N GLU E 184 -27.02 -1.25 23.31
CA GLU E 184 -25.97 -1.85 22.50
C GLU E 184 -25.85 -1.18 21.14
N CYS E 185 -26.98 -0.89 20.49
CA CYS E 185 -26.95 -0.20 19.20
C CYS E 185 -26.46 1.24 19.34
N VAL E 186 -26.82 1.92 20.44
CA VAL E 186 -26.32 3.28 20.67
C VAL E 186 -24.81 3.26 20.88
N SER E 187 -24.29 2.28 21.63
CA SER E 187 -22.85 2.19 21.87
C SER E 187 -22.07 1.87 20.59
N LEU E 188 -22.58 0.95 19.78
CA LEU E 188 -21.94 0.64 18.51
C LEU E 188 -22.00 1.79 17.53
N ALA E 189 -23.08 2.58 17.54
CA ALA E 189 -23.15 3.77 16.70
C ALA E 189 -22.19 4.86 17.15
N VAL E 190 -21.99 5.01 18.46
CA VAL E 190 -20.99 5.95 18.98
C VAL E 190 -19.60 5.56 18.51
N GLY E 191 -19.26 4.26 18.64
CA GLY E 191 -18.00 3.77 18.13
C GLY E 191 -17.82 3.92 16.63
N CYS E 192 -18.91 3.88 15.86
CA CYS E 192 -18.82 4.12 14.42
C CYS E 192 -18.52 5.58 14.11
N ASN E 193 -19.29 6.49 14.70
CA ASN E 193 -19.15 7.87 14.28
C ASN E 193 -17.90 8.54 14.82
N ILE E 194 -17.26 7.98 15.85
CA ILE E 194 -15.93 8.46 16.20
C ILE E 194 -14.94 8.20 15.06
N PHE E 195 -14.97 6.99 14.46
CA PHE E 195 -14.14 6.71 13.29
C PHE E 195 -14.50 7.58 12.08
N VAL E 196 -15.79 7.83 11.85
CA VAL E 196 -16.18 8.60 10.67
C VAL E 196 -15.76 10.07 10.80
N CYS E 197 -15.96 10.67 11.98
CA CYS E 197 -15.51 12.03 12.21
C CYS E 197 -13.99 12.15 12.21
N LEU E 198 -13.28 11.13 12.70
CA LEU E 198 -11.83 11.13 12.59
C LEU E 198 -11.36 10.99 11.15
N ALA E 199 -12.10 10.30 10.29
CA ALA E 199 -11.76 10.25 8.87
C ALA E 199 -11.95 11.60 8.20
N VAL E 200 -12.99 12.34 8.59
CA VAL E 200 -13.15 13.72 8.11
C VAL E 200 -11.99 14.60 8.57
N TYR E 201 -11.56 14.41 9.82
CA TYR E 201 -10.41 15.13 10.36
C TYR E 201 -9.11 14.78 9.64
N PHE E 202 -8.97 13.51 9.22
CA PHE E 202 -7.83 13.07 8.41
C PHE E 202 -7.81 13.74 7.06
N VAL E 203 -8.98 13.87 6.42
CA VAL E 203 -9.07 14.62 5.16
C VAL E 203 -8.67 16.08 5.35
N LEU E 204 -9.08 16.68 6.47
CA LEU E 204 -8.69 18.08 6.70
C LEU E 204 -7.23 18.23 7.09
N THR E 205 -6.57 17.19 7.57
CA THR E 205 -5.19 17.29 8.04
C THR E 205 -4.15 16.89 7.00
N LEU E 206 -4.23 15.69 6.45
CA LEU E 206 -3.21 15.16 5.55
C LEU E 206 -3.58 15.54 4.12
N LYS E 207 -2.93 16.58 3.60
CA LYS E 207 -3.30 17.18 2.32
C LYS E 207 -2.50 16.62 1.14
N ASP E 208 -2.48 15.29 0.99
CA ASP E 208 -1.88 14.68 -0.20
C ASP E 208 -2.68 13.42 -0.53
N GLY E 209 -2.24 12.71 -1.58
CA GLY E 209 -3.05 11.63 -2.12
C GLY E 209 -3.04 10.39 -1.25
N ALA E 210 -1.87 10.01 -0.74
CA ALA E 210 -1.80 8.86 0.17
C ALA E 210 -2.45 9.17 1.50
N GLY E 211 -2.32 10.41 1.98
CA GLY E 211 -3.01 10.81 3.20
C GLY E 211 -4.51 10.84 3.05
N TYR E 212 -5.01 11.15 1.85
CA TYR E 212 -6.45 10.99 1.63
C TYR E 212 -6.85 9.52 1.58
N VAL E 213 -6.12 8.71 0.79
CA VAL E 213 -6.60 7.37 0.50
C VAL E 213 -6.48 6.46 1.72
N PHE E 214 -5.29 6.36 2.30
CA PHE E 214 -5.02 5.26 3.21
C PHE E 214 -5.41 5.52 4.66
N SER E 215 -5.39 6.77 5.11
CA SER E 215 -5.92 7.07 6.45
C SER E 215 -7.42 6.83 6.51
N VAL E 216 -8.15 7.26 5.47
CA VAL E 216 -9.57 7.00 5.37
C VAL E 216 -9.83 5.51 5.16
N PHE E 217 -8.95 4.81 4.44
CA PHE E 217 -9.09 3.37 4.24
C PHE E 217 -9.02 2.63 5.56
N PHE E 218 -7.98 2.88 6.35
CA PHE E 218 -7.83 2.20 7.63
C PHE E 218 -8.91 2.59 8.63
N ALA E 219 -9.31 3.86 8.67
CA ALA E 219 -10.38 4.31 9.56
C ALA E 219 -11.74 3.71 9.22
N VAL E 220 -12.05 3.54 7.93
CA VAL E 220 -13.37 3.01 7.57
C VAL E 220 -13.38 1.49 7.60
N TYR E 221 -12.26 0.84 7.23
CA TYR E 221 -12.13 -0.60 7.42
C TYR E 221 -12.23 -0.98 8.89
N ALA E 222 -11.71 -0.13 9.79
CA ALA E 222 -11.73 -0.43 11.21
C ALA E 222 -13.14 -0.44 11.79
N PHE E 223 -14.06 0.40 11.31
CA PHE E 223 -15.41 0.22 11.84
C PHE E 223 -16.23 -0.74 11.00
N ALA E 224 -15.85 -0.98 9.75
CA ALA E 224 -16.59 -1.96 8.96
C ALA E 224 -16.33 -3.38 9.45
N ILE E 225 -15.15 -3.64 10.01
CA ILE E 225 -14.87 -4.96 10.56
C ILE E 225 -15.25 -5.09 12.04
N ALA E 226 -15.49 -3.98 12.73
CA ALA E 226 -15.81 -4.02 14.15
C ALA E 226 -17.29 -4.24 14.45
N GLY E 227 -18.15 -4.22 13.43
CA GLY E 227 -19.57 -4.31 13.71
C GLY E 227 -20.17 -3.02 14.23
N TYR E 228 -19.53 -1.89 14.00
CA TYR E 228 -20.05 -0.60 14.37
C TYR E 228 -21.13 -0.15 13.38
N GLU E 229 -22.03 0.70 13.84
CA GLU E 229 -23.28 0.99 13.14
C GLU E 229 -23.28 2.39 12.54
N HIS E 230 -23.26 2.47 11.20
CA HIS E 230 -23.34 3.72 10.46
C HIS E 230 -24.76 3.91 9.97
N ILE E 231 -25.29 5.13 10.09
CA ILE E 231 -26.71 5.34 9.83
C ILE E 231 -27.03 5.27 8.34
N ILE E 232 -26.14 5.76 7.48
CA ILE E 232 -26.43 5.80 6.05
C ILE E 232 -26.21 4.43 5.42
N ALA E 233 -25.17 3.72 5.85
CA ALA E 233 -24.95 2.35 5.41
C ALA E 233 -26.05 1.42 5.88
N ASN E 234 -26.59 1.64 7.08
CA ASN E 234 -27.74 0.88 7.54
C ASN E 234 -29.02 1.24 6.80
N ILE E 235 -29.19 2.52 6.41
CA ILE E 235 -30.33 2.93 5.59
C ILE E 235 -30.30 2.21 4.25
N TYR E 236 -29.12 2.05 3.65
CA TYR E 236 -29.01 1.24 2.45
C TYR E 236 -29.30 -0.23 2.73
N THR E 237 -28.61 -0.81 3.73
CA THR E 237 -28.57 -2.25 3.91
C THR E 237 -29.92 -2.81 4.38
N LEU E 238 -30.57 -2.16 5.33
CA LEU E 238 -31.85 -2.66 5.81
C LEU E 238 -32.95 -2.48 4.78
N ASN E 239 -32.88 -1.47 3.93
CA ASN E 239 -33.87 -1.31 2.89
C ASN E 239 -33.69 -2.29 1.74
N ILE E 240 -32.45 -2.59 1.35
CA ILE E 240 -32.26 -3.63 0.33
C ILE E 240 -32.56 -5.00 0.92
N ALA E 241 -32.36 -5.20 2.23
CA ALA E 241 -32.76 -6.44 2.87
C ALA E 241 -34.27 -6.58 2.98
N LEU E 242 -34.99 -5.47 3.11
CA LEU E 242 -36.44 -5.53 3.05
C LEU E 242 -36.94 -5.74 1.64
N MET E 243 -36.20 -5.27 0.64
CA MET E 243 -36.64 -5.40 -0.76
C MET E 243 -36.52 -6.84 -1.26
N VAL E 244 -35.47 -7.57 -0.88
CA VAL E 244 -35.23 -8.91 -1.41
C VAL E 244 -35.78 -9.96 -0.46
N ASN E 245 -36.58 -9.52 0.51
CA ASN E 245 -37.35 -10.36 1.43
C ASN E 245 -36.46 -11.28 2.26
N THR E 246 -35.65 -10.65 3.11
CA THR E 246 -34.93 -11.37 4.15
C THR E 246 -35.86 -11.58 5.34
N LYS E 247 -35.31 -12.01 6.48
CA LYS E 247 -36.15 -12.35 7.61
C LYS E 247 -36.55 -11.15 8.46
N ILE E 248 -35.94 -9.99 8.27
CA ILE E 248 -36.25 -8.82 9.09
C ILE E 248 -37.56 -8.20 8.65
N THR E 249 -38.15 -7.41 9.54
CA THR E 249 -39.38 -6.67 9.27
C THR E 249 -39.06 -5.17 9.24
N VAL E 250 -40.09 -4.37 8.95
CA VAL E 250 -39.87 -2.93 8.84
C VAL E 250 -39.83 -2.28 10.22
N TYR E 251 -40.51 -2.86 11.21
CA TYR E 251 -40.41 -2.37 12.58
C TYR E 251 -39.02 -2.65 13.15
N GLN E 252 -38.49 -3.83 12.88
CA GLN E 252 -37.14 -4.17 13.30
C GLN E 252 -36.11 -3.30 12.61
N ALA E 253 -36.34 -2.99 11.33
CA ALA E 253 -35.38 -2.18 10.59
C ALA E 253 -35.38 -0.73 11.07
N TYR E 254 -36.55 -0.16 11.29
CA TYR E 254 -36.59 1.28 11.57
C TYR E 254 -36.53 1.62 13.05
N ILE E 255 -37.15 0.82 13.91
CA ILE E 255 -37.17 1.13 15.34
C ILE E 255 -36.02 0.47 16.07
N LYS E 256 -35.67 -0.77 15.73
CA LYS E 256 -34.67 -1.50 16.48
C LYS E 256 -33.25 -1.24 15.98
N ASN E 257 -33.07 -0.66 14.81
CA ASN E 257 -31.71 -0.32 14.37
C ASN E 257 -31.53 1.15 14.03
N LEU E 258 -32.44 1.75 13.26
CA LEU E 258 -32.12 3.03 12.60
C LEU E 258 -32.18 4.21 13.56
N LEU E 259 -33.19 4.26 14.44
CA LEU E 259 -33.27 5.30 15.45
C LEU E 259 -32.14 5.25 16.49
N PRO E 260 -31.75 4.10 17.09
CA PRO E 260 -30.56 4.12 17.96
C PRO E 260 -29.26 4.42 17.22
N THR E 261 -29.14 4.05 15.95
CA THR E 261 -27.97 4.39 15.17
C THR E 261 -27.89 5.89 14.92
N LEU E 262 -29.01 6.53 14.63
CA LEU E 262 -29.05 7.98 14.47
C LEU E 262 -28.69 8.68 15.78
N LEU E 263 -29.24 8.21 16.89
CA LEU E 263 -28.94 8.82 18.20
C LEU E 263 -27.48 8.66 18.58
N GLY E 264 -26.90 7.47 18.43
CA GLY E 264 -25.51 7.27 18.77
C GLY E 264 -24.55 7.97 17.84
N ASN E 265 -24.88 8.04 16.54
CA ASN E 265 -24.05 8.77 15.60
C ASN E 265 -24.07 10.26 15.86
N TYR E 266 -25.21 10.81 16.29
CA TYR E 266 -25.21 12.22 16.65
C TYR E 266 -24.47 12.48 17.96
N ILE E 267 -24.57 11.54 18.92
CA ILE E 267 -23.90 11.70 20.21
C ILE E 267 -22.38 11.68 20.04
N ALA E 268 -21.86 10.78 19.20
CA ALA E 268 -20.42 10.68 19.04
C ALA E 268 -19.80 11.86 18.31
N GLY E 269 -20.58 12.60 17.53
CA GLY E 269 -20.03 13.74 16.81
C GLY E 269 -20.22 15.03 17.56
N ALA E 270 -21.39 15.23 18.15
CA ALA E 270 -21.69 16.52 18.78
C ALA E 270 -21.16 16.63 20.20
N ILE E 271 -21.01 15.52 20.92
CA ILE E 271 -20.76 15.54 22.35
C ILE E 271 -19.44 14.87 22.71
N VAL E 272 -19.22 13.65 22.22
CA VAL E 272 -18.03 12.88 22.60
C VAL E 272 -16.78 13.49 21.98
N LEU E 273 -16.87 13.92 20.72
CA LEU E 273 -15.72 14.41 19.99
C LEU E 273 -15.70 15.93 19.84
N GLY E 274 -16.85 16.55 19.60
CA GLY E 274 -16.85 17.97 19.30
C GLY E 274 -16.65 18.88 20.49
N LEU E 275 -17.23 18.53 21.62
CA LEU E 275 -17.18 19.37 22.82
C LEU E 275 -15.81 19.37 23.51
N PRO E 276 -15.10 18.24 23.69
CA PRO E 276 -13.72 18.36 24.20
C PRO E 276 -12.76 19.07 23.26
N LEU E 277 -12.90 18.85 21.94
CA LEU E 277 -12.01 19.53 21.00
C LEU E 277 -12.30 21.02 20.94
N TYR E 278 -13.56 21.41 21.11
CA TYR E 278 -13.91 22.82 21.23
C TYR E 278 -13.27 23.44 22.46
N PHE E 279 -13.38 22.75 23.61
CA PHE E 279 -12.77 23.22 24.85
C PHE E 279 -11.25 23.32 24.74
N ILE E 280 -10.63 22.43 23.97
CA ILE E 280 -9.18 22.47 23.82
C ILE E 280 -8.76 23.62 22.92
N TYR E 281 -9.36 23.77 21.74
CA TYR E 281 -8.81 24.65 20.72
C TYR E 281 -9.62 25.92 20.46
N LYS E 282 -10.54 26.29 21.35
CA LYS E 282 -11.30 27.50 21.10
C LYS E 282 -10.48 28.78 21.23
N GLU E 283 -9.42 28.81 22.05
CA GLU E 283 -8.59 30.00 22.09
C GLU E 283 -7.72 30.13 20.84
N HIS E 284 -7.33 29.03 20.23
CA HIS E 284 -6.61 29.09 18.96
C HIS E 284 -7.52 29.57 17.84
N TYR E 285 -8.78 29.16 17.84
CA TYR E 285 -9.70 29.75 16.87
C TYR E 285 -9.96 31.23 17.14
N TYR E 286 -9.98 31.65 18.41
CA TYR E 286 -10.10 33.07 18.73
C TYR E 286 -8.90 33.86 18.22
N ASN E 287 -7.69 33.30 18.36
CA ASN E 287 -6.50 33.97 17.85
C ASN E 287 -6.48 34.04 16.34
N PHE E 288 -6.92 32.96 15.66
CA PHE E 288 -7.04 32.97 14.22
C PHE E 288 -8.03 34.02 13.74
N GLU E 289 -9.09 34.26 14.42
CA GLU E 289 -10.00 35.25 13.99
C GLU E 289 -9.55 36.60 14.37
N ARG E 290 -8.86 36.75 15.46
CA ARG E 290 -8.37 38.07 15.83
C ARG E 290 -7.24 38.53 14.93
N SER E 291 -6.50 37.60 14.33
CA SER E 291 -5.42 37.94 13.41
C SER E 291 -5.91 38.09 11.98
N LYS E 292 -7.18 38.43 11.78
CA LYS E 292 -7.72 38.73 10.46
C LYS E 292 -8.34 40.13 10.41
N ARG E 293 -7.96 41.00 11.33
CA ARG E 293 -8.43 42.38 11.33
C ARG E 293 -7.26 43.34 11.21
#